data_4GZW
#
_entry.id   4GZW
#
_cell.length_a   82.439
_cell.length_b   110.555
_cell.length_c   109.928
_cell.angle_alpha   90.00
_cell.angle_beta   97.79
_cell.angle_gamma   90.00
#
_symmetry.space_group_name_H-M   'P 1 21 1'
#
loop_
_entity.id
_entity.type
_entity.pdbx_description
1 polymer neuraminidase
2 branched 'N-acetyl-alpha-neuraminic acid-(2-3)-beta-D-galactopyranose-(1-4)-2-acetamido-2-deoxy-beta-D-glucopyranose'
3 branched alpha-D-mannopyranose-(1-3)-[alpha-D-mannopyranose-(1-6)]beta-D-mannopyranose-(1-4)-2-acetamido-2-deoxy-beta-D-glucopyranose-(1-4)-2-acetamido-2-deoxy-beta-D-glucopyranose
4 branched 'N-acetyl-alpha-neuraminic acid-(2-3)-beta-D-galactopyranose-(1-3)-2-acetamido-2-deoxy-beta-D-glucopyranose'
5 branched alpha-D-mannopyranose-(1-3)-beta-D-mannopyranose-(1-4)-2-acetamido-2-deoxy-beta-D-glucopyranose-(1-4)-2-acetamido-2-deoxy-beta-D-glucopyranose
6 branched 'N-acetyl-alpha-neuraminic acid-(2-3)-beta-D-galactopyranose'
7 branched 2-acetamido-2-deoxy-beta-D-glucopyranose-(1-4)-2-acetamido-2-deoxy-beta-D-glucopyranose
8 branched 2-acetamido-2-deoxy-beta-D-glucopyranose-(1-4)-[alpha-L-fucopyranose-(1-6)]2-acetamido-2-deoxy-beta-D-glucopyranose
9 non-polymer 2-acetamido-2-deoxy-beta-D-glucopyranose
10 non-polymer 'CALCIUM ION'
11 non-polymer 'N-acetyl-alpha-neuraminic acid'
12 water water
#
_entity_poly.entity_id   1
_entity_poly.type   'polypeptide(L)'
_entity_poly.pdbx_seq_one_letter_code
;GSPSRAEYRNWSKPQCDITGFAPFSKDNSIRLSAGGDIWVTREPYVSCDPDKCYQFALGQGTTLNNVHSNNTVRGRTPYR
TLLMNELGVPFHLGTKQVCIAWSSSSCHDGKAWLHVCITGDDKNATASFIYNGRLVDSVVSWSKEILRTQESECVCINGT
CTVVMTDGSASGKADTKILFIEEGKIVHTSTLSGSAQHVEECSCYPRYPGVRCVCRDNWKGSNRPIVDINIKDHSIVSSY
VCSGLVGDTPRKNDSSSSSHCLDPNNEEGGHGVKGWAFDDGNDVWMGRTINETSRLGYETFKVIEGWSNPKSKLQINRQV
IVDRGNRSGYSGIFSVEGKSCINRCFYVELIRGRKEETEVLWTSNSIVVFCGTSGTYGTGSWPDGADLNLMPI
;
_entity_poly.pdbx_strand_id   A,B,C,D
#
loop_
_chem_comp.id
_chem_comp.type
_chem_comp.name
_chem_comp.formula
BMA D-saccharide, beta linking beta-D-mannopyranose 'C6 H12 O6'
CA non-polymer 'CALCIUM ION' 'Ca 2'
FUC L-saccharide, alpha linking alpha-L-fucopyranose 'C6 H12 O5'
GAL D-saccharide, beta linking beta-D-galactopyranose 'C6 H12 O6'
MAN D-saccharide, alpha linking alpha-D-mannopyranose 'C6 H12 O6'
NAG D-saccharide, beta linking 2-acetamido-2-deoxy-beta-D-glucopyranose 'C8 H15 N O6'
SIA D-saccharide, alpha linking 'N-acetyl-alpha-neuraminic acid' 'C11 H19 N O9'
#
# COMPACT_ATOMS: atom_id res chain seq x y z
N ALA A 6 18.96 15.41 9.33
CA ALA A 6 17.83 15.41 10.31
C ALA A 6 18.33 15.86 11.68
N GLU A 7 17.68 16.88 12.24
CA GLU A 7 18.03 17.45 13.54
C GLU A 7 17.03 16.96 14.58
N TYR A 8 17.37 17.10 15.87
CA TYR A 8 16.38 16.84 16.93
C TYR A 8 15.43 18.02 17.05
N ARG A 9 14.15 17.72 17.25
CA ARG A 9 13.15 18.72 17.58
C ARG A 9 13.40 19.22 18.99
N ASN A 10 13.29 20.53 19.21
CA ASN A 10 13.18 21.03 20.58
C ASN A 10 11.95 21.89 20.85
N TRP A 11 11.08 22.01 19.86
CA TRP A 11 9.83 22.76 20.00
C TRP A 11 10.08 24.19 20.53
N SER A 12 11.18 24.80 20.09
CA SER A 12 11.65 26.07 20.65
C SER A 12 11.02 27.28 19.95
N LYS A 13 9.69 27.27 19.90
CA LYS A 13 8.91 28.36 19.32
C LYS A 13 7.72 28.59 20.22
N PRO A 14 7.21 29.84 20.24
CA PRO A 14 6.01 30.15 21.03
C PRO A 14 4.76 29.44 20.53
N GLN A 15 3.76 29.35 21.40
CA GLN A 15 2.47 28.76 21.08
C GLN A 15 1.69 29.71 20.15
N CYS A 16 1.04 29.15 19.12
CA CYS A 16 0.23 29.94 18.19
C CYS A 16 -0.94 30.62 18.90
N ASP A 17 -1.39 31.77 18.38
CA ASP A 17 -2.66 32.34 18.82
C ASP A 17 -3.73 31.34 18.48
N ILE A 18 -4.69 31.15 19.38
CA ILE A 18 -5.77 30.21 19.16
C ILE A 18 -7.08 30.92 19.47
N THR A 19 -8.04 30.82 18.56
CA THR A 19 -9.36 31.42 18.76
C THR A 19 -10.41 30.31 18.84
N GLY A 20 -9.94 29.09 18.60
CA GLY A 20 -10.80 27.91 18.58
C GLY A 20 -10.17 26.85 17.68
N PHE A 21 -11.00 25.92 17.23
CA PHE A 21 -10.51 24.79 16.46
C PHE A 21 -11.30 24.57 15.18
N ALA A 22 -10.60 24.14 14.14
CA ALA A 22 -11.16 23.87 12.81
C ALA A 22 -11.07 22.36 12.53
N PRO A 23 -12.01 21.83 11.73
CA PRO A 23 -12.01 20.40 11.39
C PRO A 23 -10.75 19.99 10.64
N PHE A 24 -10.24 18.78 10.92
CA PHE A 24 -8.96 18.34 10.37
C PHE A 24 -9.04 16.95 9.76
N SER A 25 -9.68 16.01 10.44
CA SER A 25 -9.73 14.64 9.94
C SER A 25 -10.79 13.77 10.57
N LYS A 26 -11.34 12.83 9.81
CA LYS A 26 -12.37 11.93 10.29
C LYS A 26 -12.18 10.61 9.56
N ASP A 27 -12.21 9.47 10.26
CA ASP A 27 -11.91 8.21 9.57
C ASP A 27 -13.09 7.27 9.28
N ASN A 28 -14.27 7.56 9.84
CA ASN A 28 -15.50 6.82 9.49
C ASN A 28 -15.36 5.31 9.62
N SER A 29 -14.58 4.88 10.60
CA SER A 29 -14.18 3.48 10.70
C SER A 29 -15.35 2.47 10.84
N ILE A 30 -16.31 2.78 11.70
CA ILE A 30 -17.46 1.87 11.96
C ILE A 30 -18.39 1.77 10.75
N ARG A 31 -18.61 2.88 10.04
CA ARG A 31 -19.45 2.89 8.84
C ARG A 31 -18.86 2.07 7.71
N LEU A 32 -17.53 2.16 7.59
CA LEU A 32 -16.82 1.41 6.56
C LEU A 32 -16.75 -0.07 6.90
N SER A 33 -16.79 -0.40 8.18
CA SER A 33 -16.66 -1.79 8.61
C SER A 33 -17.92 -2.64 8.35
N ALA A 34 -19.02 -2.00 7.95
CA ALA A 34 -20.22 -2.73 7.52
C ALA A 34 -20.12 -3.23 6.08
N GLY A 35 -19.08 -2.81 5.37
CA GLY A 35 -18.86 -3.24 3.99
C GLY A 35 -17.39 -3.33 3.66
N GLY A 36 -16.64 -3.94 4.56
CA GLY A 36 -15.19 -4.06 4.43
C GLY A 36 -14.55 -4.61 5.68
N ASP A 37 -13.28 -4.94 5.58
CA ASP A 37 -12.56 -5.52 6.70
C ASP A 37 -11.74 -4.45 7.44
N ILE A 38 -12.32 -4.01 8.55
CA ILE A 38 -11.75 -2.99 9.41
C ILE A 38 -11.53 -3.56 10.80
N TRP A 39 -10.36 -3.25 11.37
CA TRP A 39 -9.99 -3.66 12.72
C TRP A 39 -10.94 -3.12 13.79
N VAL A 40 -11.25 -3.96 14.78
CA VAL A 40 -11.82 -3.48 16.01
C VAL A 40 -10.69 -2.80 16.80
N THR A 41 -10.97 -1.57 17.23
CA THR A 41 -10.00 -0.80 18.00
C THR A 41 -10.64 -0.17 19.23
N ARG A 42 -9.79 0.38 20.10
CA ARG A 42 -10.18 1.40 21.08
C ARG A 42 -8.93 2.17 21.50
N GLU A 43 -9.08 3.17 22.35
CA GLU A 43 -7.96 4.00 22.84
C GLU A 43 -7.08 4.55 21.70
N PRO A 44 -7.71 5.23 20.73
CA PRO A 44 -6.92 5.75 19.65
C PRO A 44 -6.20 7.02 20.07
N TYR A 45 -5.19 7.41 19.30
CA TYR A 45 -4.55 8.72 19.44
C TYR A 45 -3.83 9.13 18.15
N VAL A 46 -3.29 10.35 18.15
CA VAL A 46 -2.65 10.93 16.98
C VAL A 46 -1.30 11.51 17.38
N SER A 47 -0.31 11.35 16.51
CA SER A 47 1.00 11.98 16.67
C SER A 47 1.60 12.09 15.30
N CYS A 48 2.53 13.02 15.13
CA CYS A 48 3.05 13.38 13.82
C CYS A 48 4.57 13.46 13.83
N ASP A 49 5.17 13.11 12.68
CA ASP A 49 6.58 13.35 12.45
C ASP A 49 6.74 14.75 11.87
N PRO A 50 7.98 15.22 11.65
CA PRO A 50 8.17 16.58 11.12
C PRO A 50 7.44 16.91 9.80
N ASP A 51 7.06 15.90 9.03
CA ASP A 51 6.32 16.13 7.78
C ASP A 51 4.81 15.91 7.85
N LYS A 52 4.35 14.92 8.64
CA LYS A 52 2.94 14.46 8.60
C LYS A 52 2.45 13.62 9.80
N CYS A 53 1.13 13.57 9.96
CA CYS A 53 0.47 12.95 11.11
C CYS A 53 0.09 11.49 10.91
N TYR A 54 0.09 10.75 12.02
CA TYR A 54 -0.32 9.35 12.05
C TYR A 54 -1.41 9.13 13.09
N GLN A 55 -2.26 8.16 12.84
CA GLN A 55 -3.25 7.73 13.83
C GLN A 55 -2.84 6.38 14.38
N PHE A 56 -2.96 6.24 15.69
CA PHE A 56 -2.67 4.99 16.38
C PHE A 56 -3.93 4.56 17.07
N ALA A 57 -4.05 3.26 17.33
CA ALA A 57 -5.08 2.74 18.20
C ALA A 57 -4.68 1.37 18.67
N LEU A 58 -5.33 0.88 19.72
CA LEU A 58 -5.08 -0.46 20.19
C LEU A 58 -6.10 -1.40 19.57
N GLY A 59 -5.61 -2.26 18.69
CA GLY A 59 -6.45 -3.24 18.03
C GLY A 59 -6.85 -4.36 18.97
N GLN A 60 -7.74 -5.24 18.50
CA GLN A 60 -8.23 -6.35 19.30
C GLN A 60 -7.88 -7.70 18.68
N GLY A 61 -6.93 -7.69 17.75
CA GLY A 61 -6.52 -8.90 17.04
C GLY A 61 -7.68 -9.47 16.23
N THR A 62 -8.54 -8.58 15.74
CA THR A 62 -9.72 -9.01 14.99
C THR A 62 -10.28 -7.86 14.16
N THR A 63 -10.96 -8.21 13.07
CA THR A 63 -11.78 -7.27 12.32
C THR A 63 -13.21 -7.26 12.86
N LEU A 64 -14.02 -6.29 12.44
CA LEU A 64 -15.40 -6.15 12.93
C LEU A 64 -16.33 -7.27 12.46
N ASN A 65 -16.40 -7.49 11.15
CA ASN A 65 -17.23 -8.58 10.61
C ASN A 65 -16.45 -9.88 10.70
N ASN A 66 -16.52 -10.50 11.87
CA ASN A 66 -15.58 -11.54 12.29
C ASN A 66 -16.12 -12.09 13.60
N VAL A 67 -16.19 -13.41 13.72
CA VAL A 67 -16.64 -14.06 14.97
C VAL A 67 -15.80 -13.70 16.21
N HIS A 68 -14.52 -13.35 15.99
CA HIS A 68 -13.64 -12.95 17.08
C HIS A 68 -13.89 -11.55 17.62
N SER A 69 -14.89 -10.84 17.09
CA SER A 69 -15.24 -9.53 17.66
C SER A 69 -16.23 -9.58 18.84
N ASN A 70 -16.83 -10.75 19.09
CA ASN A 70 -17.64 -10.98 20.28
C ASN A 70 -16.79 -10.73 21.53
N ASN A 71 -17.34 -10.03 22.53
CA ASN A 71 -16.69 -9.80 23.83
C ASN A 71 -15.49 -8.84 23.78
N THR A 72 -15.41 -8.01 22.74
CA THR A 72 -14.31 -7.04 22.61
C THR A 72 -14.41 -5.84 23.55
N VAL A 73 -15.33 -5.90 24.52
CA VAL A 73 -15.44 -4.89 25.56
C VAL A 73 -14.22 -4.98 26.50
N ARG A 74 -13.68 -6.19 26.61
CA ARG A 74 -12.49 -6.49 27.40
C ARG A 74 -11.26 -5.68 26.95
N GLY A 75 -10.56 -5.10 27.91
CA GLY A 75 -9.48 -4.16 27.60
C GLY A 75 -8.11 -4.78 27.44
N ARG A 76 -7.83 -5.83 28.20
CA ARG A 76 -6.50 -6.43 28.22
C ARG A 76 -6.56 -7.90 27.82
N THR A 77 -6.10 -8.19 26.61
CA THR A 77 -5.96 -9.54 26.09
C THR A 77 -4.58 -9.58 25.43
N PRO A 78 -4.01 -10.79 25.25
CA PRO A 78 -2.75 -10.95 24.53
C PRO A 78 -2.81 -10.69 23.01
N TYR A 79 -4.00 -10.47 22.46
CA TYR A 79 -4.14 -10.25 21.02
C TYR A 79 -4.12 -8.77 20.64
N ARG A 80 -4.01 -7.90 21.65
CA ARG A 80 -4.09 -6.47 21.40
C ARG A 80 -2.75 -5.89 20.94
N THR A 81 -2.78 -5.15 19.84
CA THR A 81 -1.55 -4.57 19.28
C THR A 81 -1.74 -3.08 18.96
N LEU A 82 -0.66 -2.31 19.04
CA LEU A 82 -0.68 -0.90 18.67
C LEU A 82 -0.65 -0.74 17.14
N LEU A 83 -1.69 -0.12 16.59
CA LEU A 83 -1.85 0.07 15.15
C LEU A 83 -1.35 1.43 14.72
N MET A 84 -0.82 1.52 13.51
CA MET A 84 -0.24 2.78 13.04
C MET A 84 -0.47 2.94 11.53
N ASN A 85 -1.18 4.00 11.15
CA ASN A 85 -1.38 4.40 9.75
C ASN A 85 -1.14 5.90 9.64
N GLU A 86 -0.94 6.41 8.41
CA GLU A 86 -0.97 7.87 8.18
C GLU A 86 -2.39 8.33 8.51
N LEU A 87 -2.52 9.56 8.99
CA LEU A 87 -3.78 10.04 9.49
C LEU A 87 -4.83 10.07 8.38
N GLY A 88 -6.01 9.50 8.65
CA GLY A 88 -7.09 9.43 7.65
C GLY A 88 -7.12 8.18 6.80
N VAL A 89 -6.16 7.29 7.01
CA VAL A 89 -6.22 5.95 6.44
C VAL A 89 -6.89 5.09 7.50
N PRO A 90 -8.06 4.52 7.18
CA PRO A 90 -8.73 3.72 8.19
C PRO A 90 -7.95 2.43 8.40
N PHE A 91 -8.18 1.78 9.53
CA PHE A 91 -7.43 0.60 9.88
C PHE A 91 -7.93 -0.64 9.12
N HIS A 92 -7.54 -0.72 7.85
CA HIS A 92 -7.76 -1.88 6.96
C HIS A 92 -6.72 -2.97 7.22
N LEU A 93 -6.74 -4.03 6.41
CA LEU A 93 -5.91 -5.21 6.68
C LEU A 93 -4.43 -5.04 6.40
N GLY A 94 -4.05 -3.99 5.70
CA GLY A 94 -2.64 -3.73 5.45
C GLY A 94 -2.03 -2.83 6.50
N THR A 95 -2.78 -2.62 7.59
CA THR A 95 -2.32 -1.76 8.67
C THR A 95 -1.18 -2.44 9.42
N LYS A 96 -0.12 -1.67 9.71
CA LYS A 96 0.99 -2.16 10.50
C LYS A 96 0.71 -2.16 12.01
N GLN A 97 0.84 -3.33 12.61
CA GLN A 97 0.93 -3.48 14.06
C GLN A 97 2.38 -3.25 14.45
N VAL A 98 2.65 -2.20 15.24
CA VAL A 98 4.04 -1.83 15.52
C VAL A 98 4.60 -2.46 16.79
N CYS A 99 3.73 -2.96 17.66
CA CYS A 99 4.13 -3.72 18.85
C CYS A 99 2.93 -4.46 19.46
N ILE A 100 3.19 -5.29 20.47
CA ILE A 100 2.14 -5.94 21.26
C ILE A 100 1.83 -4.95 22.37
N ALA A 101 0.54 -4.61 22.55
CA ALA A 101 0.14 -3.64 23.58
C ALA A 101 -1.35 -3.65 23.92
N TRP A 102 -1.65 -3.58 25.22
CA TRP A 102 -2.98 -3.19 25.67
C TRP A 102 -2.96 -1.84 26.38
N SER A 103 -1.78 -1.20 26.38
CA SER A 103 -1.62 0.20 26.78
C SER A 103 -0.36 0.74 26.11
N SER A 104 -0.38 1.98 25.63
CA SER A 104 0.71 2.43 24.78
C SER A 104 0.90 3.94 24.75
N SER A 105 2.02 4.37 24.17
CA SER A 105 2.36 5.78 23.95
C SER A 105 3.40 5.86 22.84
N SER A 106 3.30 6.84 21.95
CA SER A 106 4.29 6.99 20.88
C SER A 106 4.66 8.44 20.65
N CYS A 107 5.85 8.67 20.09
CA CYS A 107 6.28 10.02 19.72
C CYS A 107 7.50 9.97 18.82
N HIS A 108 7.72 11.04 18.05
CA HIS A 108 8.83 11.15 17.12
C HIS A 108 9.74 12.26 17.65
N ASP A 109 11.04 12.00 17.70
CA ASP A 109 11.98 12.96 18.31
C ASP A 109 12.64 13.85 17.29
N GLY A 110 12.27 13.68 16.02
CA GLY A 110 12.84 14.43 14.91
C GLY A 110 13.71 13.56 14.02
N LYS A 111 14.14 12.42 14.55
CA LYS A 111 14.96 11.50 13.78
C LYS A 111 14.24 10.18 13.59
N ALA A 112 13.65 9.66 14.66
CA ALA A 112 12.92 8.40 14.57
C ALA A 112 11.76 8.32 15.53
N TRP A 113 10.96 7.26 15.38
CA TRP A 113 9.81 6.99 16.22
C TRP A 113 10.19 6.26 17.50
N LEU A 114 9.59 6.69 18.62
CA LEU A 114 9.57 5.90 19.84
C LEU A 114 8.15 5.40 20.12
N HIS A 115 8.03 4.13 20.48
CA HIS A 115 6.77 3.56 20.99
C HIS A 115 7.01 2.93 22.35
N VAL A 116 6.06 3.12 23.27
CA VAL A 116 6.10 2.46 24.56
C VAL A 116 4.88 1.57 24.63
N CYS A 117 5.12 0.26 24.77
CA CYS A 117 4.07 -0.74 24.61
C CYS A 117 4.04 -1.68 25.80
N ILE A 118 2.89 -1.74 26.46
CA ILE A 118 2.76 -2.56 27.66
C ILE A 118 1.81 -3.69 27.36
N THR A 119 2.25 -4.91 27.68
CA THR A 119 1.43 -6.11 27.58
C THR A 119 1.82 -7.12 28.68
N GLY A 120 1.20 -8.30 28.67
CA GLY A 120 1.47 -9.34 29.70
C GLY A 120 0.40 -9.43 30.78
N ASP A 121 0.68 -10.19 31.84
CA ASP A 121 -0.25 -10.36 32.99
C ASP A 121 -0.58 -9.05 33.71
N ASP A 122 -1.83 -8.95 34.17
CA ASP A 122 -2.29 -7.81 34.96
C ASP A 122 -1.31 -7.50 36.10
N LYS A 123 -0.92 -8.52 36.85
CA LYS A 123 -0.04 -8.38 38.02
C LYS A 123 1.48 -8.37 37.73
N ASN A 124 1.84 -8.44 36.45
CA ASN A 124 3.27 -8.54 36.09
C ASN A 124 3.56 -8.14 34.64
N ALA A 125 3.04 -6.99 34.24
CA ALA A 125 3.15 -6.52 32.85
C ALA A 125 4.56 -6.06 32.49
N THR A 126 4.88 -6.12 31.20
CA THR A 126 6.14 -5.62 30.67
C THR A 126 5.93 -4.41 29.75
N ALA A 127 6.76 -3.39 29.93
CA ALA A 127 6.82 -2.28 29.01
C ALA A 127 8.06 -2.41 28.14
N SER A 128 7.86 -2.53 26.82
CA SER A 128 8.93 -2.54 25.82
C SER A 128 9.13 -1.14 25.23
N PHE A 129 10.37 -0.79 24.93
CA PHE A 129 10.70 0.55 24.41
C PHE A 129 11.36 0.43 23.06
N ILE A 130 10.58 0.75 22.03
CA ILE A 130 10.95 0.48 20.65
C ILE A 130 11.33 1.79 20.00
N TYR A 131 12.57 1.88 19.51
CA TYR A 131 13.06 3.12 18.92
C TYR A 131 13.72 2.85 17.58
N ASN A 132 13.45 3.72 16.61
CA ASN A 132 14.01 3.58 15.26
C ASN A 132 13.95 2.16 14.75
N GLY A 133 12.82 1.51 15.01
CA GLY A 133 12.52 0.20 14.45
C GLY A 133 13.16 -1.00 15.12
N ARG A 134 13.57 -0.85 16.39
CA ARG A 134 14.21 -1.93 17.17
C ARG A 134 13.97 -1.76 18.67
N LEU A 135 13.92 -2.87 19.38
CA LEU A 135 13.76 -2.85 20.85
C LEU A 135 15.07 -2.41 21.53
N VAL A 136 14.96 -1.47 22.46
CA VAL A 136 16.16 -0.88 23.08
C VAL A 136 16.12 -0.98 24.61
N ASP A 137 14.94 -1.12 25.21
CA ASP A 137 14.81 -1.28 26.65
C ASP A 137 13.48 -1.89 27.02
N SER A 138 13.33 -2.25 28.29
CA SER A 138 12.06 -2.69 28.84
C SER A 138 12.07 -2.56 30.37
N VAL A 139 10.89 -2.37 30.99
CA VAL A 139 10.76 -2.40 32.45
C VAL A 139 9.59 -3.29 32.89
N VAL A 140 9.71 -3.92 34.06
CA VAL A 140 8.56 -4.63 34.63
C VAL A 140 7.68 -3.64 35.39
N SER A 141 6.44 -4.08 35.60
CA SER A 141 5.56 -3.50 36.57
C SER A 141 6.25 -3.35 37.92
N TRP A 142 6.12 -2.18 38.53
CA TRP A 142 6.78 -1.95 39.81
C TRP A 142 5.92 -2.19 41.06
N SER A 143 4.61 -2.14 40.90
CA SER A 143 3.69 -2.31 42.01
C SER A 143 2.73 -3.46 41.75
N LYS A 144 2.93 -4.13 40.62
CA LYS A 144 2.24 -5.40 40.29
C LYS A 144 0.72 -5.27 40.22
N GLU A 145 0.24 -4.13 39.70
CA GLU A 145 -1.19 -3.90 39.51
C GLU A 145 -1.49 -3.06 38.25
N ILE A 146 -1.49 -3.72 37.10
CA ILE A 146 -1.90 -3.11 35.82
C ILE A 146 -1.06 -1.87 35.41
N LEU A 147 0.23 -2.07 35.23
CA LEU A 147 1.10 -1.04 34.69
C LEU A 147 0.48 -0.46 33.40
N ARG A 148 0.40 0.86 33.32
CA ARG A 148 -0.33 1.51 32.25
C ARG A 148 0.25 2.90 31.99
N THR A 149 0.08 3.40 30.77
CA THR A 149 0.66 4.68 30.36
C THR A 149 -0.39 5.63 29.72
N GLN A 150 0.07 6.52 28.84
CA GLN A 150 -0.72 7.70 28.42
C GLN A 150 -1.92 7.43 27.52
N GLU A 151 -1.78 6.49 26.59
CA GLU A 151 -2.73 6.35 25.46
C GLU A 151 -2.82 7.63 24.62
N SER A 152 -1.71 8.36 24.52
CA SER A 152 -1.56 9.50 23.61
C SER A 152 -0.06 9.79 23.45
N GLU A 153 0.29 10.86 22.76
CA GLU A 153 1.68 11.05 22.41
C GLU A 153 2.56 11.50 23.58
N CYS A 154 3.79 11.01 23.59
CA CYS A 154 4.82 11.48 24.51
C CYS A 154 5.50 12.68 23.90
N VAL A 155 6.36 13.34 24.65
CA VAL A 155 7.00 14.56 24.14
C VAL A 155 8.53 14.44 24.18
N CYS A 156 9.20 14.90 23.13
CA CYS A 156 10.66 14.79 23.02
C CYS A 156 11.29 16.15 22.76
N ILE A 157 12.33 16.47 23.54
CA ILE A 157 13.05 17.75 23.40
C ILE A 157 14.56 17.49 23.33
N ASN A 158 15.22 18.09 22.35
CA ASN A 158 16.66 17.93 22.15
C ASN A 158 17.16 16.48 22.27
N GLY A 159 16.32 15.53 21.88
CA GLY A 159 16.71 14.11 21.93
C GLY A 159 16.24 13.34 23.16
N THR A 160 15.67 14.05 24.13
CA THR A 160 15.13 13.41 25.33
C THR A 160 13.61 13.36 25.32
N CYS A 161 13.07 12.15 25.34
CA CYS A 161 11.62 11.95 25.38
C CYS A 161 11.15 11.64 26.76
N THR A 162 9.94 12.10 27.07
CA THR A 162 9.37 11.85 28.37
C THR A 162 8.03 11.17 28.24
N VAL A 163 7.72 10.27 29.17
CA VAL A 163 6.48 9.49 29.17
C VAL A 163 6.03 9.21 30.62
N VAL A 164 4.74 9.42 30.89
CA VAL A 164 4.18 9.21 32.23
C VAL A 164 3.61 7.81 32.33
N MET A 165 4.01 7.06 33.36
CA MET A 165 3.48 5.70 33.60
C MET A 165 2.95 5.54 35.03
N THR A 166 1.91 4.70 35.17
CA THR A 166 1.29 4.45 36.47
C THR A 166 1.11 2.95 36.72
N ASP A 167 1.31 2.55 37.96
CA ASP A 167 1.09 1.18 38.43
C ASP A 167 0.47 1.36 39.82
N GLY A 168 -0.54 0.55 40.12
CA GLY A 168 -1.23 0.66 41.40
C GLY A 168 -2.75 0.74 41.27
N SER A 169 -3.39 1.14 42.38
CA SER A 169 -4.84 1.13 42.47
C SER A 169 -5.54 2.08 41.49
N ALA A 170 -6.72 1.68 41.04
CA ALA A 170 -7.56 2.54 40.21
C ALA A 170 -8.39 3.47 41.10
N SER A 171 -8.56 3.11 42.37
CA SER A 171 -9.29 4.00 43.30
C SER A 171 -8.62 4.14 44.66
N GLY A 172 -7.33 4.44 44.64
CA GLY A 172 -6.55 4.70 45.84
C GLY A 172 -5.19 5.21 45.42
N LYS A 173 -4.31 5.50 46.38
CA LYS A 173 -2.93 5.95 46.07
C LYS A 173 -2.27 4.95 45.13
N ALA A 174 -1.51 5.45 44.17
CA ALA A 174 -0.85 4.61 43.18
C ALA A 174 0.54 5.15 42.88
N ASP A 175 1.35 4.36 42.19
CA ASP A 175 2.74 4.72 41.96
C ASP A 175 3.02 5.19 40.52
N THR A 176 3.07 6.50 40.38
CA THR A 176 3.30 7.17 39.11
C THR A 176 4.77 7.58 38.96
N LYS A 177 5.32 7.30 37.78
CA LYS A 177 6.71 7.59 37.46
C LYS A 177 6.75 8.25 36.10
N ILE A 178 7.80 9.05 35.88
CA ILE A 178 8.03 9.75 34.63
C ILE A 178 9.41 9.35 34.07
N LEU A 179 9.38 8.79 32.87
CA LEU A 179 10.58 8.25 32.30
C LEU A 179 11.17 9.20 31.28
N PHE A 180 12.50 9.27 31.32
CA PHE A 180 13.25 10.01 30.35
C PHE A 180 14.05 9.01 29.53
N ILE A 181 13.92 9.14 28.21
CA ILE A 181 14.32 8.10 27.27
C ILE A 181 15.05 8.72 26.10
N GLU A 182 16.26 8.25 25.83
CA GLU A 182 17.07 8.82 24.76
C GLU A 182 17.46 7.71 23.80
N GLU A 183 17.02 7.86 22.56
CA GLU A 183 17.14 6.82 21.54
C GLU A 183 16.67 5.45 22.03
N GLY A 184 15.54 5.44 22.73
CA GLY A 184 14.97 4.20 23.21
C GLY A 184 15.47 3.75 24.56
N LYS A 185 16.53 4.39 25.05
CA LYS A 185 17.13 4.00 26.34
C LYS A 185 16.61 4.83 27.51
N ILE A 186 16.09 4.14 28.51
CA ILE A 186 15.70 4.82 29.72
C ILE A 186 16.95 5.36 30.43
N VAL A 187 17.13 6.67 30.43
CA VAL A 187 18.32 7.26 31.04
C VAL A 187 18.04 7.81 32.44
N HIS A 188 16.76 7.92 32.80
CA HIS A 188 16.35 8.36 34.13
C HIS A 188 14.89 8.09 34.44
N THR A 189 14.60 7.91 35.72
CA THR A 189 13.26 7.66 36.24
C THR A 189 13.06 8.56 37.45
N SER A 190 12.18 9.57 37.30
CA SER A 190 11.72 10.41 38.41
C SER A 190 10.37 9.88 38.90
N THR A 191 10.09 10.07 40.18
CA THR A 191 8.78 9.66 40.71
C THR A 191 7.87 10.87 40.88
N LEU A 192 6.56 10.63 40.82
CA LEU A 192 5.57 11.70 40.88
C LEU A 192 5.64 12.45 42.21
N SER A 193 5.74 13.76 42.11
CA SER A 193 5.80 14.64 43.27
C SER A 193 4.79 15.78 43.14
N GLY A 194 4.39 16.36 44.28
CA GLY A 194 3.47 17.50 44.29
C GLY A 194 2.06 17.14 44.74
N SER A 195 1.11 18.02 44.43
CA SER A 195 -0.23 17.96 45.01
C SER A 195 -1.13 16.91 44.34
N ALA A 196 -0.72 16.41 43.18
CA ALA A 196 -1.55 15.48 42.42
C ALA A 196 -1.68 14.14 43.14
N GLN A 197 -2.91 13.69 43.35
CA GLN A 197 -3.15 12.53 44.20
C GLN A 197 -3.50 11.25 43.45
N HIS A 198 -3.88 11.38 42.19
CA HIS A 198 -4.10 10.24 41.30
C HIS A 198 -3.92 10.70 39.86
N VAL A 199 -3.13 9.95 39.09
CA VAL A 199 -2.70 10.39 37.76
C VAL A 199 -2.72 9.22 36.79
N GLU A 200 -3.49 9.39 35.72
CA GLU A 200 -3.59 8.38 34.65
C GLU A 200 -3.77 9.08 33.33
N GLU A 201 -3.32 8.42 32.27
CA GLU A 201 -3.63 8.77 30.90
C GLU A 201 -3.38 10.26 30.60
N CYS A 202 -2.17 10.70 30.91
CA CYS A 202 -1.80 12.09 30.71
C CYS A 202 -1.74 12.44 29.24
N SER A 203 -2.31 13.59 28.91
CA SER A 203 -2.14 14.16 27.60
C SER A 203 -1.09 15.24 27.74
N CYS A 204 0.05 15.04 27.11
CA CYS A 204 1.20 15.91 27.33
C CYS A 204 1.53 16.77 26.12
N TYR A 205 2.12 17.94 26.36
CA TYR A 205 2.56 18.79 25.27
C TYR A 205 3.86 19.52 25.59
N PRO A 206 4.65 19.85 24.55
CA PRO A 206 5.84 20.67 24.75
C PRO A 206 5.54 22.13 25.09
N ARG A 207 6.15 22.62 26.16
CA ARG A 207 5.99 24.00 26.59
C ARG A 207 7.37 24.46 26.99
N TYR A 208 8.16 24.82 25.99
CA TYR A 208 9.59 25.04 26.13
C TYR A 208 9.92 25.94 27.33
N PRO A 209 10.98 25.62 28.11
CA PRO A 209 11.93 24.50 27.92
C PRO A 209 11.47 23.14 28.49
N GLY A 210 10.24 23.06 28.99
CA GLY A 210 9.77 21.80 29.58
C GLY A 210 8.59 21.14 28.88
N VAL A 211 7.97 20.20 29.60
CA VAL A 211 6.81 19.47 29.12
C VAL A 211 5.71 19.61 30.17
N ARG A 212 4.45 19.62 29.73
CA ARG A 212 3.31 19.77 30.62
C ARG A 212 2.26 18.72 30.29
N CYS A 213 1.52 18.25 31.30
CA CYS A 213 0.55 17.18 31.10
C CYS A 213 -0.74 17.42 31.86
N VAL A 214 -1.87 17.12 31.22
CA VAL A 214 -3.16 17.21 31.87
C VAL A 214 -3.75 15.81 31.89
N CYS A 215 -3.96 15.29 33.08
CA CYS A 215 -4.23 13.86 33.22
C CYS A 215 -5.64 13.58 33.72
N ARG A 216 -5.88 12.32 34.06
CA ARG A 216 -7.14 11.86 34.61
C ARG A 216 -6.91 11.39 36.04
N ASP A 217 -7.75 11.87 36.97
CA ASP A 217 -7.77 11.39 38.34
C ASP A 217 -8.99 10.49 38.50
N ASN A 218 -8.75 9.20 38.73
CA ASN A 218 -9.81 8.19 38.84
C ASN A 218 -10.34 8.00 40.26
N TRP A 219 -9.76 8.72 41.21
CA TRP A 219 -10.01 8.47 42.64
C TRP A 219 -11.02 9.45 43.28
N LYS A 220 -10.59 10.68 43.53
CA LYS A 220 -11.45 11.63 44.23
C LYS A 220 -11.67 12.94 43.48
N GLY A 221 -11.15 13.05 42.26
CA GLY A 221 -11.24 14.29 41.49
C GLY A 221 -12.01 14.25 40.18
N SER A 222 -12.93 15.19 40.02
CA SER A 222 -13.51 15.48 38.73
C SER A 222 -12.83 16.70 38.13
N ASN A 223 -12.01 17.39 38.91
CA ASN A 223 -10.99 18.27 38.29
C ASN A 223 -9.79 17.42 37.78
N ARG A 224 -8.95 18.03 36.96
CA ARG A 224 -7.91 17.28 36.26
C ARG A 224 -6.50 17.62 36.77
N PRO A 225 -5.69 16.58 37.02
CA PRO A 225 -4.32 16.79 37.43
C PRO A 225 -3.44 17.42 36.34
N ILE A 226 -2.52 18.27 36.77
CA ILE A 226 -1.49 18.82 35.91
C ILE A 226 -0.17 18.26 36.39
N VAL A 227 0.71 17.87 35.46
CA VAL A 227 2.05 17.42 35.81
C VAL A 227 3.09 18.19 35.00
N ASP A 228 4.07 18.79 35.68
CA ASP A 228 5.12 19.59 35.02
C ASP A 228 6.50 18.92 35.08
N ILE A 229 7.12 18.78 33.91
CA ILE A 229 8.31 17.98 33.78
C ILE A 229 9.46 18.84 33.26
N ASN A 230 10.52 18.92 34.05
CA ASN A 230 11.73 19.63 33.63
C ASN A 230 12.66 18.61 33.00
N ILE A 231 13.01 18.84 31.74
CA ILE A 231 13.66 17.82 30.94
C ILE A 231 15.17 17.77 31.18
N LYS A 232 15.71 18.84 31.76
CA LYS A 232 17.16 18.95 31.99
C LYS A 232 17.61 18.45 33.38
N ASP A 233 16.84 18.77 34.42
CA ASP A 233 17.17 18.32 35.78
C ASP A 233 16.22 17.24 36.33
N HIS A 234 15.27 16.80 35.50
CA HIS A 234 14.36 15.69 35.79
C HIS A 234 13.39 15.93 36.96
N SER A 235 13.26 17.19 37.38
CA SER A 235 12.39 17.54 38.51
C SER A 235 10.93 17.56 38.08
N ILE A 236 10.06 17.20 39.01
CA ILE A 236 8.62 17.10 38.77
C ILE A 236 7.87 17.93 39.81
N VAL A 237 6.92 18.74 39.35
CA VAL A 237 5.89 19.30 40.23
C VAL A 237 4.52 18.92 39.68
N SER A 238 3.49 19.03 40.51
CA SER A 238 2.14 18.70 40.05
C SER A 238 1.08 19.44 40.86
N SER A 239 -0.14 19.41 40.35
CA SER A 239 -1.27 20.16 40.89
C SER A 239 -2.54 19.79 40.11
N TYR A 240 -3.57 20.64 40.18
CA TYR A 240 -4.81 20.45 39.42
C TYR A 240 -5.18 21.68 38.59
N VAL A 241 -5.99 21.47 37.57
CA VAL A 241 -6.53 22.55 36.74
C VAL A 241 -7.57 23.35 37.52
N CYS A 242 -7.23 24.61 37.78
CA CYS A 242 -8.01 25.50 38.64
C CYS A 242 -9.49 25.63 38.23
N SER A 243 -9.73 25.84 36.93
CA SER A 243 -11.07 26.05 36.35
C SER A 243 -12.30 25.53 37.11
N GLY A 244 -13.25 26.42 37.38
CA GLY A 244 -14.52 26.05 38.01
C GLY A 244 -15.36 25.11 37.15
N LEU A 245 -15.14 25.17 35.84
CA LEU A 245 -15.71 24.20 34.91
C LEU A 245 -14.70 23.05 34.75
N VAL A 246 -15.13 21.83 35.05
CA VAL A 246 -14.19 20.73 35.20
C VAL A 246 -14.18 19.78 34.02
N GLY A 247 -13.02 19.18 33.75
CA GLY A 247 -12.81 18.39 32.54
C GLY A 247 -13.21 16.94 32.54
N ASP A 248 -13.23 16.31 33.71
CA ASP A 248 -13.54 14.89 33.80
C ASP A 248 -15.02 14.53 33.55
N THR A 249 -15.27 13.24 33.39
CA THR A 249 -16.62 12.67 33.36
C THR A 249 -16.49 11.34 34.07
N PRO A 250 -17.30 11.09 35.13
CA PRO A 250 -18.36 11.90 35.74
C PRO A 250 -17.91 13.20 36.38
N ARG A 251 -18.88 14.05 36.69
CA ARG A 251 -18.69 15.31 37.39
C ARG A 251 -20.07 15.81 37.82
N LYS A 252 -20.09 16.85 38.64
CA LYS A 252 -21.32 17.57 38.96
C LYS A 252 -21.66 18.51 37.80
N ASN A 253 -22.87 19.08 37.78
CA ASN A 253 -23.25 20.05 36.75
C ASN A 253 -22.60 21.42 36.88
N ASP A 254 -22.84 22.26 35.88
CA ASP A 254 -22.25 23.59 35.75
C ASP A 254 -22.44 24.47 36.99
N SER A 255 -23.61 24.42 37.59
CA SER A 255 -23.89 25.25 38.77
C SER A 255 -23.31 24.65 40.06
N SER A 256 -23.50 23.35 40.25
CA SER A 256 -23.06 22.68 41.49
C SER A 256 -21.56 22.43 41.63
N SER A 257 -20.86 22.29 40.51
CA SER A 257 -19.44 21.94 40.52
C SER A 257 -18.53 23.00 41.16
N SER A 258 -17.38 22.55 41.64
CA SER A 258 -16.28 23.44 42.03
C SER A 258 -14.95 22.70 41.86
N SER A 259 -13.84 23.41 42.11
CA SER A 259 -12.51 22.92 41.79
C SER A 259 -11.51 23.47 42.82
N HIS A 260 -10.21 23.29 42.57
CA HIS A 260 -9.14 23.64 43.52
C HIS A 260 -7.77 23.43 42.84
N CYS A 261 -6.87 24.42 42.95
CA CYS A 261 -5.56 24.35 42.28
C CYS A 261 -4.57 23.34 42.87
N LEU A 262 -4.89 22.77 44.04
CA LEU A 262 -3.93 21.90 44.74
C LEU A 262 -4.42 20.48 45.03
N ASP A 263 -5.69 20.33 45.41
CA ASP A 263 -6.20 19.02 45.79
C ASP A 263 -7.29 18.57 44.83
N PRO A 264 -7.65 17.27 44.83
CA PRO A 264 -8.84 16.86 44.09
C PRO A 264 -10.07 17.52 44.71
N ASN A 265 -11.18 17.55 43.98
CA ASN A 265 -12.35 18.29 44.44
C ASN A 265 -13.37 17.48 45.27
N ASN A 266 -13.27 16.16 45.22
CA ASN A 266 -14.22 15.26 45.90
C ASN A 266 -15.66 15.38 45.37
N GLU A 267 -15.81 15.56 44.06
CA GLU A 267 -17.13 15.73 43.48
C GLU A 267 -17.46 14.68 42.42
N GLU A 268 -18.06 13.57 42.88
CA GLU A 268 -18.23 12.37 42.05
C GLU A 268 -16.88 11.99 41.41
N GLY A 269 -15.83 11.97 42.23
CA GLY A 269 -14.46 11.86 41.75
C GLY A 269 -14.07 10.49 41.22
N GLY A 270 -14.70 9.44 41.75
CA GLY A 270 -14.43 8.07 41.32
C GLY A 270 -14.58 7.97 39.82
N HIS A 271 -13.79 7.08 39.20
CA HIS A 271 -13.85 6.86 37.76
C HIS A 271 -13.48 8.15 36.98
N GLY A 272 -13.58 8.08 35.65
CA GLY A 272 -13.16 9.22 34.83
C GLY A 272 -13.09 8.91 33.35
N VAL A 273 -12.52 9.85 32.60
CA VAL A 273 -12.22 9.68 31.20
C VAL A 273 -10.92 10.42 30.85
N LYS A 274 -10.20 9.93 29.84
CA LYS A 274 -9.03 10.63 29.35
C LYS A 274 -9.49 11.91 28.66
N GLY A 275 -8.81 13.01 28.94
CA GLY A 275 -9.14 14.30 28.37
C GLY A 275 -7.91 15.18 28.35
N TRP A 276 -8.11 16.44 27.97
CA TRP A 276 -6.97 17.35 27.75
C TRP A 276 -7.28 18.78 28.19
N ALA A 277 -6.23 19.58 28.35
CA ALA A 277 -6.35 21.02 28.53
C ALA A 277 -4.98 21.61 28.31
N PHE A 278 -4.91 22.91 28.01
CA PHE A 278 -3.62 23.59 27.90
C PHE A 278 -3.75 25.09 28.24
N ASP A 279 -2.66 25.68 28.71
CA ASP A 279 -2.69 27.09 29.14
C ASP A 279 -2.53 28.09 28.00
N ASP A 280 -3.20 29.23 28.14
CA ASP A 280 -3.00 30.39 27.29
C ASP A 280 -3.08 31.59 28.23
N GLY A 281 -1.94 32.22 28.49
CA GLY A 281 -1.77 33.11 29.64
C GLY A 281 -2.35 32.44 30.89
N ASN A 282 -3.36 33.09 31.48
CA ASN A 282 -4.02 32.55 32.67
C ASN A 282 -5.36 31.90 32.30
N ASP A 283 -5.72 31.94 31.02
CA ASP A 283 -6.93 31.27 30.55
C ASP A 283 -6.59 29.82 30.21
N VAL A 284 -7.60 28.97 30.20
CA VAL A 284 -7.39 27.59 29.85
C VAL A 284 -8.32 27.15 28.70
N TRP A 285 -7.73 26.52 27.70
CA TRP A 285 -8.50 25.84 26.67
C TRP A 285 -8.69 24.37 27.07
N MET A 286 -9.92 23.89 26.99
CA MET A 286 -10.22 22.52 27.39
C MET A 286 -11.38 21.92 26.61
N GLY A 287 -11.42 20.60 26.56
CA GLY A 287 -12.53 19.86 26.01
C GLY A 287 -13.08 18.95 27.08
N ARG A 288 -14.31 18.48 26.89
CA ARG A 288 -14.94 17.53 27.82
C ARG A 288 -16.17 16.95 27.15
N THR A 289 -16.69 15.84 27.67
CA THR A 289 -17.98 15.32 27.19
C THR A 289 -19.06 16.32 27.57
N ILE A 290 -20.13 16.36 26.79
CA ILE A 290 -21.22 17.31 27.02
C ILE A 290 -22.04 16.87 28.25
N ASN A 291 -22.50 15.61 28.22
CA ASN A 291 -23.18 14.96 29.33
C ASN A 291 -22.25 14.80 30.54
N GLU A 292 -22.75 15.19 31.72
CA GLU A 292 -21.97 15.22 32.97
C GLU A 292 -21.63 13.85 33.58
N THR A 293 -22.37 12.80 33.24
CA THR A 293 -22.16 11.49 33.88
C THR A 293 -21.98 10.34 32.90
N SER A 294 -22.08 10.64 31.60
CA SER A 294 -21.89 9.64 30.54
C SER A 294 -20.96 10.15 29.45
N ARG A 295 -20.36 9.23 28.69
CA ARG A 295 -19.53 9.60 27.56
C ARG A 295 -20.37 9.88 26.31
N LEU A 296 -21.23 10.89 26.45
CA LEU A 296 -22.05 11.39 25.38
C LEU A 296 -21.67 12.83 25.08
N GLY A 297 -21.54 13.13 23.78
CA GLY A 297 -21.24 14.47 23.31
C GLY A 297 -19.82 14.92 23.59
N TYR A 298 -19.43 16.03 22.97
CA TYR A 298 -18.12 16.60 23.21
C TYR A 298 -18.07 18.07 22.83
N GLU A 299 -17.45 18.87 23.69
CA GLU A 299 -17.41 20.31 23.53
C GLU A 299 -16.03 20.82 23.89
N THR A 300 -15.66 21.96 23.32
CA THR A 300 -14.49 22.71 23.77
C THR A 300 -14.88 24.16 24.05
N PHE A 301 -14.15 24.80 24.96
CA PHE A 301 -14.29 26.22 25.24
C PHE A 301 -13.03 26.76 25.89
N LYS A 302 -12.91 28.08 25.89
CA LYS A 302 -11.91 28.78 26.68
C LYS A 302 -12.56 29.25 27.99
N VAL A 303 -11.95 28.89 29.12
CA VAL A 303 -12.40 29.37 30.42
C VAL A 303 -11.50 30.54 30.80
N ILE A 304 -12.11 31.73 30.80
CA ILE A 304 -11.39 32.95 31.11
C ILE A 304 -10.92 32.93 32.56
N GLU A 305 -9.63 33.20 32.77
CA GLU A 305 -8.97 33.12 34.07
C GLU A 305 -9.04 31.71 34.67
N GLY A 306 -9.21 30.70 33.82
CA GLY A 306 -9.45 29.35 34.28
C GLY A 306 -8.23 28.53 34.66
N TRP A 307 -7.06 29.00 34.25
CA TRP A 307 -5.80 28.33 34.58
C TRP A 307 -5.23 28.73 35.94
N SER A 308 -5.62 29.91 36.44
CA SER A 308 -5.09 30.41 37.72
C SER A 308 -6.13 30.69 38.82
N ASN A 309 -7.36 31.01 38.44
CA ASN A 309 -8.43 31.27 39.41
C ASN A 309 -9.42 30.10 39.51
N PRO A 310 -9.41 29.41 40.66
CA PRO A 310 -10.25 28.23 40.86
C PRO A 310 -11.73 28.55 41.10
N LYS A 311 -12.10 29.83 41.01
CA LYS A 311 -13.51 30.26 41.10
C LYS A 311 -14.10 30.56 39.73
N SER A 312 -13.23 30.87 38.77
CA SER A 312 -13.62 31.25 37.42
C SER A 312 -14.53 30.23 36.78
N LYS A 313 -15.75 30.66 36.44
CA LYS A 313 -16.71 29.82 35.73
C LYS A 313 -17.15 30.44 34.41
N LEU A 314 -16.33 31.38 33.90
CA LEU A 314 -16.67 32.17 32.73
C LEU A 314 -16.04 31.64 31.41
N GLN A 315 -16.82 30.85 30.67
CA GLN A 315 -16.40 30.31 29.38
C GLN A 315 -16.73 31.23 28.20
N ILE A 316 -16.10 30.95 27.07
CA ILE A 316 -16.30 31.69 25.81
C ILE A 316 -15.68 30.88 24.66
N ASN A 317 -16.25 31.02 23.46
CA ASN A 317 -15.79 30.31 22.27
C ASN A 317 -16.05 28.82 22.39
N ARG A 318 -17.27 28.48 22.79
CA ARG A 318 -17.69 27.10 22.81
C ARG A 318 -17.85 26.61 21.38
N GLN A 319 -17.47 25.35 21.12
CA GLN A 319 -17.83 24.65 19.89
C GLN A 319 -18.31 23.27 20.28
N VAL A 320 -19.46 22.85 19.77
CA VAL A 320 -19.87 21.45 19.85
C VAL A 320 -19.08 20.67 18.78
N ILE A 321 -18.39 19.62 19.21
CA ILE A 321 -17.68 18.74 18.29
C ILE A 321 -18.57 17.53 17.98
N VAL A 322 -19.20 17.01 19.02
CA VAL A 322 -20.14 15.90 18.89
C VAL A 322 -21.36 16.24 19.73
N ASP A 323 -22.53 16.24 19.10
CA ASP A 323 -23.77 16.61 19.77
C ASP A 323 -24.13 15.61 20.87
N ARG A 324 -24.88 16.10 21.87
CA ARG A 324 -25.09 15.37 23.13
C ARG A 324 -25.94 14.09 23.02
N GLY A 325 -26.56 13.87 21.87
CA GLY A 325 -27.23 12.60 21.61
C GLY A 325 -26.29 11.50 21.10
N ASN A 326 -25.04 11.84 20.80
CA ASN A 326 -24.10 10.89 20.19
C ASN A 326 -22.93 10.54 21.07
N ARG A 327 -22.40 9.34 20.88
CA ARG A 327 -21.34 8.83 21.74
C ARG A 327 -20.00 9.50 21.45
N SER A 328 -19.27 9.77 22.52
CA SER A 328 -17.88 10.21 22.43
C SER A 328 -16.96 9.21 23.14
N GLY A 329 -16.05 9.71 23.97
CA GLY A 329 -15.09 8.87 24.68
C GLY A 329 -13.78 9.60 24.94
N TYR A 330 -12.68 8.87 24.91
CA TYR A 330 -11.36 9.42 25.20
C TYR A 330 -11.06 10.58 24.30
N SER A 331 -10.23 11.48 24.76
CA SER A 331 -9.76 12.55 23.90
C SER A 331 -8.40 12.92 24.39
N GLY A 332 -7.61 13.56 23.53
CA GLY A 332 -6.29 13.96 23.93
C GLY A 332 -5.69 14.95 22.97
N ILE A 333 -4.57 15.54 23.39
CA ILE A 333 -3.88 16.58 22.66
C ILE A 333 -2.71 16.03 21.84
N PHE A 334 -2.37 16.72 20.76
CA PHE A 334 -1.09 16.55 20.08
C PHE A 334 -0.64 17.92 19.56
N SER A 335 0.67 18.08 19.36
CA SER A 335 1.22 19.39 19.00
C SER A 335 1.87 19.31 17.65
N VAL A 336 1.71 20.39 16.88
CA VAL A 336 2.21 20.43 15.50
C VAL A 336 3.04 21.68 15.27
N GLU A 337 4.24 21.50 14.74
CA GLU A 337 5.15 22.60 14.57
C GLU A 337 4.85 23.38 13.30
N GLY A 338 4.45 24.64 13.46
CA GLY A 338 4.25 25.55 12.33
C GLY A 338 5.50 26.33 11.96
N LYS A 339 5.33 27.28 11.03
CA LYS A 339 6.43 28.12 10.54
C LYS A 339 7.06 28.96 11.67
N SER A 340 6.21 29.60 12.48
CA SER A 340 6.68 30.49 13.54
C SER A 340 6.30 30.03 14.95
N CYS A 341 5.31 29.16 15.04
CA CYS A 341 4.71 28.79 16.32
C CYS A 341 4.41 27.28 16.47
N ILE A 342 4.07 26.86 17.68
CA ILE A 342 3.57 25.51 17.92
C ILE A 342 2.05 25.52 18.03
N ASN A 343 1.39 24.76 17.17
CA ASN A 343 -0.07 24.61 17.23
C ASN A 343 -0.48 23.51 18.17
N ARG A 344 -1.69 23.61 18.74
CA ARG A 344 -2.29 22.48 19.46
C ARG A 344 -3.50 21.94 18.71
N CYS A 345 -3.62 20.62 18.68
CA CYS A 345 -4.75 19.92 18.08
C CYS A 345 -5.24 18.86 19.05
N PHE A 346 -6.39 18.25 18.77
CA PHE A 346 -6.92 17.16 19.59
C PHE A 346 -7.74 16.17 18.75
N TYR A 347 -7.93 14.97 19.27
CA TYR A 347 -8.75 13.90 18.66
C TYR A 347 -9.83 13.46 19.68
N VAL A 348 -10.93 12.90 19.20
CA VAL A 348 -11.98 12.44 20.09
C VAL A 348 -12.31 11.04 19.67
N GLU A 349 -12.12 10.08 20.58
CA GLU A 349 -12.55 8.71 20.36
C GLU A 349 -14.10 8.65 20.31
N LEU A 350 -14.66 8.05 19.25
CA LEU A 350 -16.12 7.85 19.15
C LEU A 350 -16.53 6.39 19.38
N ILE A 351 -16.65 5.98 20.65
CA ILE A 351 -16.99 4.59 21.01
C ILE A 351 -18.40 4.17 20.58
N ARG A 352 -18.52 3.00 19.95
CA ARG A 352 -19.81 2.36 19.64
C ARG A 352 -19.85 0.90 20.11
N GLY A 353 -21.05 0.38 20.41
CA GLY A 353 -21.25 -1.02 20.84
C GLY A 353 -21.38 -1.23 22.34
N ARG A 354 -21.28 -2.49 22.77
CA ARG A 354 -21.33 -2.91 24.18
C ARG A 354 -20.41 -2.12 25.11
N LYS A 355 -20.77 -1.92 26.38
CA LYS A 355 -21.99 -2.47 26.98
C LYS A 355 -23.21 -1.55 26.84
N GLU A 356 -22.97 -0.27 26.54
CA GLU A 356 -24.05 0.70 26.42
C GLU A 356 -25.03 0.46 25.24
N GLU A 357 -24.60 -0.27 24.21
CA GLU A 357 -25.44 -0.53 23.02
C GLU A 357 -25.51 -2.02 22.69
N THR A 358 -26.68 -2.62 22.93
CA THR A 358 -26.82 -4.08 22.92
C THR A 358 -27.36 -4.66 21.61
N GLU A 359 -27.38 -3.87 20.55
CA GLU A 359 -27.74 -4.38 19.22
C GLU A 359 -26.62 -5.21 18.58
N VAL A 360 -25.39 -5.05 19.08
CA VAL A 360 -24.22 -5.80 18.56
C VAL A 360 -23.38 -6.37 19.71
N LEU A 361 -22.57 -7.37 19.39
CA LEU A 361 -21.82 -8.08 20.41
C LEU A 361 -20.42 -7.50 20.62
N TRP A 362 -20.03 -6.59 19.72
CA TRP A 362 -18.72 -5.97 19.73
C TRP A 362 -18.71 -4.57 20.38
N THR A 363 -17.49 -4.08 20.63
CA THR A 363 -17.22 -2.72 21.09
C THR A 363 -16.06 -2.20 20.23
N SER A 364 -16.26 -1.04 19.59
CA SER A 364 -15.20 -0.43 18.79
C SER A 364 -15.37 1.09 18.77
N ASN A 365 -14.60 1.77 17.92
CA ASN A 365 -14.62 3.22 17.85
C ASN A 365 -14.19 3.71 16.48
N SER A 366 -14.52 4.97 16.18
CA SER A 366 -13.86 5.70 15.11
C SER A 366 -13.30 7.00 15.69
N ILE A 367 -12.83 7.91 14.86
CA ILE A 367 -12.22 9.13 15.40
C ILE A 367 -12.52 10.37 14.57
N VAL A 368 -12.44 11.51 15.24
CA VAL A 368 -12.57 12.80 14.59
C VAL A 368 -11.45 13.65 15.19
N VAL A 369 -10.95 14.63 14.45
CA VAL A 369 -9.73 15.35 14.82
C VAL A 369 -9.90 16.81 14.43
N PHE A 370 -9.53 17.71 15.35
CA PHE A 370 -9.57 19.14 15.11
C PHE A 370 -8.23 19.76 15.43
N CYS A 371 -7.98 20.95 14.89
CA CYS A 371 -6.72 21.64 15.12
C CYS A 371 -6.91 23.13 15.38
N GLY A 372 -6.09 23.68 16.27
CA GLY A 372 -6.09 25.10 16.59
C GLY A 372 -6.00 25.97 15.36
N THR A 373 -6.66 27.12 15.40
CA THR A 373 -6.63 28.08 14.28
C THR A 373 -6.63 29.49 14.84
N SER A 374 -5.90 30.39 14.19
CA SER A 374 -6.00 31.80 14.52
C SER A 374 -6.98 32.54 13.60
N GLY A 375 -7.57 31.81 12.65
CA GLY A 375 -8.63 32.37 11.80
C GLY A 375 -10.00 32.19 12.41
N THR A 376 -11.01 31.96 11.57
CA THR A 376 -12.41 31.91 12.00
C THR A 376 -13.08 30.58 11.65
N TYR A 377 -14.20 30.28 12.26
CA TYR A 377 -14.84 28.99 12.08
C TYR A 377 -16.33 29.06 12.38
N GLY A 378 -17.07 28.02 12.01
CA GLY A 378 -18.52 28.00 12.18
C GLY A 378 -18.96 26.97 13.19
N THR A 379 -20.00 26.22 12.84
CA THR A 379 -20.54 25.21 13.74
C THR A 379 -20.89 23.95 12.96
N GLY A 380 -20.99 22.85 13.70
CA GLY A 380 -21.42 21.59 13.12
C GLY A 380 -21.37 20.51 14.18
N SER A 381 -21.50 19.27 13.73
CA SER A 381 -21.43 18.12 14.61
C SER A 381 -20.99 16.95 13.76
N TRP A 382 -19.93 16.28 14.20
CA TRP A 382 -19.34 15.20 13.43
C TRP A 382 -19.27 13.90 14.24
N PRO A 383 -20.42 13.21 14.41
CA PRO A 383 -20.43 11.95 15.15
C PRO A 383 -19.99 10.77 14.29
N ASP A 384 -19.96 9.59 14.91
CA ASP A 384 -19.62 8.34 14.24
C ASP A 384 -20.53 8.04 13.05
N GLY A 385 -21.84 8.16 13.26
CA GLY A 385 -22.82 8.02 12.20
C GLY A 385 -23.04 6.63 11.65
N ALA A 386 -22.68 5.59 12.38
CA ALA A 386 -23.08 4.24 11.96
C ALA A 386 -24.44 3.87 12.55
N ASP A 387 -25.22 3.11 11.80
CA ASP A 387 -26.52 2.60 12.25
C ASP A 387 -26.34 1.17 12.73
N LEU A 388 -26.37 0.97 14.05
CA LEU A 388 -26.11 -0.37 14.60
C LEU A 388 -27.24 -1.37 14.42
N ASN A 389 -28.46 -0.90 14.13
CA ASN A 389 -29.58 -1.79 13.80
C ASN A 389 -29.34 -2.62 12.54
N LEU A 390 -28.50 -2.08 11.67
CA LEU A 390 -28.24 -2.67 10.37
C LEU A 390 -26.87 -3.36 10.25
N MET A 391 -26.09 -3.33 11.33
CA MET A 391 -24.72 -3.88 11.30
C MET A 391 -24.70 -5.42 11.35
N PRO A 392 -23.58 -6.05 10.88
CA PRO A 392 -23.34 -7.49 10.78
C PRO A 392 -24.40 -8.40 11.43
N ILE A 393 -25.35 -8.82 10.60
CA ILE A 393 -26.52 -9.59 11.04
C ILE A 393 -27.36 -8.75 12.03
N ALA B 6 25.85 3.93 1.20
CA ALA B 6 25.51 2.62 1.84
C ALA B 6 26.74 1.72 1.92
N GLU B 7 27.01 1.17 3.10
CA GLU B 7 28.14 0.28 3.33
C GLU B 7 27.67 -1.12 3.72
N TYR B 8 28.51 -2.13 3.47
CA TYR B 8 28.23 -3.50 3.88
C TYR B 8 28.17 -3.61 5.40
N ARG B 9 27.28 -4.45 5.91
CA ARG B 9 27.25 -4.75 7.34
C ARG B 9 28.45 -5.63 7.68
N ASN B 10 29.12 -5.32 8.80
CA ASN B 10 30.21 -6.16 9.32
C ASN B 10 29.80 -6.91 10.59
N TRP B 11 28.77 -6.38 11.28
CA TRP B 11 28.37 -6.89 12.59
C TRP B 11 29.52 -6.82 13.64
N SER B 12 30.44 -5.89 13.44
CA SER B 12 31.69 -5.81 14.21
C SER B 12 31.48 -5.09 15.54
N LYS B 13 30.59 -5.62 16.36
CA LYS B 13 30.29 -5.08 17.67
C LYS B 13 30.03 -6.24 18.62
N PRO B 14 30.18 -6.03 19.94
CA PRO B 14 29.88 -7.12 20.85
C PRO B 14 28.37 -7.42 20.94
N GLN B 15 28.05 -8.63 21.35
CA GLN B 15 26.70 -9.04 21.67
C GLN B 15 26.19 -8.27 22.92
N CYS B 16 24.96 -7.76 22.86
CA CYS B 16 24.37 -6.98 23.97
C CYS B 16 24.26 -7.81 25.25
N ASP B 17 24.28 -7.17 26.41
CA ASP B 17 23.86 -7.81 27.67
C ASP B 17 22.42 -8.32 27.47
N ILE B 18 22.12 -9.53 27.95
CA ILE B 18 20.77 -10.06 27.86
C ILE B 18 20.31 -10.62 29.20
N THR B 19 19.21 -10.09 29.74
CA THR B 19 18.64 -10.57 31.00
C THR B 19 17.38 -11.39 30.72
N GLY B 20 17.01 -11.45 29.45
CA GLY B 20 15.80 -12.17 29.00
C GLY B 20 15.24 -11.52 27.74
N PHE B 21 13.96 -11.77 27.46
CA PHE B 21 13.35 -11.25 26.25
C PHE B 21 12.09 -10.42 26.52
N ALA B 22 11.92 -9.35 25.74
CA ALA B 22 10.77 -8.44 25.85
C ALA B 22 9.92 -8.57 24.58
N PRO B 23 8.58 -8.48 24.71
CA PRO B 23 7.65 -8.56 23.57
C PRO B 23 7.93 -7.51 22.49
N PHE B 24 7.82 -7.93 21.23
CA PHE B 24 8.21 -7.09 20.11
C PHE B 24 7.12 -7.00 19.03
N SER B 25 6.59 -8.14 18.62
CA SER B 25 5.55 -8.17 17.58
C SER B 25 4.66 -9.41 17.63
N LYS B 26 3.46 -9.24 17.08
CA LYS B 26 2.46 -10.31 16.98
C LYS B 26 1.55 -9.95 15.79
N ASP B 27 1.15 -10.94 14.99
CA ASP B 27 0.42 -10.61 13.78
C ASP B 27 -1.07 -10.99 13.74
N ASN B 28 -1.51 -11.86 14.66
CA ASN B 28 -2.93 -12.26 14.76
C ASN B 28 -3.54 -12.77 13.46
N SER B 29 -2.67 -13.27 12.60
CA SER B 29 -3.00 -13.72 11.25
C SER B 29 -4.28 -14.59 11.14
N ILE B 30 -4.38 -15.67 11.92
CA ILE B 30 -5.51 -16.60 11.83
C ILE B 30 -6.81 -15.94 12.32
N ARG B 31 -6.74 -15.26 13.46
CA ARG B 31 -7.88 -14.50 13.98
C ARG B 31 -8.44 -13.52 12.94
N LEU B 32 -7.56 -12.89 12.17
CA LEU B 32 -7.97 -11.94 11.12
C LEU B 32 -8.50 -12.65 9.89
N SER B 33 -7.99 -13.85 9.61
CA SER B 33 -8.44 -14.60 8.45
C SER B 33 -9.88 -15.10 8.56
N ALA B 34 -10.45 -15.05 9.78
CA ALA B 34 -11.87 -15.42 9.97
C ALA B 34 -12.80 -14.33 9.48
N GLY B 35 -12.24 -13.16 9.17
CA GLY B 35 -13.02 -12.03 8.69
C GLY B 35 -12.21 -11.14 7.77
N GLY B 36 -11.46 -11.73 6.86
CA GLY B 36 -10.64 -11.00 5.88
C GLY B 36 -9.85 -11.94 5.00
N ASP B 37 -9.19 -11.37 3.98
CA ASP B 37 -8.42 -12.17 3.01
C ASP B 37 -6.95 -12.26 3.39
N ILE B 38 -6.63 -13.38 4.06
CA ILE B 38 -5.28 -13.63 4.56
C ILE B 38 -4.71 -14.90 3.94
N TRP B 39 -3.43 -14.83 3.60
CA TRP B 39 -2.70 -15.97 3.05
C TRP B 39 -2.66 -17.12 4.03
N VAL B 40 -2.72 -18.34 3.51
CA VAL B 40 -2.32 -19.51 4.24
C VAL B 40 -0.78 -19.63 4.13
N THR B 41 -0.12 -19.80 5.27
CA THR B 41 1.35 -19.84 5.33
C THR B 41 1.88 -20.98 6.21
N ARG B 42 3.20 -21.20 6.14
CA ARG B 42 3.96 -21.99 7.11
C ARG B 42 5.45 -21.66 6.94
N GLU B 43 6.28 -22.19 7.83
CA GLU B 43 7.73 -21.94 7.86
C GLU B 43 8.06 -20.46 7.77
N PRO B 44 7.52 -19.64 8.69
CA PRO B 44 7.83 -18.21 8.70
C PRO B 44 9.16 -17.88 9.37
N TYR B 45 9.66 -16.66 9.14
CA TYR B 45 10.84 -16.13 9.83
C TYR B 45 10.89 -14.61 9.73
N VAL B 46 11.89 -14.01 10.39
CA VAL B 46 12.05 -12.56 10.45
C VAL B 46 13.51 -12.19 10.11
N SER B 47 13.67 -11.11 9.35
CA SER B 47 14.99 -10.58 9.03
C SER B 47 14.84 -9.09 8.82
N CYS B 48 15.90 -8.35 9.07
CA CYS B 48 15.79 -6.91 9.07
C CYS B 48 16.82 -6.30 8.13
N ASP B 49 16.44 -5.22 7.45
CA ASP B 49 17.41 -4.39 6.76
C ASP B 49 17.98 -3.43 7.81
N PRO B 50 18.96 -2.57 7.48
CA PRO B 50 19.55 -1.76 8.57
C PRO B 50 18.55 -0.82 9.25
N ASP B 51 17.47 -0.48 8.55
CA ASP B 51 16.44 0.40 9.10
C ASP B 51 15.38 -0.32 9.90
N LYS B 52 14.86 -1.43 9.38
CA LYS B 52 13.65 -2.06 9.95
C LYS B 52 13.52 -3.55 9.65
N CYS B 53 12.59 -4.20 10.33
CA CYS B 53 12.43 -5.65 10.22
C CYS B 53 11.33 -6.06 9.24
N TYR B 54 11.48 -7.26 8.69
CA TYR B 54 10.50 -7.85 7.77
C TYR B 54 10.10 -9.24 8.20
N GLN B 55 8.86 -9.61 7.93
CA GLN B 55 8.37 -10.97 8.20
C GLN B 55 8.18 -11.72 6.88
N PHE B 56 8.56 -12.99 6.90
CA PHE B 56 8.60 -13.84 5.71
C PHE B 56 7.82 -15.11 5.98
N ALA B 57 7.30 -15.73 4.94
CA ALA B 57 6.70 -17.05 5.11
C ALA B 57 6.54 -17.75 3.77
N LEU B 58 6.22 -19.03 3.81
CA LEU B 58 5.95 -19.79 2.61
C LEU B 58 4.43 -19.92 2.47
N GLY B 59 3.89 -19.16 1.52
CA GLY B 59 2.48 -19.21 1.21
C GLY B 59 2.12 -20.52 0.52
N GLN B 60 0.84 -20.86 0.59
CA GLN B 60 0.36 -22.07 -0.06
C GLN B 60 -0.35 -21.76 -1.39
N GLY B 61 -0.11 -20.54 -1.88
CA GLY B 61 -0.69 -20.05 -3.13
C GLY B 61 -2.19 -19.88 -3.02
N THR B 62 -2.66 -19.56 -1.81
CA THR B 62 -4.09 -19.42 -1.53
C THR B 62 -4.36 -18.59 -0.29
N THR B 63 -5.55 -17.99 -0.21
CA THR B 63 -6.06 -17.43 1.04
C THR B 63 -6.76 -18.51 1.89
N LEU B 64 -7.09 -18.17 3.13
CA LEU B 64 -7.66 -19.15 4.05
C LEU B 64 -9.12 -19.46 3.76
N ASN B 65 -9.92 -18.40 3.57
CA ASN B 65 -11.33 -18.56 3.24
C ASN B 65 -11.48 -18.75 1.74
N ASN B 66 -11.23 -19.99 1.30
CA ASN B 66 -10.92 -20.29 -0.08
C ASN B 66 -11.02 -21.80 -0.24
N VAL B 67 -11.59 -22.27 -1.33
CA VAL B 67 -11.66 -23.72 -1.58
C VAL B 67 -10.27 -24.37 -1.68
N HIS B 68 -9.29 -23.61 -2.16
CA HIS B 68 -7.93 -24.12 -2.35
C HIS B 68 -7.14 -24.27 -1.06
N SER B 69 -7.69 -23.82 0.07
CA SER B 69 -7.04 -24.05 1.35
C SER B 69 -7.19 -25.50 1.85
N ASN B 70 -8.09 -26.28 1.24
CA ASN B 70 -8.22 -27.70 1.58
C ASN B 70 -6.89 -28.42 1.37
N ASN B 71 -6.52 -29.24 2.36
CA ASN B 71 -5.30 -30.05 2.32
C ASN B 71 -3.95 -29.31 2.25
N THR B 72 -3.90 -28.11 2.83
CA THR B 72 -2.68 -27.29 2.87
C THR B 72 -1.64 -27.84 3.85
N VAL B 73 -1.95 -29.00 4.46
CA VAL B 73 -0.99 -29.73 5.28
C VAL B 73 0.27 -30.11 4.48
N ARG B 74 0.13 -30.34 3.18
CA ARG B 74 1.26 -30.66 2.29
C ARG B 74 2.30 -29.55 2.25
N GLY B 75 3.56 -29.94 2.31
CA GLY B 75 4.66 -29.01 2.47
C GLY B 75 5.29 -28.50 1.18
N ARG B 76 5.24 -29.30 0.12
CA ARG B 76 5.85 -28.93 -1.17
C ARG B 76 4.88 -29.02 -2.35
N THR B 77 4.53 -27.87 -2.90
CA THR B 77 3.73 -27.79 -4.11
C THR B 77 4.39 -26.72 -4.98
N PRO B 78 4.05 -26.68 -6.29
CA PRO B 78 4.52 -25.62 -7.20
C PRO B 78 3.86 -24.25 -6.98
N TYR B 79 2.86 -24.17 -6.12
CA TYR B 79 2.17 -22.90 -5.85
C TYR B 79 2.74 -22.18 -4.62
N ARG B 80 3.58 -22.86 -3.85
CA ARG B 80 4.22 -22.22 -2.69
C ARG B 80 5.22 -21.15 -3.14
N THR B 81 5.09 -19.95 -2.56
CA THR B 81 5.96 -18.80 -2.83
C THR B 81 6.40 -18.14 -1.53
N LEU B 82 7.55 -17.46 -1.56
CA LEU B 82 8.04 -16.72 -0.40
C LEU B 82 7.41 -15.32 -0.28
N LEU B 83 6.69 -15.09 0.82
CA LEU B 83 5.98 -13.85 1.09
C LEU B 83 6.84 -12.92 1.93
N MET B 84 6.81 -11.62 1.62
CA MET B 84 7.60 -10.63 2.35
C MET B 84 6.80 -9.35 2.63
N ASN B 85 6.65 -9.03 3.91
CA ASN B 85 5.99 -7.80 4.36
C ASN B 85 6.84 -7.17 5.45
N GLU B 86 6.60 -5.89 5.74
CA GLU B 86 7.21 -5.28 6.92
C GLU B 86 6.63 -5.98 8.14
N LEU B 87 7.43 -6.04 9.19
CA LEU B 87 7.07 -6.82 10.34
C LEU B 87 5.80 -6.23 10.95
N GLY B 88 4.84 -7.09 11.26
CA GLY B 88 3.57 -6.65 11.81
C GLY B 88 2.51 -6.20 10.80
N VAL B 89 2.84 -6.24 9.51
CA VAL B 89 1.82 -6.09 8.47
C VAL B 89 1.44 -7.50 8.07
N PRO B 90 0.19 -7.90 8.31
CA PRO B 90 -0.29 -9.27 8.08
C PRO B 90 -0.31 -9.62 6.60
N PHE B 91 -0.27 -10.91 6.29
CA PHE B 91 -0.19 -11.35 4.89
C PHE B 91 -1.53 -11.23 4.18
N HIS B 92 -1.85 -9.98 3.80
CA HIS B 92 -3.05 -9.64 3.05
C HIS B 92 -2.78 -9.80 1.54
N LEU B 93 -3.76 -9.47 0.70
CA LEU B 93 -3.60 -9.69 -0.76
C LEU B 93 -2.56 -8.79 -1.43
N GLY B 94 -2.13 -7.74 -0.74
CA GLY B 94 -1.11 -6.85 -1.28
C GLY B 94 0.31 -7.28 -0.98
N THR B 95 0.44 -8.47 -0.39
CA THR B 95 1.73 -9.00 -0.01
C THR B 95 2.56 -9.46 -1.21
N LYS B 96 3.85 -9.10 -1.20
CA LYS B 96 4.76 -9.44 -2.28
C LYS B 96 5.27 -10.87 -2.20
N GLN B 97 5.16 -11.60 -3.30
CA GLN B 97 5.76 -12.91 -3.47
C GLN B 97 7.08 -12.62 -4.14
N VAL B 98 8.18 -12.75 -3.40
CA VAL B 98 9.52 -12.42 -3.94
C VAL B 98 10.16 -13.51 -4.78
N CYS B 99 9.69 -14.75 -4.64
CA CYS B 99 10.18 -15.90 -5.44
C CYS B 99 9.31 -17.13 -5.24
N ILE B 100 9.48 -18.11 -6.14
CA ILE B 100 8.84 -19.42 -6.01
C ILE B 100 9.66 -20.31 -5.08
N ALA B 101 9.06 -20.74 -3.97
CA ALA B 101 9.81 -21.50 -2.98
C ALA B 101 8.92 -22.36 -2.10
N TRP B 102 9.31 -23.64 -1.97
CA TRP B 102 8.80 -24.43 -0.86
C TRP B 102 9.85 -24.62 0.25
N SER B 103 10.99 -23.93 0.11
CA SER B 103 12.02 -23.79 1.13
C SER B 103 12.88 -22.57 0.79
N SER B 104 13.27 -21.79 1.79
CA SER B 104 13.93 -20.52 1.52
C SER B 104 14.75 -19.98 2.69
N SER B 105 15.47 -18.91 2.41
CA SER B 105 16.25 -18.18 3.39
C SER B 105 16.50 -16.81 2.75
N SER B 106 16.58 -15.76 3.57
CA SER B 106 16.82 -14.40 3.06
C SER B 106 17.73 -13.62 3.98
N CYS B 107 18.43 -12.62 3.43
CA CYS B 107 19.22 -11.72 4.28
C CYS B 107 19.62 -10.45 3.56
N HIS B 108 19.86 -9.39 4.33
CA HIS B 108 20.30 -8.11 3.78
C HIS B 108 21.79 -7.86 4.12
N ASP B 109 22.60 -7.63 3.11
CA ASP B 109 24.05 -7.46 3.31
C ASP B 109 24.44 -6.02 3.63
N GLY B 110 23.43 -5.17 3.87
CA GLY B 110 23.65 -3.75 4.14
C GLY B 110 23.41 -2.86 2.94
N LYS B 111 23.37 -3.47 1.75
CA LYS B 111 23.14 -2.75 0.50
C LYS B 111 21.89 -3.23 -0.21
N ALA B 112 21.67 -4.55 -0.21
CA ALA B 112 20.51 -5.12 -0.88
C ALA B 112 20.13 -6.44 -0.24
N TRP B 113 18.98 -6.98 -0.66
CA TRP B 113 18.43 -8.22 -0.13
C TRP B 113 18.91 -9.39 -0.94
N LEU B 114 19.20 -10.52 -0.27
CA LEU B 114 19.40 -11.82 -0.92
C LEU B 114 18.26 -12.77 -0.54
N HIS B 115 17.75 -13.53 -1.52
CA HIS B 115 16.79 -14.59 -1.25
C HIS B 115 17.28 -15.85 -1.91
N VAL B 116 17.19 -16.95 -1.17
CA VAL B 116 17.57 -18.26 -1.68
C VAL B 116 16.30 -19.09 -1.66
N CYS B 117 15.88 -19.56 -2.83
CA CYS B 117 14.54 -20.11 -3.01
C CYS B 117 14.61 -21.46 -3.71
N ILE B 118 13.94 -22.45 -3.12
CA ILE B 118 14.00 -23.81 -3.60
C ILE B 118 12.63 -24.30 -4.01
N THR B 119 12.51 -24.73 -5.27
CA THR B 119 11.26 -25.24 -5.81
C THR B 119 11.58 -26.31 -6.86
N GLY B 120 10.53 -27.00 -7.34
CA GLY B 120 10.67 -28.06 -8.34
C GLY B 120 10.40 -29.45 -7.79
N ASP B 121 10.73 -30.47 -8.59
CA ASP B 121 10.58 -31.88 -8.21
C ASP B 121 11.37 -32.27 -6.95
N ASP B 122 10.74 -33.09 -6.09
CA ASP B 122 11.45 -33.65 -4.93
C ASP B 122 12.85 -34.18 -5.28
N LYS B 123 12.95 -34.92 -6.39
CA LYS B 123 14.18 -35.62 -6.81
C LYS B 123 15.13 -34.80 -7.67
N ASN B 124 14.86 -33.51 -7.83
CA ASN B 124 15.62 -32.68 -8.77
C ASN B 124 15.25 -31.23 -8.56
N ALA B 125 15.26 -30.76 -7.32
CA ALA B 125 14.86 -29.38 -6.99
C ALA B 125 15.87 -28.36 -7.54
N THR B 126 15.48 -27.09 -7.62
CA THR B 126 16.37 -26.00 -8.06
C THR B 126 16.42 -24.90 -7.00
N ALA B 127 17.61 -24.45 -6.64
CA ALA B 127 17.75 -23.32 -5.75
C ALA B 127 18.12 -22.10 -6.55
N SER B 128 17.33 -21.02 -6.42
CA SER B 128 17.60 -19.75 -7.10
C SER B 128 18.15 -18.73 -6.12
N PHE B 129 19.02 -17.86 -6.62
CA PHE B 129 19.65 -16.84 -5.80
C PHE B 129 19.42 -15.47 -6.39
N ILE B 130 18.65 -14.66 -5.68
CA ILE B 130 18.16 -13.39 -6.15
C ILE B 130 18.80 -12.33 -5.31
N TYR B 131 19.42 -11.36 -5.94
CA TYR B 131 20.08 -10.28 -5.22
C TYR B 131 19.75 -8.94 -5.86
N ASN B 132 19.41 -7.94 -5.06
CA ASN B 132 19.02 -6.62 -5.57
C ASN B 132 17.97 -6.75 -6.65
N GLY B 133 16.96 -7.58 -6.39
CA GLY B 133 15.81 -7.72 -7.27
C GLY B 133 16.03 -8.39 -8.63
N ARG B 134 17.10 -9.19 -8.76
CA ARG B 134 17.36 -9.94 -9.98
C ARG B 134 18.06 -11.28 -9.72
N LEU B 135 17.77 -12.27 -10.57
CA LEU B 135 18.38 -13.59 -10.43
C LEU B 135 19.84 -13.55 -10.84
N VAL B 136 20.73 -14.01 -9.98
CA VAL B 136 22.15 -13.91 -10.24
C VAL B 136 22.82 -15.28 -10.39
N ASP B 137 22.30 -16.30 -9.70
CA ASP B 137 22.85 -17.65 -9.82
C ASP B 137 21.79 -18.69 -9.48
N SER B 138 22.14 -19.96 -9.67
CA SER B 138 21.28 -21.09 -9.33
C SER B 138 22.10 -22.37 -9.31
N VAL B 139 21.70 -23.34 -8.49
CA VAL B 139 22.36 -24.63 -8.41
C VAL B 139 21.32 -25.73 -8.28
N VAL B 140 21.63 -26.92 -8.82
CA VAL B 140 20.76 -28.09 -8.75
C VAL B 140 20.96 -28.86 -7.47
N SER B 141 19.92 -29.61 -7.12
CA SER B 141 19.97 -30.66 -6.13
C SER B 141 21.16 -31.56 -6.41
N TRP B 142 22.00 -31.78 -5.40
CA TRP B 142 23.21 -32.60 -5.58
C TRP B 142 23.06 -34.09 -5.23
N SER B 143 22.04 -34.42 -4.43
CA SER B 143 21.82 -35.79 -3.99
C SER B 143 20.43 -36.30 -4.33
N LYS B 144 19.66 -35.46 -5.03
CA LYS B 144 18.36 -35.83 -5.62
C LYS B 144 17.35 -36.30 -4.58
N GLU B 145 17.33 -35.62 -3.43
CA GLU B 145 16.36 -35.95 -2.38
C GLU B 145 15.99 -34.74 -1.53
N ILE B 146 15.09 -33.91 -2.06
CA ILE B 146 14.51 -32.79 -1.33
C ILE B 146 15.60 -31.87 -0.81
N LEU B 147 16.25 -31.17 -1.75
CA LEU B 147 17.17 -30.08 -1.42
C LEU B 147 16.43 -29.02 -0.61
N ARG B 148 17.01 -28.62 0.50
CA ARG B 148 16.32 -27.74 1.45
C ARG B 148 17.29 -26.82 2.18
N THR B 149 16.76 -25.73 2.76
CA THR B 149 17.60 -24.76 3.43
C THR B 149 17.04 -24.35 4.80
N GLN B 150 17.41 -23.16 5.27
CA GLN B 150 17.27 -22.82 6.69
C GLN B 150 15.86 -22.55 7.19
N GLU B 151 15.06 -21.84 6.39
CA GLU B 151 13.78 -21.27 6.85
C GLU B 151 14.01 -20.21 7.93
N SER B 152 15.09 -19.43 7.78
CA SER B 152 15.37 -18.29 8.63
C SER B 152 16.48 -17.48 7.99
N GLU B 153 16.76 -16.32 8.54
CA GLU B 153 17.69 -15.43 7.87
C GLU B 153 19.06 -16.06 7.68
N CYS B 154 19.69 -15.76 6.56
CA CYS B 154 21.11 -16.02 6.37
C CYS B 154 21.88 -14.86 7.01
N VAL B 155 23.22 -14.90 6.93
CA VAL B 155 24.07 -13.89 7.58
C VAL B 155 25.13 -13.43 6.62
N CYS B 156 25.31 -12.11 6.51
CA CYS B 156 26.29 -11.50 5.62
C CYS B 156 27.34 -10.67 6.37
N ILE B 157 28.62 -10.90 6.08
CA ILE B 157 29.71 -10.09 6.65
C ILE B 157 30.61 -9.51 5.56
N ASN B 158 30.85 -8.21 5.64
CA ASN B 158 31.68 -7.51 4.67
C ASN B 158 31.34 -7.89 3.22
N GLY B 159 30.08 -8.18 2.98
CA GLY B 159 29.60 -8.43 1.62
C GLY B 159 29.65 -9.88 1.19
N THR B 160 30.08 -10.75 2.09
CA THR B 160 30.00 -12.18 1.83
C THR B 160 28.89 -12.76 2.68
N CYS B 161 27.88 -13.31 2.03
CA CYS B 161 26.75 -13.92 2.73
C CYS B 161 26.93 -15.43 2.75
N THR B 162 26.39 -16.06 3.78
CA THR B 162 26.50 -17.50 3.90
C THR B 162 25.16 -18.14 4.21
N VAL B 163 24.97 -19.38 3.72
CA VAL B 163 23.71 -20.14 3.89
C VAL B 163 23.95 -21.65 3.97
N VAL B 164 23.23 -22.34 4.85
CA VAL B 164 23.35 -23.79 4.96
C VAL B 164 22.24 -24.49 4.17
N MET B 165 22.64 -25.45 3.32
CA MET B 165 21.68 -26.27 2.55
C MET B 165 21.97 -27.76 2.74
N THR B 166 20.90 -28.54 2.80
CA THR B 166 21.02 -29.98 2.96
C THR B 166 20.23 -30.68 1.84
N ASP B 167 20.76 -31.79 1.36
CA ASP B 167 20.10 -32.65 0.37
C ASP B 167 20.38 -34.07 0.79
N GLY B 168 19.35 -34.91 0.84
CA GLY B 168 19.53 -36.28 1.29
C GLY B 168 18.48 -36.74 2.29
N SER B 169 18.69 -37.93 2.85
CA SER B 169 17.73 -38.57 3.74
C SER B 169 17.34 -37.72 4.95
N ALA B 170 16.09 -37.89 5.39
CA ALA B 170 15.62 -37.28 6.65
C ALA B 170 15.88 -38.18 7.87
N SER B 171 16.26 -39.43 7.63
CA SER B 171 16.56 -40.38 8.69
C SER B 171 17.81 -41.21 8.40
N GLY B 172 18.87 -40.53 7.96
CA GLY B 172 20.14 -41.17 7.68
C GLY B 172 21.15 -40.11 7.31
N LYS B 173 22.39 -40.49 7.08
CA LYS B 173 23.37 -39.53 6.59
C LYS B 173 22.83 -38.75 5.39
N ALA B 174 23.21 -37.48 5.29
CA ALA B 174 22.78 -36.61 4.20
C ALA B 174 23.91 -35.67 3.85
N ASP B 175 23.74 -34.96 2.74
CA ASP B 175 24.79 -34.09 2.25
C ASP B 175 24.48 -32.60 2.50
N THR B 176 25.22 -32.04 3.46
CA THR B 176 25.04 -30.66 3.89
C THR B 176 26.21 -29.81 3.41
N LYS B 177 25.89 -28.65 2.85
CA LYS B 177 26.85 -27.76 2.25
C LYS B 177 26.61 -26.33 2.70
N ILE B 178 27.68 -25.54 2.76
CA ILE B 178 27.61 -24.15 3.14
C ILE B 178 28.13 -23.33 1.98
N LEU B 179 27.27 -22.43 1.49
CA LEU B 179 27.59 -21.63 0.31
C LEU B 179 27.97 -20.20 0.69
N PHE B 180 28.90 -19.65 -0.05
CA PHE B 180 29.36 -18.30 0.21
C PHE B 180 28.98 -17.49 -1.01
N ILE B 181 28.28 -16.38 -0.77
CA ILE B 181 27.59 -15.67 -1.84
C ILE B 181 27.92 -14.19 -1.84
N GLU B 182 28.44 -13.70 -2.96
CA GLU B 182 28.77 -12.28 -3.05
C GLU B 182 27.91 -11.65 -4.13
N GLU B 183 27.07 -10.73 -3.70
CA GLU B 183 26.10 -10.06 -4.57
C GLU B 183 25.30 -11.05 -5.43
N GLY B 184 24.88 -12.14 -4.80
CA GLY B 184 24.12 -13.16 -5.49
C GLY B 184 24.91 -14.28 -6.12
N LYS B 185 26.22 -14.08 -6.29
CA LYS B 185 27.08 -15.10 -6.93
C LYS B 185 27.65 -16.10 -5.94
N ILE B 186 27.41 -17.38 -6.17
CA ILE B 186 28.06 -18.43 -5.39
C ILE B 186 29.56 -18.41 -5.71
N VAL B 187 30.36 -17.88 -4.79
CA VAL B 187 31.81 -17.76 -5.00
C VAL B 187 32.59 -18.96 -4.43
N HIS B 188 31.96 -19.71 -3.51
CA HIS B 188 32.58 -20.89 -2.92
C HIS B 188 31.56 -21.82 -2.29
N THR B 189 31.89 -23.10 -2.26
CA THR B 189 31.03 -24.10 -1.66
C THR B 189 31.86 -25.02 -0.78
N SER B 190 31.60 -24.96 0.53
CA SER B 190 32.22 -25.87 1.47
C SER B 190 31.22 -26.93 1.88
N THR B 191 31.72 -28.13 2.14
CA THR B 191 30.89 -29.22 2.64
C THR B 191 30.96 -29.25 4.15
N LEU B 192 29.88 -29.74 4.78
CA LEU B 192 29.81 -29.80 6.21
C LEU B 192 30.91 -30.72 6.72
N SER B 193 31.62 -30.26 7.75
CA SER B 193 32.74 -30.97 8.34
C SER B 193 32.71 -30.88 9.88
N GLY B 194 33.20 -31.91 10.56
CA GLY B 194 33.16 -31.97 12.02
C GLY B 194 32.25 -33.08 12.53
N SER B 195 31.71 -32.93 13.73
CA SER B 195 31.08 -34.08 14.38
C SER B 195 29.55 -34.09 14.38
N ALA B 196 28.94 -33.05 13.80
CA ALA B 196 27.49 -33.00 13.65
C ALA B 196 27.09 -34.03 12.60
N GLN B 197 26.09 -34.84 12.90
CA GLN B 197 25.80 -35.99 12.05
C GLN B 197 24.59 -35.80 11.14
N HIS B 198 23.62 -35.00 11.57
CA HIS B 198 22.49 -34.67 10.74
C HIS B 198 22.07 -33.23 10.98
N VAL B 199 21.89 -32.49 9.90
CA VAL B 199 21.75 -31.05 9.98
C VAL B 199 20.63 -30.52 9.07
N GLU B 200 19.67 -29.85 9.70
CA GLU B 200 18.51 -29.24 9.05
C GLU B 200 18.29 -27.84 9.60
N GLU B 201 17.62 -27.03 8.81
CA GLU B 201 16.99 -25.79 9.26
C GLU B 201 17.78 -25.02 10.31
N CYS B 202 18.97 -24.60 9.93
CA CYS B 202 19.84 -23.84 10.80
C CYS B 202 19.34 -22.43 11.09
N SER B 203 19.36 -22.07 12.37
CA SER B 203 19.19 -20.71 12.80
C SER B 203 20.56 -20.13 13.04
N CYS B 204 20.97 -19.25 12.14
CA CYS B 204 22.31 -18.71 12.13
C CYS B 204 22.32 -17.26 12.57
N TYR B 205 23.40 -16.86 13.22
CA TYR B 205 23.58 -15.50 13.67
C TYR B 205 25.03 -15.03 13.50
N PRO B 206 25.24 -13.72 13.36
CA PRO B 206 26.63 -13.23 13.30
C PRO B 206 27.36 -13.31 14.64
N ARG B 207 28.62 -13.72 14.59
CA ARG B 207 29.49 -13.70 15.76
C ARG B 207 30.86 -13.33 15.26
N TYR B 208 31.10 -12.03 15.12
CA TYR B 208 32.31 -11.52 14.47
C TYR B 208 33.60 -12.13 15.04
N PRO B 209 34.55 -12.56 14.16
CA PRO B 209 34.64 -12.40 12.70
C PRO B 209 33.86 -13.40 11.85
N GLY B 210 33.10 -14.31 12.47
CA GLY B 210 32.39 -15.35 11.72
C GLY B 210 30.89 -15.45 11.96
N VAL B 211 30.36 -16.66 11.76
CA VAL B 211 28.95 -16.95 11.82
C VAL B 211 28.71 -18.26 12.57
N ARG B 212 27.70 -18.28 13.44
CA ARG B 212 27.34 -19.49 14.16
C ARG B 212 25.88 -19.90 13.87
N CYS B 213 25.64 -21.21 13.84
CA CYS B 213 24.31 -21.73 13.56
C CYS B 213 23.91 -22.78 14.57
N VAL B 214 22.62 -22.82 14.92
CA VAL B 214 22.08 -23.87 15.77
C VAL B 214 20.93 -24.54 15.04
N CYS B 215 21.04 -25.84 14.81
CA CYS B 215 20.20 -26.49 13.82
C CYS B 215 19.38 -27.62 14.41
N ARG B 216 18.87 -28.47 13.53
CA ARG B 216 17.94 -29.52 13.87
C ARG B 216 18.53 -30.82 13.33
N ASP B 217 18.61 -31.82 14.20
CA ASP B 217 19.11 -33.15 13.84
C ASP B 217 17.86 -34.02 13.81
N ASN B 218 17.48 -34.43 12.61
CA ASN B 218 16.25 -35.18 12.41
C ASN B 218 16.46 -36.70 12.53
N TRP B 219 17.71 -37.10 12.71
CA TRP B 219 18.06 -38.52 12.67
C TRP B 219 18.24 -39.19 14.04
N LYS B 220 19.31 -38.84 14.77
CA LYS B 220 19.60 -39.49 16.05
C LYS B 220 19.75 -38.57 17.27
N GLY B 221 19.39 -37.30 17.15
CA GLY B 221 19.56 -36.37 18.27
C GLY B 221 18.35 -35.54 18.64
N SER B 222 18.05 -35.50 19.94
CA SER B 222 17.13 -34.50 20.49
C SER B 222 17.91 -33.32 21.09
N ASN B 223 19.24 -33.38 20.98
CA ASN B 223 20.08 -32.19 21.18
C ASN B 223 20.36 -31.52 19.83
N ARG B 224 20.61 -30.21 19.84
CA ARG B 224 20.75 -29.47 18.59
C ARG B 224 22.20 -29.37 18.11
N PRO B 225 22.44 -29.58 16.80
CA PRO B 225 23.78 -29.34 16.23
C PRO B 225 24.18 -27.87 16.22
N ILE B 226 25.50 -27.63 16.24
CA ILE B 226 26.06 -26.31 16.07
C ILE B 226 26.98 -26.38 14.86
N VAL B 227 27.12 -25.26 14.14
CA VAL B 227 28.01 -25.15 13.00
C VAL B 227 28.74 -23.80 13.04
N ASP B 228 30.07 -23.80 13.10
CA ASP B 228 30.82 -22.54 13.03
C ASP B 228 31.39 -22.32 11.65
N ILE B 229 31.31 -21.08 11.18
CA ILE B 229 31.64 -20.78 9.79
C ILE B 229 32.57 -19.58 9.70
N ASN B 230 33.76 -19.84 9.18
CA ASN B 230 34.75 -18.81 8.93
C ASN B 230 34.53 -18.24 7.55
N ILE B 231 34.44 -16.92 7.47
CA ILE B 231 34.04 -16.24 6.26
C ILE B 231 35.23 -15.94 5.33
N LYS B 232 36.43 -15.85 5.90
CA LYS B 232 37.63 -15.58 5.11
C LYS B 232 38.21 -16.83 4.40
N ASP B 233 38.49 -17.89 5.15
CA ASP B 233 39.05 -19.12 4.58
C ASP B 233 38.04 -20.25 4.31
N HIS B 234 36.77 -19.95 4.54
CA HIS B 234 35.65 -20.87 4.27
C HIS B 234 35.72 -22.21 5.02
N SER B 235 36.39 -22.24 6.17
CA SER B 235 36.43 -23.48 6.97
C SER B 235 35.16 -23.65 7.80
N ILE B 236 34.90 -24.87 8.24
CA ILE B 236 33.65 -25.27 8.86
C ILE B 236 33.94 -26.26 9.97
N VAL B 237 33.48 -25.97 11.18
CA VAL B 237 33.52 -26.94 12.27
C VAL B 237 32.09 -27.15 12.80
N SER B 238 31.81 -28.34 13.34
CA SER B 238 30.49 -28.63 13.85
C SER B 238 30.55 -29.49 15.11
N SER B 239 29.44 -29.53 15.84
CA SER B 239 29.28 -30.28 17.09
C SER B 239 27.82 -30.13 17.57
N TYR B 240 27.58 -30.33 18.86
CA TYR B 240 26.25 -30.16 19.44
C TYR B 240 26.20 -29.19 20.63
N VAL B 241 24.98 -28.80 21.00
CA VAL B 241 24.71 -27.98 22.19
C VAL B 241 24.86 -28.85 23.43
N CYS B 242 25.86 -28.52 24.25
CA CYS B 242 26.21 -29.31 25.45
C CYS B 242 25.04 -29.45 26.43
N SER B 243 24.36 -28.35 26.72
CA SER B 243 23.22 -28.30 27.66
C SER B 243 22.46 -29.61 27.87
N GLY B 244 22.46 -30.08 29.12
CA GLY B 244 21.73 -31.30 29.50
C GLY B 244 20.22 -31.12 29.36
N LEU B 245 19.80 -29.86 29.27
CA LEU B 245 18.42 -29.52 28.91
C LEU B 245 18.37 -29.28 27.40
N VAL B 246 17.68 -30.18 26.69
CA VAL B 246 17.77 -30.21 25.22
C VAL B 246 16.61 -29.49 24.53
N GLY B 247 16.89 -28.98 23.33
CA GLY B 247 16.00 -28.06 22.63
C GLY B 247 15.09 -28.61 21.55
N ASP B 248 15.31 -29.86 21.15
CA ASP B 248 14.50 -30.43 20.09
C ASP B 248 13.18 -30.99 20.63
N THR B 249 12.25 -31.25 19.71
CA THR B 249 10.98 -31.87 20.02
C THR B 249 10.71 -32.86 18.89
N PRO B 250 10.51 -34.16 19.20
CA PRO B 250 10.44 -34.73 20.56
C PRO B 250 11.79 -34.88 21.27
N ARG B 251 11.71 -35.32 22.53
CA ARG B 251 12.85 -35.48 23.42
C ARG B 251 12.34 -36.15 24.71
N LYS B 252 13.26 -36.55 25.59
CA LYS B 252 12.89 -37.11 26.89
C LYS B 252 12.62 -35.99 27.90
N ASN B 253 11.96 -36.32 29.01
CA ASN B 253 11.64 -35.32 30.04
C ASN B 253 12.87 -34.73 30.74
N ASP B 254 12.65 -33.71 31.56
CA ASP B 254 13.73 -32.96 32.19
C ASP B 254 14.67 -33.84 33.04
N SER B 255 14.09 -34.84 33.71
CA SER B 255 14.85 -35.72 34.61
C SER B 255 15.61 -36.84 33.89
N SER B 256 15.06 -37.31 32.76
CA SER B 256 15.64 -38.44 32.03
C SER B 256 16.61 -38.05 30.93
N SER B 257 16.46 -36.84 30.39
CA SER B 257 17.29 -36.40 29.25
C SER B 257 18.79 -36.32 29.56
N SER B 258 19.59 -36.37 28.50
CA SER B 258 21.02 -36.13 28.58
C SER B 258 21.49 -35.58 27.23
N SER B 259 22.77 -35.19 27.16
CA SER B 259 23.36 -34.59 25.97
C SER B 259 24.86 -34.87 25.91
N HIS B 260 25.50 -34.39 24.85
CA HIS B 260 26.91 -34.62 24.56
C HIS B 260 27.37 -33.45 23.69
N CYS B 261 28.62 -33.02 23.85
CA CYS B 261 29.13 -31.87 23.08
C CYS B 261 29.53 -32.19 21.64
N LEU B 262 29.69 -33.48 21.33
CA LEU B 262 30.22 -33.87 20.02
C LEU B 262 29.29 -34.75 19.18
N ASP B 263 28.48 -35.58 19.82
CA ASP B 263 27.62 -36.55 19.13
C ASP B 263 26.13 -36.43 19.50
N PRO B 264 25.22 -36.95 18.64
CA PRO B 264 23.79 -36.95 19.01
C PRO B 264 23.48 -37.85 20.20
N ASN B 265 22.61 -37.40 21.09
CA ASN B 265 22.35 -38.11 22.34
C ASN B 265 21.61 -39.46 22.21
N ASN B 266 21.01 -39.70 21.04
CA ASN B 266 20.23 -40.92 20.76
C ASN B 266 18.94 -41.05 21.56
N GLU B 267 18.36 -39.92 21.97
CA GLU B 267 17.19 -39.94 22.82
C GLU B 267 16.00 -39.37 22.07
N GLU B 268 15.04 -40.23 21.72
CA GLU B 268 13.89 -39.83 20.90
C GLU B 268 14.35 -38.93 19.74
N GLY B 269 15.49 -39.30 19.14
CA GLY B 269 16.19 -38.45 18.18
C GLY B 269 15.47 -38.22 16.87
N GLY B 270 14.76 -39.23 16.40
CA GLY B 270 14.00 -39.16 15.15
C GLY B 270 13.03 -38.00 15.15
N HIS B 271 12.80 -37.43 13.97
CA HIS B 271 11.98 -36.23 13.81
C HIS B 271 12.63 -35.05 14.55
N GLY B 272 12.06 -33.88 14.43
CA GLY B 272 12.60 -32.70 15.10
C GLY B 272 11.71 -31.50 14.95
N VAL B 273 12.23 -30.34 15.32
CA VAL B 273 11.56 -29.06 15.08
C VAL B 273 12.64 -27.98 14.97
N LYS B 274 12.53 -27.10 13.97
CA LYS B 274 13.46 -25.98 13.84
C LYS B 274 13.46 -25.20 15.15
N GLY B 275 14.64 -24.75 15.56
CA GLY B 275 14.80 -24.09 16.83
C GLY B 275 16.10 -23.33 16.86
N TRP B 276 16.40 -22.75 18.03
CA TRP B 276 17.52 -21.85 18.13
C TRP B 276 18.16 -21.91 19.50
N ALA B 277 19.40 -21.44 19.56
CA ALA B 277 20.13 -21.21 20.80
C ALA B 277 21.24 -20.22 20.49
N PHE B 278 21.75 -19.55 21.52
CA PHE B 278 22.97 -18.75 21.35
C PHE B 278 23.76 -18.67 22.66
N ASP B 279 25.06 -18.39 22.53
CA ASP B 279 25.97 -18.41 23.67
C ASP B 279 26.16 -17.06 24.35
N ASP B 280 26.26 -17.12 25.67
CA ASP B 280 26.50 -15.97 26.50
C ASP B 280 27.63 -16.38 27.44
N GLY B 281 28.88 -16.09 27.05
CA GLY B 281 30.04 -16.67 27.72
C GLY B 281 29.96 -18.18 27.61
N ASN B 282 29.85 -18.85 28.76
CA ASN B 282 29.74 -20.32 28.83
C ASN B 282 28.29 -20.73 29.05
N ASP B 283 27.42 -19.74 29.19
CA ASP B 283 25.98 -20.00 29.30
C ASP B 283 25.36 -20.10 27.90
N VAL B 284 24.20 -20.76 27.83
CA VAL B 284 23.40 -20.80 26.61
C VAL B 284 21.99 -20.23 26.83
N TRP B 285 21.61 -19.26 26.00
CA TRP B 285 20.20 -18.88 25.90
C TRP B 285 19.53 -19.76 24.86
N MET B 286 18.37 -20.32 25.22
CA MET B 286 17.68 -21.20 24.32
C MET B 286 16.19 -21.21 24.58
N GLY B 287 15.44 -21.50 23.54
CA GLY B 287 14.01 -21.71 23.65
C GLY B 287 13.62 -23.06 23.10
N ARG B 288 12.43 -23.52 23.48
CA ARG B 288 11.95 -24.85 23.08
C ARG B 288 10.46 -24.95 23.33
N THR B 289 9.81 -25.93 22.72
CA THR B 289 8.42 -26.20 23.05
C THR B 289 8.36 -26.70 24.49
N ILE B 290 7.26 -26.41 25.19
CA ILE B 290 7.11 -26.82 26.60
C ILE B 290 6.81 -28.33 26.74
N ASN B 291 6.01 -28.88 25.82
CA ASN B 291 5.73 -30.32 25.77
C ASN B 291 6.90 -31.01 25.09
N GLU B 292 7.29 -32.18 25.62
CA GLU B 292 8.50 -32.87 25.15
C GLU B 292 8.29 -33.65 23.86
N THR B 293 7.04 -33.91 23.51
CA THR B 293 6.72 -34.86 22.44
C THR B 293 6.02 -34.27 21.20
N SER B 294 5.18 -33.26 21.41
CA SER B 294 4.45 -32.62 20.30
C SER B 294 4.57 -31.11 20.40
N ARG B 295 4.21 -30.40 19.33
CA ARG B 295 4.47 -28.95 19.26
C ARG B 295 3.48 -28.06 20.04
N LEU B 296 3.55 -28.16 21.36
CA LEU B 296 2.65 -27.42 22.26
C LEU B 296 3.47 -26.60 23.26
N GLY B 297 3.02 -25.36 23.50
CA GLY B 297 3.69 -24.43 24.39
C GLY B 297 5.02 -23.97 23.85
N TYR B 298 5.56 -22.90 24.44
CA TYR B 298 6.92 -22.47 24.12
C TYR B 298 7.53 -21.69 25.27
N GLU B 299 8.81 -21.97 25.53
CA GLU B 299 9.52 -21.39 26.66
C GLU B 299 10.93 -21.00 26.28
N THR B 300 11.46 -20.04 27.02
CA THR B 300 12.88 -19.71 26.96
C THR B 300 13.41 -19.75 28.37
N PHE B 301 14.71 -20.02 28.48
CA PHE B 301 15.44 -19.90 29.73
C PHE B 301 16.91 -19.79 29.40
N LYS B 302 17.73 -19.58 30.43
CA LYS B 302 19.18 -19.60 30.27
C LYS B 302 19.75 -20.78 31.04
N VAL B 303 20.62 -21.57 30.42
CA VAL B 303 21.27 -22.64 31.13
C VAL B 303 22.68 -22.22 31.55
N ILE B 304 22.89 -22.30 32.85
CA ILE B 304 24.16 -21.96 33.49
C ILE B 304 25.20 -23.01 33.12
N GLU B 305 26.29 -22.55 32.52
CA GLU B 305 27.33 -23.41 31.99
C GLU B 305 26.82 -24.35 30.90
N GLY B 306 25.64 -24.03 30.34
CA GLY B 306 24.96 -24.92 29.40
C GLY B 306 25.65 -25.01 28.05
N TRP B 307 26.37 -23.95 27.68
CA TRP B 307 27.07 -23.92 26.41
C TRP B 307 28.30 -24.85 26.37
N SER B 308 28.95 -25.03 27.52
CA SER B 308 30.24 -25.74 27.55
C SER B 308 30.32 -26.94 28.51
N ASN B 309 29.28 -27.17 29.30
CA ASN B 309 29.22 -28.33 30.19
C ASN B 309 28.00 -29.20 29.95
N PRO B 310 28.21 -30.36 29.32
CA PRO B 310 27.13 -31.26 28.92
C PRO B 310 26.33 -31.85 30.08
N LYS B 311 26.75 -31.59 31.32
CA LYS B 311 26.09 -32.14 32.50
C LYS B 311 25.11 -31.18 33.16
N SER B 312 25.24 -29.89 32.85
CA SER B 312 24.43 -28.88 33.52
C SER B 312 22.97 -29.00 33.17
N LYS B 313 22.13 -29.01 34.21
CA LYS B 313 20.68 -28.97 34.02
C LYS B 313 20.13 -27.80 34.82
N LEU B 314 20.98 -26.80 35.01
CA LEU B 314 20.69 -25.67 35.87
C LEU B 314 20.16 -24.49 35.05
N GLN B 315 18.84 -24.38 34.96
CA GLN B 315 18.23 -23.27 34.24
C GLN B 315 17.88 -22.11 35.17
N ILE B 316 17.93 -20.91 34.60
CA ILE B 316 17.42 -19.72 35.25
C ILE B 316 16.84 -18.76 34.21
N ASN B 317 15.99 -17.85 34.67
CA ASN B 317 15.38 -16.81 33.85
C ASN B 317 14.37 -17.35 32.88
N ARG B 318 13.54 -18.27 33.36
CA ARG B 318 12.50 -18.84 32.52
C ARG B 318 11.45 -17.79 32.16
N GLN B 319 11.00 -17.84 30.90
CA GLN B 319 9.81 -17.12 30.46
C GLN B 319 8.92 -18.05 29.64
N VAL B 320 7.64 -18.13 30.00
CA VAL B 320 6.67 -18.77 29.13
C VAL B 320 6.35 -17.76 28.05
N ILE B 321 6.41 -18.18 26.78
CA ILE B 321 6.09 -17.31 25.65
C ILE B 321 4.70 -17.67 25.15
N VAL B 322 4.40 -18.96 25.15
CA VAL B 322 3.09 -19.52 24.83
C VAL B 322 2.84 -20.66 25.80
N ASP B 323 1.66 -20.69 26.42
CA ASP B 323 1.38 -21.68 27.48
C ASP B 323 1.18 -23.10 26.96
N ARG B 324 1.33 -24.08 27.84
CA ARG B 324 1.41 -25.51 27.48
C ARG B 324 0.17 -26.06 26.77
N GLY B 325 -0.95 -25.36 26.90
CA GLY B 325 -2.19 -25.81 26.27
C GLY B 325 -2.45 -25.18 24.91
N ASN B 326 -1.47 -24.46 24.38
CA ASN B 326 -1.61 -23.75 23.12
C ASN B 326 -0.54 -24.15 22.12
N ARG B 327 -0.95 -24.36 20.87
CA ARG B 327 -0.05 -24.87 19.84
C ARG B 327 1.11 -23.91 19.54
N SER B 328 2.27 -24.48 19.26
CA SER B 328 3.42 -23.70 18.86
C SER B 328 3.90 -24.15 17.45
N GLY B 329 5.20 -24.37 17.30
CA GLY B 329 5.76 -24.79 16.01
C GLY B 329 7.21 -24.37 15.86
N TYR B 330 7.61 -24.03 14.63
CA TYR B 330 8.97 -23.61 14.35
C TYR B 330 9.33 -22.35 15.11
N SER B 331 10.62 -22.10 15.28
CA SER B 331 11.10 -20.87 15.88
C SER B 331 12.54 -20.69 15.47
N GLY B 332 13.02 -19.44 15.46
CA GLY B 332 14.36 -19.17 14.98
C GLY B 332 14.87 -17.84 15.47
N ILE B 333 16.12 -17.54 15.12
CA ILE B 333 16.81 -16.35 15.58
C ILE B 333 16.97 -15.31 14.47
N PHE B 334 17.00 -14.04 14.85
CA PHE B 334 17.60 -13.00 13.98
C PHE B 334 18.35 -12.00 14.84
N SER B 335 19.16 -11.15 14.22
CA SER B 335 20.02 -10.26 14.98
C SER B 335 19.85 -8.82 14.53
N VAL B 336 19.96 -7.90 15.47
CA VAL B 336 19.70 -6.49 15.21
C VAL B 336 20.86 -5.66 15.78
N GLU B 337 21.32 -4.67 15.01
CA GLU B 337 22.45 -3.82 15.37
C GLU B 337 21.99 -2.57 16.09
N GLY B 338 22.43 -2.42 17.35
CA GLY B 338 22.18 -1.20 18.12
C GLY B 338 23.31 -0.19 17.96
N LYS B 339 23.28 0.85 18.80
CA LYS B 339 24.31 1.88 18.77
C LYS B 339 25.68 1.24 19.03
N SER B 340 25.75 0.45 20.09
CA SER B 340 27.01 -0.09 20.59
C SER B 340 27.12 -1.61 20.54
N CYS B 341 26.00 -2.32 20.33
CA CYS B 341 26.00 -3.78 20.39
C CYS B 341 25.03 -4.49 19.44
N ILE B 342 25.15 -5.81 19.38
CA ILE B 342 24.26 -6.63 18.57
C ILE B 342 23.30 -7.41 19.46
N ASN B 343 22.02 -7.23 19.20
CA ASN B 343 20.97 -7.83 20.01
C ASN B 343 20.52 -9.10 19.32
N ARG B 344 19.96 -10.03 20.08
CA ARG B 344 19.39 -11.24 19.52
C ARG B 344 17.89 -11.26 19.77
N CYS B 345 17.13 -11.55 18.73
CA CYS B 345 15.70 -11.67 18.83
C CYS B 345 15.28 -13.03 18.28
N PHE B 346 14.06 -13.46 18.58
CA PHE B 346 13.55 -14.71 18.03
C PHE B 346 12.05 -14.64 17.72
N TYR B 347 11.58 -15.52 16.83
CA TYR B 347 10.16 -15.58 16.46
C TYR B 347 9.62 -16.99 16.76
N VAL B 348 8.31 -17.09 16.94
CA VAL B 348 7.68 -18.39 17.17
C VAL B 348 6.46 -18.57 16.27
N GLU B 349 6.44 -19.70 15.57
CA GLU B 349 5.38 -20.03 14.65
C GLU B 349 4.27 -20.71 15.42
N LEU B 350 3.06 -20.18 15.29
CA LEU B 350 1.90 -20.73 15.96
C LEU B 350 1.02 -21.44 14.93
N ILE B 351 1.21 -22.75 14.82
CA ILE B 351 0.51 -23.55 13.83
C ILE B 351 -0.89 -23.89 14.28
N ARG B 352 -1.87 -23.72 13.39
CA ARG B 352 -3.24 -24.19 13.61
C ARG B 352 -3.76 -25.01 12.41
N GLY B 353 -4.70 -25.92 12.70
CA GLY B 353 -5.38 -26.73 11.67
C GLY B 353 -4.96 -28.19 11.62
N ARG B 354 -5.13 -28.80 10.45
CA ARG B 354 -4.72 -30.20 10.21
C ARG B 354 -3.20 -30.39 10.39
N LYS B 355 -2.75 -31.59 10.73
CA LYS B 355 -3.60 -32.76 10.99
C LYS B 355 -4.11 -32.82 12.43
N GLU B 356 -3.42 -32.13 13.33
CA GLU B 356 -3.73 -32.16 14.76
C GLU B 356 -5.13 -31.66 15.11
N GLU B 357 -5.66 -30.73 14.31
CA GLU B 357 -6.95 -30.13 14.60
C GLU B 357 -7.93 -30.43 13.47
N THR B 358 -8.95 -31.24 13.79
CA THR B 358 -9.82 -31.80 12.76
C THR B 358 -10.98 -30.88 12.33
N GLU B 359 -11.28 -29.87 13.14
CA GLU B 359 -12.41 -28.96 12.89
C GLU B 359 -12.36 -28.22 11.55
N VAL B 360 -11.18 -28.07 10.99
CA VAL B 360 -10.99 -27.36 9.72
C VAL B 360 -10.20 -28.22 8.73
N LEU B 361 -10.18 -27.83 7.46
CA LEU B 361 -9.50 -28.60 6.42
C LEU B 361 -8.12 -28.04 6.07
N TRP B 362 -7.86 -26.81 6.51
CA TRP B 362 -6.59 -26.14 6.18
C TRP B 362 -5.56 -26.30 7.28
N THR B 363 -4.33 -25.93 6.95
CA THR B 363 -3.23 -25.85 7.90
C THR B 363 -2.52 -24.54 7.68
N SER B 364 -2.42 -23.73 8.73
CA SER B 364 -1.80 -22.40 8.65
C SER B 364 -1.19 -21.98 9.99
N ASN B 365 -0.80 -20.70 10.08
CA ASN B 365 -0.11 -20.22 11.27
C ASN B 365 -0.16 -18.71 11.40
N SER B 366 0.12 -18.26 12.63
CA SER B 366 0.51 -16.89 12.88
C SER B 366 1.85 -16.88 13.62
N ILE B 367 2.34 -15.71 13.98
CA ILE B 367 3.60 -15.62 14.69
C ILE B 367 3.59 -14.65 15.85
N VAL B 368 4.48 -14.91 16.80
CA VAL B 368 4.79 -13.97 17.85
C VAL B 368 6.32 -13.73 17.83
N VAL B 369 6.77 -12.57 18.29
CA VAL B 369 8.18 -12.20 18.15
C VAL B 369 8.65 -11.49 19.42
N PHE B 370 9.81 -11.89 19.92
CA PHE B 370 10.40 -11.31 21.12
C PHE B 370 11.82 -10.86 20.83
N CYS B 371 12.29 -9.84 21.54
CA CYS B 371 13.68 -9.38 21.42
C CYS B 371 14.41 -9.33 22.75
N GLY B 372 15.71 -9.64 22.67
CA GLY B 372 16.61 -9.56 23.82
C GLY B 372 16.55 -8.19 24.44
N THR B 373 16.53 -8.16 25.77
CA THR B 373 16.55 -6.92 26.51
C THR B 373 17.61 -7.01 27.61
N SER B 374 18.27 -5.91 27.92
CA SER B 374 19.14 -5.86 29.08
C SER B 374 18.45 -5.21 30.27
N GLY B 375 17.18 -4.82 30.09
CA GLY B 375 16.35 -4.26 31.18
C GLY B 375 15.59 -5.33 31.92
N THR B 376 14.42 -4.98 32.47
CA THR B 376 13.60 -5.93 33.21
C THR B 376 12.27 -6.24 32.50
N TYR B 377 11.54 -7.25 32.99
CA TYR B 377 10.34 -7.75 32.33
C TYR B 377 9.48 -8.62 33.24
N GLY B 378 8.29 -9.00 32.78
CA GLY B 378 7.34 -9.78 33.57
C GLY B 378 6.92 -11.11 32.97
N THR B 379 5.63 -11.40 33.06
CA THR B 379 5.14 -12.69 32.58
C THR B 379 3.90 -12.52 31.71
N GLY B 380 3.60 -13.55 30.93
CA GLY B 380 2.35 -13.61 30.19
C GLY B 380 2.32 -14.80 29.28
N SER B 381 1.40 -14.79 28.33
CA SER B 381 1.26 -15.84 27.35
C SER B 381 0.63 -15.23 26.12
N TRP B 382 1.21 -15.49 24.96
CA TRP B 382 0.74 -14.89 23.72
C TRP B 382 0.45 -15.94 22.65
N PRO B 383 -0.65 -16.69 22.81
CA PRO B 383 -0.96 -17.71 21.80
C PRO B 383 -1.58 -17.13 20.53
N ASP B 384 -1.94 -18.01 19.60
CA ASP B 384 -2.55 -17.64 18.34
C ASP B 384 -3.91 -16.97 18.56
N GLY B 385 -4.73 -17.60 19.39
CA GLY B 385 -6.00 -17.01 19.81
C GLY B 385 -7.19 -17.18 18.88
N ALA B 386 -7.07 -18.02 17.87
CA ALA B 386 -8.22 -18.32 17.01
C ALA B 386 -9.11 -19.42 17.61
N ASP B 387 -10.42 -19.25 17.47
CA ASP B 387 -11.39 -20.28 17.81
C ASP B 387 -11.75 -21.03 16.52
N LEU B 388 -11.16 -22.22 16.36
CA LEU B 388 -11.34 -23.03 15.13
C LEU B 388 -12.75 -23.55 14.92
N ASN B 389 -13.48 -23.77 16.02
CA ASN B 389 -14.86 -24.21 15.95
C ASN B 389 -15.80 -23.16 15.36
N LEU B 390 -15.37 -21.90 15.35
CA LEU B 390 -16.16 -20.83 14.75
C LEU B 390 -15.62 -20.36 13.38
N MET B 391 -14.54 -21.00 12.92
CA MET B 391 -13.85 -20.60 11.68
C MET B 391 -14.63 -20.99 10.43
N PRO B 392 -14.45 -20.22 9.33
CA PRO B 392 -15.00 -20.57 8.01
C PRO B 392 -14.98 -22.07 7.77
N ILE B 393 -16.16 -22.67 7.93
CA ILE B 393 -16.35 -24.12 7.92
C ILE B 393 -16.46 -24.63 6.48
N ALA C 6 20.62 10.30 -12.25
CA ALA C 6 20.10 9.23 -13.14
C ALA C 6 20.60 9.41 -14.57
N GLU C 7 20.97 8.30 -15.21
CA GLU C 7 21.53 8.30 -16.56
C GLU C 7 20.69 7.36 -17.42
N TYR C 8 20.67 7.60 -18.73
CA TYR C 8 20.01 6.71 -19.69
C TYR C 8 20.68 5.35 -19.75
N ARG C 9 19.90 4.31 -20.07
CA ARG C 9 20.44 2.98 -20.26
C ARG C 9 20.97 2.80 -21.67
N ASN C 10 22.19 2.29 -21.79
CA ASN C 10 22.77 1.96 -23.07
C ASN C 10 22.74 0.48 -23.36
N TRP C 11 22.61 -0.34 -22.31
CA TRP C 11 22.68 -1.81 -22.42
C TRP C 11 23.99 -2.29 -23.09
N SER C 12 25.06 -1.51 -22.93
CA SER C 12 26.31 -1.74 -23.64
C SER C 12 27.18 -2.73 -22.90
N LYS C 13 26.70 -3.96 -22.83
CA LYS C 13 27.35 -5.04 -22.12
C LYS C 13 27.05 -6.33 -22.89
N PRO C 14 28.01 -7.28 -22.90
CA PRO C 14 27.74 -8.54 -23.60
C PRO C 14 26.57 -9.27 -22.95
N GLN C 15 25.93 -10.15 -23.71
CA GLN C 15 24.90 -11.05 -23.18
C GLN C 15 25.54 -12.06 -22.20
N CYS C 16 24.88 -12.28 -21.06
CA CYS C 16 25.34 -13.26 -20.07
C CYS C 16 25.34 -14.68 -20.66
N ASP C 17 26.20 -15.55 -20.13
CA ASP C 17 26.20 -16.97 -20.50
C ASP C 17 24.91 -17.64 -20.03
N ILE C 18 24.26 -18.40 -20.90
CA ILE C 18 23.03 -19.07 -20.52
C ILE C 18 23.13 -20.58 -20.74
N THR C 19 22.93 -21.36 -19.68
CA THR C 19 22.86 -22.81 -19.78
C THR C 19 21.41 -23.28 -19.64
N GLY C 20 20.51 -22.34 -19.38
CA GLY C 20 19.09 -22.64 -19.15
C GLY C 20 18.42 -21.63 -18.23
N PHE C 21 17.28 -21.99 -17.68
CA PHE C 21 16.51 -21.01 -16.92
C PHE C 21 16.17 -21.43 -15.52
N ALA C 22 16.19 -20.47 -14.61
CA ALA C 22 15.83 -20.73 -13.22
C ALA C 22 14.51 -20.01 -12.86
N PRO C 23 13.73 -20.60 -11.92
CA PRO C 23 12.48 -19.98 -11.48
C PRO C 23 12.69 -18.64 -10.81
N PHE C 24 11.80 -17.70 -11.12
CA PHE C 24 11.97 -16.33 -10.68
C PHE C 24 10.74 -15.79 -9.95
N SER C 25 9.54 -16.11 -10.45
CA SER C 25 8.31 -15.54 -9.88
C SER C 25 7.04 -16.24 -10.35
N LYS C 26 6.06 -16.30 -9.46
CA LYS C 26 4.73 -16.86 -9.76
C LYS C 26 3.70 -16.14 -8.91
N ASP C 27 2.55 -15.78 -9.48
CA ASP C 27 1.59 -15.00 -8.68
C ASP C 27 0.30 -15.69 -8.21
N ASN C 28 0.01 -16.88 -8.72
CA ASN C 28 -1.14 -17.70 -8.24
C ASN C 28 -2.47 -16.93 -8.25
N SER C 29 -2.61 -16.09 -9.25
CA SER C 29 -3.67 -15.10 -9.34
C SER C 29 -5.11 -15.68 -9.36
N ILE C 30 -5.32 -16.76 -10.11
CA ILE C 30 -6.65 -17.38 -10.21
C ILE C 30 -6.98 -18.18 -8.95
N ARG C 31 -5.95 -18.73 -8.31
CA ARG C 31 -6.14 -19.49 -7.08
C ARG C 31 -6.55 -18.56 -5.96
N LEU C 32 -5.90 -17.40 -5.93
CA LEU C 32 -6.18 -16.38 -4.94
C LEU C 32 -7.55 -15.75 -5.18
N SER C 33 -7.99 -15.67 -6.44
CA SER C 33 -9.27 -15.03 -6.76
C SER C 33 -10.54 -15.81 -6.31
N ALA C 34 -10.37 -17.07 -5.93
CA ALA C 34 -11.48 -17.86 -5.38
C ALA C 34 -11.77 -17.51 -3.92
N GLY C 35 -10.94 -16.65 -3.33
CA GLY C 35 -11.11 -16.23 -1.95
C GLY C 35 -10.56 -14.83 -1.69
N GLY C 36 -10.90 -13.90 -2.58
CA GLY C 36 -10.44 -12.52 -2.49
C GLY C 36 -10.74 -11.75 -3.76
N ASP C 37 -10.58 -10.44 -3.72
CA ASP C 37 -10.88 -9.56 -4.86
C ASP C 37 -9.66 -9.33 -5.79
N ILE C 38 -9.63 -10.07 -6.89
CA ILE C 38 -8.54 -10.02 -7.86
C ILE C 38 -9.05 -9.65 -9.26
N TRP C 39 -8.27 -8.82 -9.95
CA TRP C 39 -8.60 -8.40 -11.32
C TRP C 39 -8.68 -9.56 -12.30
N VAL C 40 -9.58 -9.43 -13.28
CA VAL C 40 -9.59 -10.29 -14.43
C VAL C 40 -8.65 -9.68 -15.44
N THR C 41 -7.73 -10.48 -15.95
CA THR C 41 -6.72 -9.98 -16.89
C THR C 41 -6.50 -10.93 -18.07
N ARG C 42 -5.72 -10.46 -19.03
CA ARG C 42 -5.07 -11.29 -20.05
C ARG C 42 -3.93 -10.46 -20.64
N GLU C 43 -3.11 -11.08 -21.48
CA GLU C 43 -1.96 -10.41 -22.13
C GLU C 43 -0.97 -9.79 -21.15
N PRO C 44 -0.51 -10.57 -20.17
CA PRO C 44 0.44 -10.05 -19.18
C PRO C 44 1.84 -9.88 -19.74
N TYR C 45 2.66 -9.12 -19.04
CA TYR C 45 4.10 -9.03 -19.37
C TYR C 45 4.92 -8.44 -18.22
N VAL C 46 6.24 -8.43 -18.40
CA VAL C 46 7.17 -8.05 -17.36
C VAL C 46 8.22 -7.11 -17.91
N SER C 47 8.58 -6.12 -17.12
CA SER C 47 9.61 -5.16 -17.48
C SER C 47 10.16 -4.60 -16.18
N CYS C 48 11.42 -4.19 -16.22
CA CYS C 48 12.09 -3.78 -14.99
C CYS C 48 12.68 -2.40 -15.16
N ASP C 49 12.65 -1.62 -14.07
CA ASP C 49 13.43 -0.40 -13.97
C ASP C 49 14.88 -0.78 -13.54
N PRO C 50 15.81 0.20 -13.44
CA PRO C 50 17.18 -0.22 -13.06
C PRO C 50 17.29 -0.98 -11.72
N ASP C 51 16.30 -0.81 -10.84
CA ASP C 51 16.30 -1.45 -9.51
C ASP C 51 15.46 -2.72 -9.37
N LYS C 52 14.27 -2.73 -9.99
CA LYS C 52 13.30 -3.80 -9.72
C LYS C 52 12.35 -4.08 -10.89
N CYS C 53 11.69 -5.24 -10.86
CA CYS C 53 10.77 -5.64 -11.91
C CYS C 53 9.28 -5.37 -11.62
N TYR C 54 8.51 -5.14 -12.68
CA TYR C 54 7.06 -4.93 -12.57
C TYR C 54 6.30 -5.94 -13.41
N GLN C 55 5.09 -6.29 -12.98
CA GLN C 55 4.18 -7.06 -13.82
C GLN C 55 3.06 -6.16 -14.34
N PHE C 56 2.75 -6.35 -15.62
CA PHE C 56 1.76 -5.58 -16.33
C PHE C 56 0.77 -6.58 -16.90
N ALA C 57 -0.44 -6.09 -17.18
CA ALA C 57 -1.48 -6.90 -17.80
C ALA C 57 -2.64 -6.00 -18.21
N LEU C 58 -3.41 -6.47 -19.17
CA LEU C 58 -4.60 -5.76 -19.60
C LEU C 58 -5.74 -6.25 -18.75
N GLY C 59 -6.24 -5.35 -17.91
CA GLY C 59 -7.36 -5.65 -17.04
C GLY C 59 -8.62 -5.66 -17.87
N GLN C 60 -9.69 -6.23 -17.31
CA GLN C 60 -10.99 -6.22 -17.97
C GLN C 60 -11.99 -5.30 -17.26
N GLY C 61 -11.49 -4.36 -16.47
CA GLY C 61 -12.37 -3.46 -15.72
C GLY C 61 -13.28 -4.16 -14.74
N THR C 62 -12.89 -5.34 -14.28
CA THR C 62 -13.71 -6.11 -13.31
C THR C 62 -12.83 -7.05 -12.49
N THR C 63 -13.31 -7.43 -11.30
CA THR C 63 -12.72 -8.52 -10.52
C THR C 63 -13.36 -9.85 -10.92
N LEU C 64 -12.83 -10.96 -10.42
CA LEU C 64 -13.30 -12.29 -10.83
C LEU C 64 -14.64 -12.69 -10.23
N ASN C 65 -14.78 -12.55 -8.91
CA ASN C 65 -16.05 -12.82 -8.20
C ASN C 65 -16.94 -11.57 -8.22
N ASN C 66 -17.49 -11.31 -9.40
CA ASN C 66 -18.10 -10.04 -9.77
C ASN C 66 -18.98 -10.39 -10.96
N VAL C 67 -20.19 -9.86 -11.01
CA VAL C 67 -21.07 -10.18 -12.15
C VAL C 67 -20.48 -9.72 -13.49
N HIS C 68 -19.64 -8.68 -13.46
CA HIS C 68 -19.06 -8.15 -14.70
C HIS C 68 -18.01 -9.04 -15.33
N SER C 69 -17.65 -10.15 -14.69
CA SER C 69 -16.65 -11.05 -15.26
C SER C 69 -17.19 -11.97 -16.37
N ASN C 70 -18.51 -12.06 -16.51
CA ASN C 70 -19.15 -12.81 -17.61
C ASN C 70 -18.67 -12.23 -18.96
N ASN C 71 -18.25 -13.10 -19.87
CA ASN C 71 -17.82 -12.69 -21.23
C ASN C 71 -16.48 -11.98 -21.35
N THR C 72 -15.60 -12.18 -20.38
CA THR C 72 -14.28 -11.55 -20.42
C THR C 72 -13.37 -12.19 -21.46
N VAL C 73 -13.94 -13.13 -22.23
CA VAL C 73 -13.25 -13.74 -23.36
C VAL C 73 -13.03 -12.72 -24.47
N ARG C 74 -13.83 -11.65 -24.47
CA ARG C 74 -13.69 -10.57 -25.45
C ARG C 74 -12.42 -9.74 -25.19
N GLY C 75 -11.63 -9.55 -26.24
CA GLY C 75 -10.35 -8.88 -26.13
C GLY C 75 -10.31 -7.36 -26.16
N ARG C 76 -11.34 -6.73 -26.74
CA ARG C 76 -11.37 -5.26 -26.84
C ARG C 76 -12.68 -4.65 -26.34
N THR C 77 -12.62 -3.97 -25.19
CA THR C 77 -13.74 -3.21 -24.62
C THR C 77 -13.19 -1.85 -24.16
N PRO C 78 -14.07 -0.86 -23.91
CA PRO C 78 -13.64 0.45 -23.39
C PRO C 78 -13.18 0.40 -21.92
N TYR C 79 -13.41 -0.72 -21.25
CA TYR C 79 -13.11 -0.83 -19.82
C TYR C 79 -11.71 -1.38 -19.52
N ARG C 80 -11.04 -1.85 -20.56
CA ARG C 80 -9.73 -2.42 -20.41
C ARG C 80 -8.67 -1.36 -20.13
N THR C 81 -7.95 -1.55 -19.03
CA THR C 81 -6.85 -0.65 -18.65
C THR C 81 -5.57 -1.46 -18.43
N LEU C 82 -4.42 -0.81 -18.57
CA LEU C 82 -3.12 -1.43 -18.28
C LEU C 82 -2.79 -1.44 -16.78
N LEU C 83 -2.73 -2.63 -16.17
CA LEU C 83 -2.41 -2.78 -14.75
C LEU C 83 -0.89 -2.83 -14.50
N MET C 84 -0.44 -2.25 -13.38
CA MET C 84 0.99 -2.21 -13.05
C MET C 84 1.25 -2.42 -11.55
N ASN C 85 1.95 -3.50 -11.24
CA ASN C 85 2.35 -3.82 -9.88
C ASN C 85 3.82 -4.24 -9.89
N GLU C 86 4.45 -4.17 -8.72
CA GLU C 86 5.76 -4.77 -8.57
C GLU C 86 5.57 -6.27 -8.77
N LEU C 87 6.59 -6.88 -9.37
CA LEU C 87 6.52 -8.29 -9.71
C LEU C 87 6.28 -9.13 -8.45
N GLY C 88 5.21 -9.90 -8.49
CA GLY C 88 4.87 -10.80 -7.40
C GLY C 88 3.77 -10.26 -6.50
N VAL C 89 3.39 -9.01 -6.69
CA VAL C 89 2.17 -8.47 -6.06
C VAL C 89 1.00 -8.73 -7.01
N PRO C 90 0.10 -9.67 -6.65
CA PRO C 90 -1.06 -9.96 -7.49
C PRO C 90 -1.92 -8.71 -7.68
N PHE C 91 -2.66 -8.68 -8.79
CA PHE C 91 -3.52 -7.55 -9.13
C PHE C 91 -4.75 -7.49 -8.20
N HIS C 92 -4.55 -6.88 -7.04
CA HIS C 92 -5.58 -6.67 -6.03
C HIS C 92 -6.19 -5.28 -6.26
N LEU C 93 -7.05 -4.81 -5.34
CA LEU C 93 -7.79 -3.56 -5.58
C LEU C 93 -6.97 -2.28 -5.55
N GLY C 94 -5.85 -2.31 -4.83
CA GLY C 94 -4.94 -1.18 -4.79
C GLY C 94 -4.01 -1.04 -5.99
N THR C 95 -4.27 -1.81 -7.04
CA THR C 95 -3.41 -1.87 -8.21
C THR C 95 -3.61 -0.64 -9.11
N LYS C 96 -2.51 -0.06 -9.58
CA LYS C 96 -2.59 1.11 -10.45
C LYS C 96 -2.91 0.80 -11.91
N GLN C 97 -4.00 1.40 -12.40
CA GLN C 97 -4.31 1.37 -13.82
C GLN C 97 -3.57 2.53 -14.41
N VAL C 98 -2.55 2.25 -15.23
CA VAL C 98 -1.67 3.34 -15.69
C VAL C 98 -2.12 4.04 -16.97
N CYS C 99 -3.06 3.45 -17.70
CA CYS C 99 -3.65 4.04 -18.90
C CYS C 99 -4.80 3.18 -19.42
N ILE C 100 -5.56 3.74 -20.35
CA ILE C 100 -6.65 3.02 -21.01
C ILE C 100 -6.08 2.22 -22.18
N ALA C 101 -6.27 0.90 -22.16
CA ALA C 101 -5.65 0.05 -23.17
C ALA C 101 -6.31 -1.31 -23.35
N TRP C 102 -6.52 -1.70 -24.62
CA TRP C 102 -6.69 -3.11 -24.97
C TRP C 102 -5.49 -3.63 -25.79
N SER C 103 -4.44 -2.81 -25.89
CA SER C 103 -3.14 -3.25 -26.44
C SER C 103 -2.04 -2.34 -25.88
N SER C 104 -0.89 -2.89 -25.49
CA SER C 104 0.15 -2.04 -24.88
C SER C 104 1.59 -2.51 -24.92
N SER C 105 2.50 -1.60 -24.57
CA SER C 105 3.92 -1.87 -24.42
C SER C 105 4.53 -0.87 -23.43
N SER C 106 5.51 -1.32 -22.63
CA SER C 106 6.15 -0.42 -21.65
C SER C 106 7.65 -0.64 -21.58
N CYS C 107 8.37 0.39 -21.16
CA CYS C 107 9.80 0.26 -20.92
C CYS C 107 10.34 1.47 -20.17
N HIS C 108 11.40 1.24 -19.40
CA HIS C 108 12.06 2.30 -18.65
C HIS C 108 13.37 2.65 -19.37
N ASP C 109 13.62 3.93 -19.59
CA ASP C 109 14.81 4.36 -20.30
C ASP C 109 16.02 4.60 -19.35
N GLY C 110 15.82 4.26 -18.08
CA GLY C 110 16.84 4.53 -17.08
C GLY C 110 16.52 5.76 -16.25
N LYS C 111 15.72 6.67 -16.81
CA LYS C 111 15.25 7.85 -16.08
C LYS C 111 13.77 7.77 -15.71
N ALA C 112 12.95 7.21 -16.60
CA ALA C 112 11.50 7.15 -16.38
C ALA C 112 10.79 6.13 -17.25
N TRP C 113 9.54 5.82 -16.91
CA TRP C 113 8.72 4.87 -17.65
C TRP C 113 8.12 5.46 -18.92
N LEU C 114 8.11 4.67 -20.00
CA LEU C 114 7.27 4.91 -21.16
C LEU C 114 6.15 3.87 -21.22
N HIS C 115 4.93 4.31 -21.47
CA HIS C 115 3.81 3.41 -21.71
C HIS C 115 3.23 3.75 -23.08
N VAL C 116 3.03 2.73 -23.90
CA VAL C 116 2.33 2.90 -25.16
C VAL C 116 0.99 2.21 -25.06
N CYS C 117 -0.08 2.99 -25.08
CA CYS C 117 -1.42 2.49 -24.79
C CYS C 117 -2.38 2.70 -25.94
N ILE C 118 -3.08 1.64 -26.34
CA ILE C 118 -4.02 1.69 -27.47
C ILE C 118 -5.43 1.34 -27.04
N THR C 119 -6.35 2.28 -27.27
CA THR C 119 -7.77 2.09 -27.01
C THR C 119 -8.58 2.74 -28.15
N GLY C 120 -9.91 2.70 -28.08
CA GLY C 120 -10.80 3.29 -29.09
C GLY C 120 -11.61 2.30 -29.92
N ASP C 121 -12.21 2.78 -31.01
CA ASP C 121 -12.90 1.90 -31.99
C ASP C 121 -11.90 1.02 -32.76
N ASP C 122 -12.32 -0.20 -33.08
CA ASP C 122 -11.55 -1.12 -33.94
C ASP C 122 -10.98 -0.47 -35.18
N LYS C 123 -11.78 0.36 -35.86
CA LYS C 123 -11.37 0.97 -37.13
C LYS C 123 -10.87 2.40 -36.99
N ASN C 124 -10.67 2.86 -35.75
CA ASN C 124 -10.15 4.20 -35.53
C ASN C 124 -9.49 4.37 -34.16
N ALA C 125 -8.54 3.49 -33.85
CA ALA C 125 -7.93 3.42 -32.51
C ALA C 125 -6.91 4.52 -32.27
N THR C 126 -6.69 4.88 -31.00
CA THR C 126 -5.68 5.87 -30.63
C THR C 126 -4.58 5.19 -29.80
N ALA C 127 -3.34 5.51 -30.14
CA ALA C 127 -2.21 5.10 -29.36
C ALA C 127 -1.75 6.30 -28.56
N SER C 128 -1.82 6.19 -27.23
CA SER C 128 -1.30 7.22 -26.34
C SER C 128 0.12 6.89 -25.91
N PHE C 129 0.98 7.90 -25.86
CA PHE C 129 2.35 7.75 -25.34
C PHE C 129 2.56 8.57 -24.08
N ILE C 130 2.78 7.86 -22.98
CA ILE C 130 2.87 8.46 -21.65
C ILE C 130 4.26 8.25 -21.10
N TYR C 131 4.94 9.35 -20.79
CA TYR C 131 6.30 9.30 -20.29
C TYR C 131 6.42 10.14 -19.04
N ASN C 132 7.02 9.58 -17.99
CA ASN C 132 7.24 10.28 -16.71
C ASN C 132 5.94 10.85 -16.14
N GLY C 133 4.88 10.03 -16.15
CA GLY C 133 3.58 10.40 -15.59
C GLY C 133 2.77 11.46 -16.34
N ARG C 134 3.05 11.66 -17.62
CA ARG C 134 2.29 12.63 -18.42
C ARG C 134 2.21 12.22 -19.90
N LEU C 135 1.10 12.56 -20.55
CA LEU C 135 0.92 12.31 -21.98
C LEU C 135 1.77 13.26 -22.80
N VAL C 136 2.61 12.71 -23.68
CA VAL C 136 3.54 13.52 -24.45
C VAL C 136 3.20 13.47 -25.92
N ASP C 137 2.59 12.37 -26.36
CA ASP C 137 2.24 12.22 -27.78
C ASP C 137 1.10 11.22 -27.95
N SER C 138 0.56 11.17 -29.17
CA SER C 138 -0.43 10.16 -29.59
C SER C 138 -0.45 10.04 -31.12
N VAL C 139 -0.90 8.88 -31.63
CA VAL C 139 -1.06 8.69 -33.06
C VAL C 139 -2.32 7.87 -33.39
N VAL C 140 -2.99 8.23 -34.49
CA VAL C 140 -4.15 7.46 -35.00
C VAL C 140 -3.72 6.22 -35.73
N SER C 141 -4.63 5.25 -35.69
CA SER C 141 -4.64 4.11 -36.58
C SER C 141 -4.41 4.56 -38.01
N TRP C 142 -3.48 3.92 -38.70
CA TRP C 142 -3.12 4.33 -40.07
C TRP C 142 -3.82 3.54 -41.17
N SER C 143 -4.19 2.30 -40.91
CA SER C 143 -4.93 1.48 -41.88
C SER C 143 -6.34 1.14 -41.40
N LYS C 144 -6.74 1.70 -40.26
CA LYS C 144 -8.13 1.64 -39.79
C LYS C 144 -8.61 0.19 -39.62
N GLU C 145 -7.72 -0.67 -39.11
CA GLU C 145 -8.05 -2.06 -38.87
C GLU C 145 -7.25 -2.63 -37.69
N ILE C 146 -7.69 -2.30 -36.48
CA ILE C 146 -7.12 -2.83 -35.21
C ILE C 146 -5.62 -2.53 -35.03
N LEU C 147 -5.30 -1.25 -34.88
CA LEU C 147 -3.97 -0.82 -34.49
C LEU C 147 -3.55 -1.57 -33.22
N ARG C 148 -2.39 -2.20 -33.27
CA ARG C 148 -1.99 -3.10 -32.18
C ARG C 148 -0.46 -3.15 -32.00
N THR C 149 -0.02 -3.39 -30.78
CA THR C 149 1.41 -3.37 -30.47
C THR C 149 1.89 -4.69 -29.83
N GLN C 150 2.96 -4.60 -29.03
CA GLN C 150 3.76 -5.75 -28.68
C GLN C 150 3.16 -6.66 -27.61
N GLU C 151 2.46 -6.07 -26.63
CA GLU C 151 2.01 -6.81 -25.43
C GLU C 151 3.21 -7.38 -24.65
N SER C 152 4.33 -6.65 -24.70
CA SER C 152 5.52 -6.93 -23.89
C SER C 152 6.42 -5.69 -23.91
N GLU C 153 7.59 -5.75 -23.26
CA GLU C 153 8.37 -4.53 -23.04
C GLU C 153 8.97 -3.94 -24.31
N CYS C 154 9.02 -2.61 -24.38
CA CYS C 154 9.80 -1.94 -25.44
C CYS C 154 11.26 -1.83 -24.99
N VAL C 155 12.12 -1.27 -25.85
CA VAL C 155 13.55 -1.20 -25.54
C VAL C 155 14.13 0.18 -25.82
N CYS C 156 14.81 0.73 -24.82
CA CYS C 156 15.40 2.06 -24.90
C CYS C 156 16.92 2.00 -24.83
N ILE C 157 17.58 2.73 -25.72
CA ILE C 157 19.05 2.83 -25.78
C ILE C 157 19.47 4.29 -25.89
N ASN C 158 20.27 4.76 -24.93
CA ASN C 158 20.71 6.17 -24.89
C ASN C 158 19.55 7.15 -25.03
N GLY C 159 18.39 6.77 -24.50
CA GLY C 159 17.23 7.67 -24.43
C GLY C 159 16.27 7.62 -25.61
N THR C 160 16.56 6.79 -26.61
CA THR C 160 15.64 6.57 -27.70
C THR C 160 14.99 5.21 -27.51
N CYS C 161 13.68 5.21 -27.35
CA CYS C 161 12.94 3.96 -27.18
C CYS C 161 12.30 3.56 -28.50
N THR C 162 12.18 2.26 -28.70
CA THR C 162 11.62 1.77 -29.94
C THR C 162 10.47 0.81 -29.66
N VAL C 163 9.48 0.79 -30.54
CA VAL C 163 8.30 -0.04 -30.34
C VAL C 163 7.64 -0.46 -31.67
N VAL C 164 7.19 -1.69 -31.75
CA VAL C 164 6.60 -2.20 -33.00
C VAL C 164 5.08 -2.21 -32.95
N MET C 165 4.44 -1.58 -33.95
CA MET C 165 2.98 -1.52 -34.06
C MET C 165 2.49 -2.01 -35.41
N THR C 166 1.38 -2.74 -35.39
CA THR C 166 0.75 -3.22 -36.61
C THR C 166 -0.68 -2.71 -36.71
N ASP C 167 -1.04 -2.28 -37.92
CA ASP C 167 -2.41 -1.94 -38.28
C ASP C 167 -2.70 -2.66 -39.59
N GLY C 168 -3.86 -3.30 -39.69
CA GLY C 168 -4.21 -4.07 -40.89
C GLY C 168 -4.63 -5.50 -40.61
N SER C 169 -4.69 -6.31 -41.68
CA SER C 169 -5.31 -7.65 -41.63
C SER C 169 -4.60 -8.63 -40.70
N ALA C 170 -5.39 -9.51 -40.08
CA ALA C 170 -4.83 -10.56 -39.24
C ALA C 170 -4.46 -11.79 -40.06
N SER C 171 -4.87 -11.81 -41.33
CA SER C 171 -4.61 -12.97 -42.19
C SER C 171 -4.29 -12.59 -43.63
N GLY C 172 -3.54 -11.49 -43.78
CA GLY C 172 -3.08 -11.02 -45.07
C GLY C 172 -1.95 -10.02 -44.85
N LYS C 173 -1.56 -9.31 -45.92
CA LYS C 173 -0.64 -8.17 -45.80
C LYS C 173 -1.18 -7.21 -44.75
N ALA C 174 -0.26 -6.51 -44.08
CA ALA C 174 -0.60 -5.56 -43.02
C ALA C 174 0.45 -4.47 -42.97
N ASP C 175 0.15 -3.38 -42.25
CA ASP C 175 1.09 -2.26 -42.19
C ASP C 175 1.75 -2.13 -40.82
N THR C 176 3.01 -2.58 -40.77
CA THR C 176 3.78 -2.67 -39.54
C THR C 176 4.79 -1.55 -39.51
N LYS C 177 4.93 -0.91 -38.36
CA LYS C 177 5.78 0.25 -38.22
C LYS C 177 6.61 0.17 -36.95
N ILE C 178 7.75 0.85 -36.97
CA ILE C 178 8.65 0.86 -35.84
C ILE C 178 8.83 2.32 -35.49
N LEU C 179 8.47 2.67 -34.26
CA LEU C 179 8.49 4.06 -33.81
C LEU C 179 9.69 4.37 -32.91
N PHE C 180 10.23 5.57 -33.04
CA PHE C 180 11.34 5.97 -32.20
C PHE C 180 10.91 7.10 -31.31
N ILE C 181 10.99 6.85 -30.01
CA ILE C 181 10.44 7.75 -29.00
C ILE C 181 11.48 8.27 -28.01
N GLU C 182 11.53 9.59 -27.87
CA GLU C 182 12.48 10.22 -26.97
C GLU C 182 11.72 11.09 -25.98
N GLU C 183 11.72 10.67 -24.73
CA GLU C 183 10.98 11.34 -23.67
C GLU C 183 9.48 11.45 -24.01
N GLY C 184 8.92 10.37 -24.55
CA GLY C 184 7.52 10.29 -24.91
C GLY C 184 7.18 10.84 -26.29
N LYS C 185 8.14 11.54 -26.91
CA LYS C 185 7.93 12.15 -28.22
C LYS C 185 8.38 11.25 -29.37
N ILE C 186 7.42 10.83 -30.20
CA ILE C 186 7.71 10.17 -31.48
C ILE C 186 8.62 11.07 -32.31
N VAL C 187 9.89 10.71 -32.44
CA VAL C 187 10.86 11.51 -33.20
C VAL C 187 11.04 10.99 -34.64
N HIS C 188 10.75 9.72 -34.87
CA HIS C 188 10.86 9.12 -36.21
C HIS C 188 9.96 7.90 -36.34
N THR C 189 9.47 7.66 -37.55
CA THR C 189 8.70 6.45 -37.86
C THR C 189 9.27 5.77 -39.11
N SER C 190 9.73 4.53 -38.96
CA SER C 190 10.22 3.72 -40.08
C SER C 190 9.20 2.64 -40.37
N THR C 191 9.07 2.25 -41.63
CA THR C 191 8.12 1.22 -41.99
C THR C 191 8.83 -0.12 -42.11
N LEU C 192 8.11 -1.21 -41.89
CA LEU C 192 8.74 -2.52 -41.96
C LEU C 192 9.33 -2.78 -43.34
N SER C 193 10.55 -3.31 -43.34
CA SER C 193 11.27 -3.66 -44.56
C SER C 193 11.95 -5.02 -44.35
N GLY C 194 12.44 -5.64 -45.42
CA GLY C 194 12.99 -7.00 -45.32
C GLY C 194 12.00 -8.08 -45.74
N SER C 195 12.26 -9.33 -45.39
CA SER C 195 11.46 -10.42 -45.95
C SER C 195 10.35 -10.96 -45.06
N ALA C 196 10.26 -10.45 -43.84
CA ALA C 196 9.17 -10.78 -42.93
C ALA C 196 7.83 -10.35 -43.52
N GLN C 197 6.88 -11.28 -43.58
CA GLN C 197 5.64 -11.07 -44.33
C GLN C 197 4.42 -10.72 -43.50
N HIS C 198 4.42 -11.13 -42.24
CA HIS C 198 3.37 -10.75 -41.30
C HIS C 198 3.93 -10.76 -39.89
N VAL C 199 3.80 -9.62 -39.22
CA VAL C 199 4.52 -9.34 -37.98
C VAL C 199 3.57 -8.80 -36.93
N GLU C 200 3.47 -9.52 -35.82
CA GLU C 200 2.61 -9.15 -34.70
C GLU C 200 3.31 -9.41 -33.38
N GLU C 201 2.89 -8.66 -32.35
CA GLU C 201 3.26 -8.92 -30.95
C GLU C 201 4.74 -9.27 -30.78
N CYS C 202 5.62 -8.34 -31.13
CA CYS C 202 7.05 -8.61 -31.05
C CYS C 202 7.56 -8.69 -29.61
N SER C 203 8.34 -9.73 -29.32
CA SER C 203 9.12 -9.78 -28.12
C SER C 203 10.51 -9.25 -28.47
N CYS C 204 10.79 -8.03 -28.04
CA CYS C 204 12.04 -7.37 -28.37
C CYS C 204 13.03 -7.40 -27.23
N TYR C 205 14.31 -7.28 -27.58
CA TYR C 205 15.37 -7.19 -26.59
C TYR C 205 16.57 -6.39 -27.08
N PRO C 206 17.27 -5.70 -26.17
CA PRO C 206 18.47 -4.94 -26.57
C PRO C 206 19.61 -5.85 -27.04
N ARG C 207 20.25 -5.46 -28.13
CA ARG C 207 21.43 -6.17 -28.63
C ARG C 207 22.40 -5.10 -29.12
N TYR C 208 23.11 -4.50 -28.17
CA TYR C 208 23.90 -3.32 -28.48
C TYR C 208 24.75 -3.55 -29.74
N PRO C 209 24.75 -2.57 -30.68
CA PRO C 209 24.15 -1.24 -30.53
C PRO C 209 22.69 -1.09 -31.01
N GLY C 210 22.00 -2.20 -31.27
CA GLY C 210 20.61 -2.13 -31.71
C GLY C 210 19.63 -2.94 -30.86
N VAL C 211 18.51 -3.31 -31.49
CA VAL C 211 17.42 -4.03 -30.87
C VAL C 211 16.99 -5.15 -31.81
N ARG C 212 16.67 -6.31 -31.26
CA ARG C 212 16.16 -7.43 -32.04
C ARG C 212 14.80 -7.88 -31.51
N CYS C 213 13.93 -8.34 -32.40
CA CYS C 213 12.59 -8.79 -32.01
C CYS C 213 12.24 -10.09 -32.67
N VAL C 214 11.53 -10.94 -31.94
CA VAL C 214 10.99 -12.18 -32.45
C VAL C 214 9.48 -12.11 -32.29
N CYS C 215 8.77 -12.18 -33.40
CA CYS C 215 7.37 -11.80 -33.43
C CYS C 215 6.47 -12.97 -33.80
N ARG C 216 5.21 -12.65 -34.09
CA ARG C 216 4.19 -13.63 -34.45
C ARG C 216 3.78 -13.38 -35.91
N ASP C 217 3.76 -14.45 -36.70
CA ASP C 217 3.19 -14.42 -38.06
C ASP C 217 1.84 -15.13 -38.04
N ASN C 218 0.78 -14.35 -38.18
CA ASN C 218 -0.58 -14.87 -38.03
C ASN C 218 -1.17 -15.32 -39.38
N TRP C 219 -0.40 -15.15 -40.45
CA TRP C 219 -0.86 -15.37 -41.80
C TRP C 219 -0.38 -16.70 -42.39
N LYS C 220 0.87 -16.75 -42.84
CA LYS C 220 1.38 -17.96 -43.53
C LYS C 220 2.49 -18.75 -42.82
N GLY C 221 2.94 -18.27 -41.66
CA GLY C 221 4.12 -18.86 -41.02
C GLY C 221 3.94 -19.42 -39.62
N SER C 222 4.34 -20.67 -39.42
CA SER C 222 4.47 -21.24 -38.08
C SER C 222 5.91 -21.16 -37.57
N ASN C 223 6.83 -20.71 -38.43
CA ASN C 223 8.09 -20.11 -37.94
C ASN C 223 7.86 -18.64 -37.55
N ARG C 224 8.73 -18.11 -36.68
CA ARG C 224 8.58 -16.75 -36.19
C ARG C 224 9.48 -15.76 -36.94
N PRO C 225 8.94 -14.57 -37.26
CA PRO C 225 9.72 -13.47 -37.84
C PRO C 225 10.72 -12.84 -36.89
N ILE C 226 11.79 -12.28 -37.46
CA ILE C 226 12.81 -11.52 -36.74
C ILE C 226 12.86 -10.12 -37.34
N VAL C 227 13.01 -9.10 -36.50
CA VAL C 227 13.17 -7.73 -36.95
C VAL C 227 14.42 -7.11 -36.28
N ASP C 228 15.31 -6.54 -37.08
CA ASP C 228 16.49 -5.85 -36.54
C ASP C 228 16.29 -4.35 -36.67
N ILE C 229 16.51 -3.64 -35.57
CA ILE C 229 16.33 -2.21 -35.54
C ILE C 229 17.64 -1.52 -35.21
N ASN C 230 18.05 -0.65 -36.12
CA ASN C 230 19.21 0.17 -35.91
C ASN C 230 18.73 1.48 -35.34
N ILE C 231 19.12 1.77 -34.11
CA ILE C 231 18.55 2.85 -33.34
C ILE C 231 19.13 4.20 -33.75
N LYS C 232 20.21 4.16 -34.54
CA LYS C 232 20.89 5.40 -34.88
C LYS C 232 20.47 5.96 -36.24
N ASP C 233 20.45 5.12 -37.26
CA ASP C 233 20.00 5.53 -38.60
C ASP C 233 18.53 5.16 -38.89
N HIS C 234 17.89 4.49 -37.93
CA HIS C 234 16.47 4.12 -38.02
C HIS C 234 16.15 3.11 -39.13
N SER C 235 17.17 2.45 -39.67
CA SER C 235 16.96 1.42 -40.68
C SER C 235 16.47 0.11 -40.07
N ILE C 236 15.84 -0.71 -40.89
CA ILE C 236 15.17 -1.93 -40.45
C ILE C 236 15.47 -3.06 -41.44
N VAL C 237 15.75 -4.24 -40.92
CA VAL C 237 15.82 -5.45 -41.76
C VAL C 237 14.99 -6.51 -41.06
N SER C 238 14.49 -7.46 -41.83
CA SER C 238 13.66 -8.50 -41.27
C SER C 238 13.82 -9.81 -42.01
N SER C 239 13.64 -10.90 -41.27
CA SER C 239 13.67 -12.25 -41.82
C SER C 239 12.90 -13.16 -40.87
N TYR C 240 13.21 -14.46 -40.86
CA TYR C 240 12.59 -15.46 -39.96
C TYR C 240 13.62 -16.25 -39.14
N VAL C 241 13.16 -16.92 -38.10
CA VAL C 241 13.99 -17.82 -37.27
C VAL C 241 14.26 -19.13 -37.99
N CYS C 242 15.53 -19.39 -38.27
CA CYS C 242 15.96 -20.51 -39.11
C CYS C 242 15.60 -21.91 -38.58
N SER C 243 15.82 -22.13 -37.28
CA SER C 243 15.49 -23.39 -36.60
C SER C 243 14.40 -24.29 -37.19
N GLY C 244 14.76 -25.55 -37.43
CA GLY C 244 13.84 -26.58 -37.92
C GLY C 244 12.70 -26.86 -36.96
N LEU C 245 12.94 -26.67 -35.67
CA LEU C 245 11.88 -26.65 -34.67
C LEU C 245 11.33 -25.23 -34.56
N VAL C 246 10.06 -25.07 -34.93
CA VAL C 246 9.46 -23.75 -35.08
C VAL C 246 8.71 -23.36 -33.82
N GLY C 247 8.56 -22.06 -33.60
CA GLY C 247 8.07 -21.54 -32.31
C GLY C 247 6.62 -21.15 -32.18
N ASP C 248 5.90 -21.03 -33.30
CA ASP C 248 4.51 -20.63 -33.27
C ASP C 248 3.60 -21.78 -32.90
N THR C 249 2.37 -21.47 -32.52
CA THR C 249 1.30 -22.42 -32.26
C THR C 249 0.03 -21.86 -32.91
N PRO C 250 -0.62 -22.62 -33.81
CA PRO C 250 -0.35 -24.02 -34.21
C PRO C 250 0.87 -24.16 -35.10
N ARG C 251 1.25 -25.41 -35.33
CA ARG C 251 2.40 -25.78 -36.15
C ARG C 251 2.29 -27.27 -36.42
N LYS C 252 3.14 -27.78 -37.32
CA LYS C 252 3.24 -29.22 -37.56
C LYS C 252 4.15 -29.88 -36.52
N ASN C 253 3.98 -31.19 -36.30
CA ASN C 253 4.82 -31.91 -35.33
C ASN C 253 6.33 -31.91 -35.65
N ASP C 254 7.15 -32.38 -34.72
CA ASP C 254 8.60 -32.29 -34.84
C ASP C 254 9.21 -33.03 -36.05
N SER C 255 8.57 -34.09 -36.53
CA SER C 255 9.12 -34.86 -37.65
C SER C 255 8.69 -34.28 -39.00
N SER C 256 7.54 -33.60 -39.02
CA SER C 256 6.96 -33.07 -40.26
C SER C 256 7.36 -31.63 -40.54
N SER C 257 7.69 -30.87 -39.50
CA SER C 257 7.95 -29.43 -39.60
C SER C 257 9.20 -29.07 -40.43
N SER C 258 9.19 -27.88 -41.02
CA SER C 258 10.35 -27.31 -41.70
C SER C 258 10.34 -25.79 -41.56
N SER C 259 11.44 -25.15 -41.95
CA SER C 259 11.59 -23.70 -41.83
C SER C 259 12.32 -23.06 -43.02
N HIS C 260 12.52 -21.75 -42.95
CA HIS C 260 13.23 -20.99 -43.99
C HIS C 260 13.70 -19.68 -43.34
N CYS C 261 14.94 -19.28 -43.62
CA CYS C 261 15.49 -18.08 -42.98
C CYS C 261 14.91 -16.77 -43.50
N LEU C 262 14.13 -16.83 -44.58
CA LEU C 262 13.64 -15.60 -45.24
C LEU C 262 12.12 -15.57 -45.45
N ASP C 263 11.50 -16.74 -45.52
CA ASP C 263 10.10 -16.84 -45.91
C ASP C 263 9.27 -17.58 -44.86
N PRO C 264 7.96 -17.28 -44.80
CA PRO C 264 7.08 -18.09 -43.96
C PRO C 264 7.07 -19.54 -44.45
N ASN C 265 7.16 -20.49 -43.53
CA ASN C 265 7.28 -21.90 -43.87
C ASN C 265 6.06 -22.47 -44.58
N ASN C 266 4.95 -21.75 -44.51
CA ASN C 266 3.68 -22.20 -45.05
C ASN C 266 3.21 -23.52 -44.49
N GLU C 267 3.35 -23.71 -43.18
CA GLU C 267 2.88 -24.93 -42.55
C GLU C 267 1.99 -24.61 -41.35
N GLU C 268 0.68 -24.86 -41.52
CA GLU C 268 -0.33 -24.48 -40.54
C GLU C 268 -0.10 -23.04 -40.02
N GLY C 269 0.35 -22.17 -40.92
CA GLY C 269 0.81 -20.83 -40.60
C GLY C 269 -0.29 -19.92 -40.08
N GLY C 270 -1.52 -20.22 -40.46
CA GLY C 270 -2.69 -19.48 -39.95
C GLY C 270 -2.71 -19.46 -38.44
N HIS C 271 -3.19 -18.35 -37.88
CA HIS C 271 -3.25 -18.15 -36.42
C HIS C 271 -1.82 -18.13 -35.81
N GLY C 272 -1.76 -18.15 -34.48
CA GLY C 272 -0.48 -18.03 -33.81
C GLY C 272 -0.62 -17.78 -32.32
N VAL C 273 0.49 -17.40 -31.70
CA VAL C 273 0.55 -17.04 -30.30
C VAL C 273 1.81 -16.18 -30.08
N LYS C 274 1.75 -15.27 -29.12
CA LYS C 274 2.93 -14.49 -28.78
C LYS C 274 3.95 -15.42 -28.16
N GLY C 275 5.19 -15.38 -28.67
CA GLY C 275 6.27 -16.15 -28.12
C GLY C 275 7.57 -15.39 -28.30
N TRP C 276 8.69 -16.04 -28.02
CA TRP C 276 9.98 -15.35 -28.03
C TRP C 276 11.10 -16.29 -28.49
N ALA C 277 12.24 -15.69 -28.82
CA ALA C 277 13.49 -16.40 -29.02
C ALA C 277 14.64 -15.41 -28.95
N PHE C 278 15.85 -15.89 -28.70
CA PHE C 278 17.06 -15.07 -28.81
C PHE C 278 18.28 -15.87 -29.28
N ASP C 279 19.26 -15.17 -29.82
CA ASP C 279 20.46 -15.79 -30.39
C ASP C 279 21.59 -15.95 -29.39
N ASP C 280 22.23 -17.11 -29.49
CA ASP C 280 23.42 -17.41 -28.73
C ASP C 280 24.45 -17.95 -29.73
N GLY C 281 25.41 -17.10 -30.10
CA GLY C 281 26.32 -17.40 -31.18
C GLY C 281 25.45 -17.67 -32.41
N ASN C 282 25.50 -18.91 -32.90
CA ASN C 282 24.70 -19.36 -34.03
C ASN C 282 23.57 -20.31 -33.60
N ASP C 283 23.46 -20.55 -32.30
CA ASP C 283 22.32 -21.30 -31.77
C ASP C 283 21.18 -20.35 -31.31
N VAL C 284 20.02 -20.94 -30.99
CA VAL C 284 18.87 -20.16 -30.60
C VAL C 284 18.20 -20.72 -29.34
N TRP C 285 17.94 -19.85 -28.35
CA TRP C 285 17.04 -20.21 -27.24
C TRP C 285 15.63 -19.79 -27.58
N MET C 286 14.68 -20.67 -27.32
CA MET C 286 13.28 -20.38 -27.60
C MET C 286 12.37 -21.20 -26.71
N GLY C 287 11.14 -20.74 -26.57
CA GLY C 287 10.12 -21.49 -25.88
C GLY C 287 8.94 -21.67 -26.80
N ARG C 288 8.02 -22.55 -26.43
CA ARG C 288 6.82 -22.79 -27.19
C ARG C 288 5.86 -23.65 -26.41
N THR C 289 4.59 -23.71 -26.84
CA THR C 289 3.66 -24.64 -26.24
C THR C 289 4.11 -26.05 -26.57
N ILE C 290 3.83 -26.98 -25.68
CA ILE C 290 4.21 -28.37 -25.92
C ILE C 290 3.27 -28.98 -26.96
N ASN C 291 1.96 -28.82 -26.77
CA ASN C 291 0.96 -29.26 -27.73
C ASN C 291 1.09 -28.40 -28.99
N GLU C 292 1.03 -29.03 -30.17
CA GLU C 292 1.26 -28.34 -31.45
C GLU C 292 0.08 -27.53 -31.97
N THR C 293 -1.12 -27.77 -31.44
CA THR C 293 -2.32 -27.16 -32.01
C THR C 293 -3.11 -26.27 -31.04
N SER C 294 -2.93 -26.50 -29.75
CA SER C 294 -3.56 -25.65 -28.74
C SER C 294 -2.57 -25.16 -27.69
N ARG C 295 -3.01 -24.19 -26.89
CA ARG C 295 -2.18 -23.57 -25.89
C ARG C 295 -2.16 -24.39 -24.61
N LEU C 296 -1.50 -25.55 -24.70
CA LEU C 296 -1.37 -26.50 -23.60
C LEU C 296 0.11 -26.85 -23.38
N GLY C 297 0.53 -26.80 -22.12
CA GLY C 297 1.93 -27.02 -21.74
C GLY C 297 2.87 -25.96 -22.30
N TYR C 298 4.06 -25.83 -21.70
CA TYR C 298 5.09 -24.90 -22.18
C TYR C 298 6.52 -25.43 -21.93
N GLU C 299 7.42 -25.19 -22.88
CA GLU C 299 8.76 -25.76 -22.83
C GLU C 299 9.80 -24.82 -23.42
N THR C 300 11.02 -24.87 -22.89
CA THR C 300 12.16 -24.16 -23.48
C THR C 300 13.25 -25.15 -23.85
N PHE C 301 14.02 -24.80 -24.87
CA PHE C 301 15.22 -25.54 -25.22
C PHE C 301 16.17 -24.69 -26.02
N LYS C 302 17.36 -25.23 -26.28
CA LYS C 302 18.33 -24.64 -27.21
C LYS C 302 18.40 -25.48 -28.48
N VAL C 303 18.39 -24.79 -29.63
CA VAL C 303 18.55 -25.47 -30.92
C VAL C 303 19.95 -25.14 -31.43
N ILE C 304 20.74 -26.20 -31.59
CA ILE C 304 22.14 -26.07 -31.98
C ILE C 304 22.21 -25.71 -33.45
N GLU C 305 22.89 -24.60 -33.75
CA GLU C 305 22.92 -24.01 -35.08
C GLU C 305 21.53 -23.50 -35.53
N GLY C 306 20.57 -23.50 -34.63
CA GLY C 306 19.19 -23.12 -34.93
C GLY C 306 18.98 -21.69 -35.39
N TRP C 307 19.97 -20.82 -35.18
CA TRP C 307 19.84 -19.44 -35.58
C TRP C 307 20.33 -19.21 -37.02
N SER C 308 21.21 -20.08 -37.50
CA SER C 308 21.85 -19.88 -38.81
C SER C 308 21.72 -21.06 -39.77
N ASN C 309 20.92 -22.06 -39.41
CA ASN C 309 20.74 -23.24 -40.26
C ASN C 309 19.31 -23.79 -40.16
N PRO C 310 18.54 -23.68 -41.26
CA PRO C 310 17.15 -24.12 -41.27
C PRO C 310 16.91 -25.62 -41.36
N LYS C 311 17.98 -26.42 -41.44
CA LYS C 311 17.82 -27.88 -41.52
C LYS C 311 18.05 -28.54 -40.17
N SER C 312 18.54 -27.76 -39.19
CA SER C 312 18.85 -28.29 -37.87
C SER C 312 17.59 -28.53 -37.06
N LYS C 313 17.46 -29.73 -36.51
CA LYS C 313 16.38 -30.05 -35.59
C LYS C 313 16.95 -30.56 -34.27
N LEU C 314 18.19 -30.15 -34.00
CA LEU C 314 18.98 -30.67 -32.89
C LEU C 314 18.78 -29.83 -31.62
N GLN C 315 17.89 -30.29 -30.74
CA GLN C 315 17.65 -29.59 -29.49
C GLN C 315 18.46 -30.18 -28.35
N ILE C 316 18.91 -29.31 -27.46
CA ILE C 316 19.51 -29.72 -26.20
C ILE C 316 18.93 -28.85 -25.10
N ASN C 317 19.06 -29.29 -23.85
CA ASN C 317 18.73 -28.48 -22.67
C ASN C 317 17.25 -28.18 -22.52
N ARG C 318 16.40 -29.16 -22.82
CA ARG C 318 14.97 -28.97 -22.67
C ARG C 318 14.63 -28.69 -21.20
N GLN C 319 13.72 -27.75 -20.97
CA GLN C 319 13.04 -27.61 -19.68
C GLN C 319 11.54 -27.55 -19.90
N VAL C 320 10.80 -28.33 -19.12
CA VAL C 320 9.36 -28.22 -19.06
C VAL C 320 9.06 -27.11 -18.04
N ILE C 321 8.33 -26.09 -18.47
CA ILE C 321 7.93 -25.03 -17.55
C ILE C 321 6.53 -25.33 -17.02
N VAL C 322 5.65 -25.76 -17.92
CA VAL C 322 4.29 -26.17 -17.58
C VAL C 322 4.00 -27.48 -18.30
N ASP C 323 3.52 -28.47 -17.57
CA ASP C 323 3.30 -29.80 -18.13
C ASP C 323 2.16 -29.80 -19.13
N ARG C 324 2.23 -30.73 -20.09
CA ARG C 324 1.37 -30.76 -21.28
C ARG C 324 -0.11 -30.96 -20.99
N GLY C 325 -0.44 -31.24 -19.73
CA GLY C 325 -1.83 -31.37 -19.33
C GLY C 325 -2.46 -30.09 -18.83
N ASN C 326 -1.64 -29.06 -18.59
CA ASN C 326 -2.13 -27.76 -18.09
C ASN C 326 -2.08 -26.66 -19.14
N ARG C 327 -2.90 -25.63 -18.95
CA ARG C 327 -3.00 -24.54 -19.93
C ARG C 327 -1.85 -23.55 -19.84
N SER C 328 -1.38 -23.11 -21.01
CA SER C 328 -0.39 -22.05 -21.09
C SER C 328 -1.01 -20.86 -21.81
N GLY C 329 -0.24 -20.17 -22.64
CA GLY C 329 -0.74 -18.98 -23.34
C GLY C 329 0.39 -18.18 -23.93
N TYR C 330 0.25 -16.87 -23.93
CA TYR C 330 1.30 -15.94 -24.40
C TYR C 330 2.61 -16.10 -23.61
N SER C 331 3.72 -15.75 -24.23
CA SER C 331 4.98 -15.69 -23.52
C SER C 331 5.84 -14.65 -24.20
N GLY C 332 6.74 -14.03 -23.47
CA GLY C 332 7.63 -13.05 -24.05
C GLY C 332 8.87 -12.83 -23.25
N ILE C 333 9.81 -12.10 -23.85
CA ILE C 333 11.13 -11.87 -23.27
C ILE C 333 11.19 -10.56 -22.50
N PHE C 334 12.20 -10.45 -21.62
CA PHE C 334 12.63 -9.19 -21.07
C PHE C 334 14.09 -9.27 -20.57
N SER C 335 14.78 -8.15 -20.62
CA SER C 335 16.21 -8.16 -20.33
C SER C 335 16.53 -7.49 -19.02
N VAL C 336 17.46 -8.07 -18.28
CA VAL C 336 17.90 -7.54 -17.00
C VAL C 336 19.42 -7.28 -17.00
N GLU C 337 19.81 -6.07 -16.62
CA GLU C 337 21.19 -5.65 -16.59
C GLU C 337 21.92 -6.12 -15.33
N GLY C 338 22.95 -6.94 -15.51
CA GLY C 338 23.78 -7.43 -14.41
C GLY C 338 25.03 -6.61 -14.19
N LYS C 339 25.85 -7.05 -13.23
CA LYS C 339 27.11 -6.40 -12.90
C LYS C 339 27.96 -6.23 -14.16
N SER C 340 28.11 -7.32 -14.90
CA SER C 340 28.99 -7.37 -16.06
C SER C 340 28.29 -7.70 -17.38
N CYS C 341 27.03 -8.13 -17.33
CA CYS C 341 26.38 -8.62 -18.53
C CYS C 341 24.84 -8.49 -18.56
N ILE C 342 24.24 -8.58 -19.75
CA ILE C 342 22.78 -8.50 -19.86
C ILE C 342 22.15 -9.89 -19.82
N ASN C 343 21.26 -10.12 -18.87
CA ASN C 343 20.58 -11.40 -18.77
C ASN C 343 19.28 -11.38 -19.60
N ARG C 344 18.81 -12.55 -20.01
CA ARG C 344 17.51 -12.67 -20.67
C ARG C 344 16.58 -13.52 -19.81
N CYS C 345 15.34 -13.04 -19.64
CA CYS C 345 14.33 -13.77 -18.86
C CYS C 345 13.04 -13.90 -19.68
N PHE C 346 12.08 -14.71 -19.22
CA PHE C 346 10.78 -14.79 -19.88
C PHE C 346 9.61 -15.07 -18.93
N TYR C 347 8.42 -14.66 -19.35
CA TYR C 347 7.17 -14.91 -18.60
C TYR C 347 6.25 -15.82 -19.42
N VAL C 348 5.29 -16.45 -18.75
CA VAL C 348 4.32 -17.30 -19.41
C VAL C 348 2.93 -17.04 -18.85
N GLU C 349 2.00 -16.73 -19.74
CA GLU C 349 0.58 -16.49 -19.44
C GLU C 349 -0.12 -17.83 -19.22
N LEU C 350 -0.72 -17.99 -18.05
CA LEU C 350 -1.47 -19.19 -17.75
C LEU C 350 -2.96 -18.89 -17.84
N ILE C 351 -3.55 -19.12 -19.02
CA ILE C 351 -4.96 -18.79 -19.30
C ILE C 351 -5.94 -19.83 -18.77
N ARG C 352 -6.95 -19.36 -18.03
CA ARG C 352 -8.07 -20.20 -17.57
C ARG C 352 -9.45 -19.68 -17.99
N GLY C 353 -10.41 -20.59 -18.16
CA GLY C 353 -11.80 -20.23 -18.49
C GLY C 353 -12.21 -20.43 -19.95
N ARG C 354 -13.20 -19.64 -20.38
CA ARG C 354 -13.79 -19.74 -21.72
C ARG C 354 -12.82 -19.36 -22.83
N LYS C 355 -12.96 -19.93 -24.03
CA LYS C 355 -14.02 -20.90 -24.38
C LYS C 355 -13.65 -22.31 -23.98
N GLU C 356 -12.35 -22.56 -23.90
CA GLU C 356 -11.82 -23.91 -23.73
C GLU C 356 -12.33 -24.65 -22.49
N GLU C 357 -12.68 -23.90 -21.44
CA GLU C 357 -13.25 -24.48 -20.22
C GLU C 357 -14.60 -23.86 -19.92
N THR C 358 -15.62 -24.70 -19.73
CA THR C 358 -17.00 -24.20 -19.61
C THR C 358 -17.60 -24.29 -18.22
N GLU C 359 -16.79 -24.55 -17.21
CA GLU C 359 -17.30 -24.67 -15.83
C GLU C 359 -17.52 -23.30 -15.17
N VAL C 360 -17.02 -22.26 -15.83
CA VAL C 360 -17.12 -20.86 -15.38
C VAL C 360 -17.45 -19.96 -16.56
N LEU C 361 -17.86 -18.73 -16.28
CA LEU C 361 -18.24 -17.79 -17.33
C LEU C 361 -17.15 -16.82 -17.79
N TRP C 362 -16.06 -16.73 -17.01
CA TRP C 362 -15.00 -15.73 -17.25
C TRP C 362 -13.78 -16.28 -18.03
N THR C 363 -12.87 -15.37 -18.34
CA THR C 363 -11.58 -15.71 -18.90
C THR C 363 -10.52 -14.81 -18.30
N SER C 364 -9.57 -15.44 -17.62
CA SER C 364 -8.50 -14.73 -16.95
C SER C 364 -7.20 -15.51 -17.10
N ASN C 365 -6.15 -15.07 -16.41
CA ASN C 365 -4.86 -15.75 -16.41
C ASN C 365 -4.11 -15.54 -15.10
N SER C 366 -3.08 -16.36 -14.90
CA SER C 366 -2.02 -16.04 -13.96
C SER C 366 -0.68 -16.06 -14.70
N ILE C 367 0.41 -15.81 -13.99
CA ILE C 367 1.72 -15.82 -14.64
C ILE C 367 2.79 -16.61 -13.90
N VAL C 368 3.78 -17.05 -14.67
CA VAL C 368 4.98 -17.67 -14.12
C VAL C 368 6.18 -17.10 -14.89
N VAL C 369 7.27 -16.82 -14.17
CA VAL C 369 8.43 -16.12 -14.73
C VAL C 369 9.71 -16.90 -14.41
N PHE C 370 10.63 -16.90 -15.37
CA PHE C 370 11.89 -17.63 -15.26
C PHE C 370 12.98 -16.73 -15.78
N CYS C 371 14.20 -16.92 -15.29
CA CYS C 371 15.32 -16.09 -15.74
C CYS C 371 16.51 -16.93 -16.17
N GLY C 372 17.32 -16.35 -17.04
CA GLY C 372 18.57 -16.96 -17.49
C GLY C 372 19.53 -17.12 -16.33
N THR C 373 20.29 -18.20 -16.37
CA THR C 373 21.29 -18.53 -15.36
C THR C 373 22.48 -19.16 -16.07
N SER C 374 23.69 -18.91 -15.54
CA SER C 374 24.91 -19.60 -15.99
C SER C 374 25.22 -20.81 -15.09
N GLY C 375 24.55 -20.90 -13.95
CA GLY C 375 24.68 -22.04 -13.05
C GLY C 375 23.89 -23.27 -13.49
N THR C 376 23.41 -24.03 -12.52
CA THR C 376 22.74 -25.30 -12.79
C THR C 376 21.28 -25.32 -12.29
N TYR C 377 20.50 -26.32 -12.70
CA TYR C 377 19.06 -26.36 -12.40
C TYR C 377 18.48 -27.76 -12.56
N GLY C 378 17.24 -27.93 -12.13
CA GLY C 378 16.58 -29.24 -12.15
C GLY C 378 15.33 -29.26 -12.98
N THR C 379 14.30 -29.92 -12.48
CA THR C 379 13.04 -30.06 -13.22
C THR C 379 11.84 -29.77 -12.34
N GLY C 380 10.72 -29.47 -12.99
CA GLY C 380 9.43 -29.38 -12.34
C GLY C 380 8.36 -28.95 -13.33
N SER C 381 7.22 -28.53 -12.79
CA SER C 381 6.14 -27.98 -13.58
C SER C 381 5.38 -27.03 -12.66
N TRP C 382 5.10 -25.83 -13.15
CA TRP C 382 4.46 -24.80 -12.35
C TRP C 382 3.20 -24.27 -13.04
N PRO C 383 2.11 -25.06 -13.03
CA PRO C 383 0.90 -24.65 -13.74
C PRO C 383 0.10 -23.61 -12.95
N ASP C 384 -1.07 -23.23 -13.47
CA ASP C 384 -1.93 -22.27 -12.81
C ASP C 384 -2.42 -22.80 -11.45
N GLY C 385 -2.96 -24.01 -11.44
CA GLY C 385 -3.32 -24.70 -10.20
C GLY C 385 -4.71 -24.44 -9.62
N ALA C 386 -5.55 -23.69 -10.31
CA ALA C 386 -6.90 -23.47 -9.78
C ALA C 386 -7.82 -24.65 -10.07
N ASP C 387 -8.79 -24.87 -9.20
CA ASP C 387 -9.82 -25.89 -9.40
C ASP C 387 -11.11 -25.23 -9.87
N LEU C 388 -11.29 -25.14 -11.19
CA LEU C 388 -12.48 -24.50 -11.76
C LEU C 388 -13.80 -25.12 -11.34
N ASN C 389 -13.78 -26.43 -11.08
CA ASN C 389 -14.93 -27.17 -10.53
C ASN C 389 -15.49 -26.53 -9.29
N LEU C 390 -14.62 -25.83 -8.57
CA LEU C 390 -14.94 -25.32 -7.25
C LEU C 390 -15.03 -23.79 -7.18
N MET C 391 -14.99 -23.13 -8.34
CA MET C 391 -15.03 -21.67 -8.40
C MET C 391 -16.45 -21.12 -8.40
N PRO C 392 -16.62 -19.82 -8.02
CA PRO C 392 -17.87 -19.05 -8.11
C PRO C 392 -18.75 -19.35 -9.33
N ILE C 393 -20.06 -19.52 -9.09
CA ILE C 393 -21.06 -19.62 -10.17
C ILE C 393 -21.40 -18.24 -10.74
N ALA D 6 14.22 22.11 -4.09
CA ALA D 6 12.77 22.27 -4.47
C ALA D 6 12.43 23.74 -4.67
N GLU D 7 11.83 24.02 -5.82
CA GLU D 7 11.48 25.37 -6.26
C GLU D 7 9.96 25.47 -6.42
N TYR D 8 9.44 26.69 -6.30
CA TYR D 8 8.03 26.96 -6.56
C TYR D 8 7.73 26.80 -8.05
N ARG D 9 6.51 26.36 -8.37
CA ARG D 9 6.04 26.36 -9.75
C ARG D 9 5.66 27.77 -10.16
N ASN D 10 6.05 28.16 -11.37
CA ASN D 10 5.74 29.47 -11.92
C ASN D 10 4.81 29.33 -13.12
N TRP D 11 4.82 28.15 -13.73
CA TRP D 11 4.03 27.86 -14.92
C TRP D 11 4.33 28.83 -16.09
N SER D 12 5.58 29.29 -16.16
CA SER D 12 5.94 30.33 -17.11
C SER D 12 6.51 29.74 -18.38
N LYS D 13 5.71 28.90 -19.01
CA LYS D 13 5.99 28.39 -20.34
C LYS D 13 4.74 28.61 -21.17
N PRO D 14 4.88 28.64 -22.51
CA PRO D 14 3.67 28.81 -23.32
C PRO D 14 2.76 27.59 -23.25
N GLN D 15 1.46 27.79 -23.44
CA GLN D 15 0.51 26.68 -23.58
C GLN D 15 0.93 25.81 -24.77
N CYS D 16 0.85 24.48 -24.60
CA CYS D 16 1.22 23.54 -25.67
C CYS D 16 0.22 23.61 -26.83
N ASP D 17 0.71 23.43 -28.06
CA ASP D 17 -0.14 23.20 -29.25
C ASP D 17 -1.13 22.10 -28.96
N ILE D 18 -2.38 22.29 -29.38
CA ILE D 18 -3.43 21.29 -29.14
C ILE D 18 -4.28 21.05 -30.39
N THR D 19 -4.37 19.78 -30.79
CA THR D 19 -5.15 19.42 -31.97
C THR D 19 -6.37 18.63 -31.52
N GLY D 20 -6.46 18.41 -30.21
CA GLY D 20 -7.49 17.56 -29.62
C GLY D 20 -6.94 16.83 -28.41
N PHE D 21 -7.62 15.76 -28.02
CA PHE D 21 -7.32 15.12 -26.77
C PHE D 21 -7.17 13.63 -26.95
N ALA D 22 -6.26 13.05 -26.16
CA ALA D 22 -5.99 11.61 -26.18
C ALA D 22 -6.39 10.98 -24.82
N PRO D 23 -6.79 9.70 -24.83
CA PRO D 23 -7.05 8.96 -23.60
C PRO D 23 -5.85 8.96 -22.66
N PHE D 24 -6.11 9.16 -21.38
CA PHE D 24 -5.09 9.19 -20.33
C PHE D 24 -5.38 8.16 -19.23
N SER D 25 -6.59 8.18 -18.66
CA SER D 25 -6.90 7.30 -17.54
C SER D 25 -8.41 6.99 -17.35
N LYS D 26 -8.69 5.87 -16.69
CA LYS D 26 -10.05 5.44 -16.41
C LYS D 26 -10.04 4.53 -15.20
N ASP D 27 -10.96 4.74 -14.25
CA ASP D 27 -10.88 3.98 -13.01
C ASP D 27 -11.81 2.79 -12.83
N ASN D 28 -12.91 2.74 -13.60
CA ASN D 28 -13.81 1.58 -13.62
C ASN D 28 -14.40 1.27 -12.23
N SER D 29 -14.60 2.30 -11.43
CA SER D 29 -14.95 2.16 -10.01
C SER D 29 -16.25 1.42 -9.70
N ILE D 30 -17.34 1.73 -10.42
CA ILE D 30 -18.63 1.08 -10.14
C ILE D 30 -18.57 -0.39 -10.53
N ARG D 31 -17.92 -0.66 -11.66
CA ARG D 31 -17.76 -2.04 -12.12
C ARG D 31 -17.03 -2.90 -11.11
N LEU D 32 -16.00 -2.34 -10.49
CA LEU D 32 -15.21 -3.06 -9.49
C LEU D 32 -15.98 -3.23 -8.18
N SER D 33 -16.78 -2.23 -7.82
CA SER D 33 -17.59 -2.26 -6.58
C SER D 33 -18.64 -3.37 -6.52
N ALA D 34 -19.02 -3.89 -7.68
CA ALA D 34 -19.92 -5.04 -7.76
C ALA D 34 -19.27 -6.31 -7.20
N GLY D 35 -17.96 -6.23 -6.97
CA GLY D 35 -17.20 -7.36 -6.45
C GLY D 35 -15.92 -6.93 -5.75
N GLY D 36 -16.04 -6.02 -4.78
CA GLY D 36 -14.91 -5.50 -4.01
C GLY D 36 -15.35 -4.34 -3.14
N ASP D 37 -14.48 -3.86 -2.26
CA ASP D 37 -14.84 -2.76 -1.35
C ASP D 37 -14.36 -1.39 -1.87
N ILE D 38 -15.24 -0.72 -2.61
CA ILE D 38 -14.95 0.60 -3.19
C ILE D 38 -15.80 1.69 -2.51
N TRP D 39 -15.21 2.86 -2.33
CA TRP D 39 -15.90 4.01 -1.75
C TRP D 39 -17.04 4.52 -2.61
N VAL D 40 -18.08 4.98 -1.94
CA VAL D 40 -19.10 5.76 -2.60
C VAL D 40 -18.59 7.19 -2.61
N THR D 41 -18.66 7.83 -3.78
CA THR D 41 -18.08 9.15 -3.99
C THR D 41 -18.95 10.00 -4.88
N ARG D 42 -18.61 11.29 -4.95
CA ARG D 42 -19.02 12.20 -6.02
C ARG D 42 -18.09 13.42 -6.04
N GLU D 43 -18.24 14.27 -7.06
CA GLU D 43 -17.45 15.50 -7.21
C GLU D 43 -15.93 15.21 -7.33
N PRO D 44 -15.53 14.36 -8.28
CA PRO D 44 -14.13 13.97 -8.39
C PRO D 44 -13.32 15.04 -9.08
N TYR D 45 -12.00 15.01 -8.91
CA TYR D 45 -11.12 15.84 -9.73
C TYR D 45 -9.72 15.26 -9.80
N VAL D 46 -8.82 15.94 -10.51
CA VAL D 46 -7.46 15.44 -10.77
C VAL D 46 -6.51 16.59 -10.58
N SER D 47 -5.37 16.34 -9.95
CA SER D 47 -4.34 17.35 -9.82
C SER D 47 -3.01 16.64 -9.68
N CYS D 48 -1.94 17.27 -10.15
CA CYS D 48 -0.66 16.59 -10.22
C CYS D 48 0.42 17.36 -9.46
N ASP D 49 1.27 16.62 -8.75
CA ASP D 49 2.49 17.24 -8.25
C ASP D 49 3.48 17.33 -9.42
N PRO D 50 4.67 17.90 -9.22
CA PRO D 50 5.62 18.02 -10.35
C PRO D 50 5.94 16.70 -11.06
N ASP D 51 5.83 15.59 -10.35
CA ASP D 51 6.19 14.28 -10.89
C ASP D 51 5.03 13.43 -11.38
N LYS D 52 3.86 13.56 -10.75
CA LYS D 52 2.72 12.68 -11.11
C LYS D 52 1.35 13.21 -10.71
N CYS D 53 0.32 12.59 -11.29
CA CYS D 53 -1.07 12.97 -11.08
C CYS D 53 -1.75 12.21 -9.95
N TYR D 54 -2.70 12.88 -9.32
CA TYR D 54 -3.55 12.30 -8.28
C TYR D 54 -5.03 12.50 -8.60
N GLN D 55 -5.84 11.51 -8.21
CA GLN D 55 -7.31 11.61 -8.29
C GLN D 55 -7.93 11.83 -6.90
N PHE D 56 -8.76 12.87 -6.81
CA PHE D 56 -9.49 13.23 -5.59
C PHE D 56 -10.98 13.00 -5.78
N ALA D 57 -11.71 12.85 -4.68
CA ALA D 57 -13.16 12.85 -4.72
C ALA D 57 -13.73 13.01 -3.31
N LEU D 58 -14.98 13.45 -3.21
CA LEU D 58 -15.67 13.53 -1.94
C LEU D 58 -16.35 12.20 -1.64
N GLY D 59 -15.95 11.59 -0.53
CA GLY D 59 -16.52 10.31 -0.12
C GLY D 59 -17.85 10.53 0.60
N GLN D 60 -18.57 9.44 0.83
CA GLN D 60 -19.81 9.51 1.57
C GLN D 60 -19.69 8.81 2.92
N GLY D 61 -18.47 8.50 3.33
CA GLY D 61 -18.25 7.82 4.59
C GLY D 61 -18.70 6.36 4.56
N THR D 62 -18.76 5.78 3.36
CA THR D 62 -19.27 4.42 3.18
C THR D 62 -18.70 3.80 1.92
N THR D 63 -18.64 2.46 1.90
CA THR D 63 -18.42 1.70 0.67
C THR D 63 -19.77 1.46 -0.04
N LEU D 64 -19.72 1.00 -1.29
CA LEU D 64 -20.95 0.79 -2.07
C LEU D 64 -21.74 -0.43 -1.56
N ASN D 65 -21.10 -1.59 -1.49
CA ASN D 65 -21.75 -2.76 -0.95
C ASN D 65 -21.77 -2.69 0.57
N ASN D 66 -22.74 -1.96 1.10
CA ASN D 66 -22.72 -1.47 2.48
C ASN D 66 -24.11 -0.90 2.76
N VAL D 67 -24.69 -1.17 3.92
CA VAL D 67 -26.01 -0.63 4.23
C VAL D 67 -26.04 0.91 4.20
N HIS D 68 -24.91 1.55 4.54
CA HIS D 68 -24.83 3.01 4.62
C HIS D 68 -24.77 3.74 3.27
N SER D 69 -24.74 2.99 2.17
CA SER D 69 -24.81 3.63 0.85
C SER D 69 -26.24 4.04 0.46
N ASN D 70 -27.25 3.50 1.16
CA ASN D 70 -28.63 3.92 0.98
C ASN D 70 -28.69 5.42 1.16
N ASN D 71 -29.25 6.10 0.16
CA ASN D 71 -29.49 7.55 0.22
C ASN D 71 -28.28 8.46 0.04
N THR D 72 -27.25 7.96 -0.63
CA THR D 72 -26.03 8.76 -0.84
C THR D 72 -26.22 9.85 -1.91
N VAL D 73 -27.48 10.13 -2.23
CA VAL D 73 -27.84 11.19 -3.16
C VAL D 73 -27.68 12.54 -2.46
N ARG D 74 -27.90 12.57 -1.14
CA ARG D 74 -27.66 13.75 -0.31
C ARG D 74 -26.20 14.20 -0.43
N GLY D 75 -26.00 15.49 -0.64
CA GLY D 75 -24.67 16.04 -0.93
C GLY D 75 -23.83 16.54 0.22
N ARG D 76 -24.46 16.87 1.34
CA ARG D 76 -23.74 17.40 2.51
C ARG D 76 -24.10 16.63 3.77
N THR D 77 -23.14 15.87 4.28
CA THR D 77 -23.28 15.15 5.55
C THR D 77 -21.96 15.31 6.32
N PRO D 78 -22.01 15.08 7.65
CA PRO D 78 -20.82 15.09 8.49
C PRO D 78 -19.77 14.03 8.09
N TYR D 79 -20.17 13.02 7.33
CA TYR D 79 -19.30 11.87 7.05
C TYR D 79 -18.51 12.01 5.76
N ARG D 80 -18.67 13.15 5.10
CA ARG D 80 -17.98 13.38 3.84
C ARG D 80 -16.55 13.82 4.06
N THR D 81 -15.63 13.11 3.41
CA THR D 81 -14.20 13.40 3.51
C THR D 81 -13.61 13.49 2.11
N LEU D 82 -12.52 14.24 1.97
CA LEU D 82 -11.82 14.31 0.71
C LEU D 82 -10.88 13.12 0.57
N LEU D 83 -11.14 12.26 -0.42
CA LEU D 83 -10.27 11.12 -0.75
C LEU D 83 -9.15 11.53 -1.68
N MET D 84 -8.01 10.84 -1.60
CA MET D 84 -6.85 11.17 -2.45
C MET D 84 -6.01 9.93 -2.71
N ASN D 85 -5.76 9.66 -3.98
CA ASN D 85 -4.96 8.52 -4.46
C ASN D 85 -4.09 8.98 -5.63
N GLU D 86 -3.14 8.15 -6.03
CA GLU D 86 -2.47 8.35 -7.31
C GLU D 86 -3.47 8.03 -8.41
N LEU D 87 -3.32 8.74 -9.52
CA LEU D 87 -4.28 8.64 -10.59
C LEU D 87 -4.24 7.22 -11.12
N GLY D 88 -5.42 6.57 -11.15
CA GLY D 88 -5.56 5.18 -11.61
C GLY D 88 -5.70 4.14 -10.52
N VAL D 89 -5.48 4.56 -9.28
CA VAL D 89 -5.70 3.68 -8.13
C VAL D 89 -7.13 3.96 -7.67
N PRO D 90 -8.00 2.95 -7.76
CA PRO D 90 -9.38 3.22 -7.39
C PRO D 90 -9.49 3.39 -5.89
N PHE D 91 -10.56 4.02 -5.45
CA PHE D 91 -10.79 4.31 -4.03
C PHE D 91 -11.17 3.06 -3.23
N HIS D 92 -10.15 2.22 -2.96
CA HIS D 92 -10.26 1.02 -2.15
C HIS D 92 -10.16 1.39 -0.64
N LEU D 93 -10.12 0.42 0.25
CA LEU D 93 -10.20 0.75 1.67
C LEU D 93 -8.94 1.32 2.32
N GLY D 94 -7.80 1.25 1.61
CA GLY D 94 -6.56 1.84 2.08
C GLY D 94 -6.35 3.26 1.53
N THR D 95 -7.43 3.84 1.00
CA THR D 95 -7.40 5.20 0.47
C THR D 95 -7.34 6.21 1.60
N LYS D 96 -6.53 7.26 1.42
CA LYS D 96 -6.37 8.26 2.44
C LYS D 96 -7.45 9.36 2.38
N GLN D 97 -8.13 9.56 3.51
CA GLN D 97 -9.01 10.70 3.71
C GLN D 97 -8.16 11.87 4.21
N VAL D 98 -8.03 12.92 3.39
CA VAL D 98 -7.07 14.00 3.71
C VAL D 98 -7.63 15.16 4.51
N CYS D 99 -8.94 15.25 4.66
CA CYS D 99 -9.60 16.28 5.48
C CYS D 99 -11.10 16.03 5.47
N ILE D 100 -11.83 16.73 6.33
CA ILE D 100 -13.30 16.63 6.39
C ILE D 100 -13.90 17.61 5.39
N ALA D 101 -14.73 17.13 4.47
CA ALA D 101 -15.23 17.98 3.38
C ALA D 101 -16.46 17.45 2.64
N TRP D 102 -17.49 18.30 2.55
CA TRP D 102 -18.51 18.16 1.49
C TRP D 102 -18.29 19.18 0.34
N SER D 103 -17.20 19.95 0.41
CA SER D 103 -16.73 20.77 -0.71
C SER D 103 -15.21 21.00 -0.55
N SER D 104 -14.46 20.92 -1.64
CA SER D 104 -12.99 21.02 -1.54
C SER D 104 -12.29 21.46 -2.80
N SER D 105 -11.01 21.79 -2.64
CA SER D 105 -10.12 22.13 -3.74
C SER D 105 -8.69 21.81 -3.31
N SER D 106 -7.85 21.34 -4.24
CA SER D 106 -6.45 21.05 -3.94
C SER D 106 -5.47 21.51 -5.01
N CYS D 107 -4.25 21.89 -4.59
CA CYS D 107 -3.16 22.18 -5.55
C CYS D 107 -1.77 21.98 -4.94
N HIS D 108 -0.79 21.73 -5.78
CA HIS D 108 0.58 21.60 -5.34
C HIS D 108 1.35 22.85 -5.81
N ASP D 109 2.00 23.54 -4.88
CA ASP D 109 2.75 24.76 -5.22
C ASP D 109 4.17 24.51 -5.70
N GLY D 110 4.53 23.24 -5.88
CA GLY D 110 5.88 22.87 -6.26
C GLY D 110 6.68 22.35 -5.09
N LYS D 111 6.28 22.75 -3.88
CA LYS D 111 6.92 22.26 -2.66
C LYS D 111 6.02 21.32 -1.88
N ALA D 112 4.73 21.62 -1.79
CA ALA D 112 3.81 20.79 -1.00
C ALA D 112 2.36 20.92 -1.44
N TRP D 113 1.50 20.06 -0.89
CA TRP D 113 0.06 20.13 -1.16
C TRP D 113 -0.71 21.15 -0.33
N LEU D 114 -1.53 21.96 -1.01
CA LEU D 114 -2.61 22.69 -0.35
C LEU D 114 -3.95 21.96 -0.52
N HIS D 115 -4.72 21.85 0.56
CA HIS D 115 -6.13 21.44 0.48
C HIS D 115 -7.01 22.51 1.10
N VAL D 116 -8.16 22.79 0.47
CA VAL D 116 -9.17 23.66 1.06
C VAL D 116 -10.42 22.81 1.26
N CYS D 117 -10.89 22.70 2.49
CA CYS D 117 -11.96 21.78 2.84
C CYS D 117 -13.09 22.42 3.63
N ILE D 118 -14.31 22.21 3.16
CA ILE D 118 -15.48 22.84 3.74
C ILE D 118 -16.43 21.79 4.29
N THR D 119 -16.76 21.94 5.56
CA THR D 119 -17.71 21.09 6.24
C THR D 119 -18.46 21.91 7.31
N GLY D 120 -19.38 21.28 8.01
CA GLY D 120 -20.19 21.95 9.02
C GLY D 120 -21.64 22.13 8.60
N ASP D 121 -22.34 22.98 9.36
CA ASP D 121 -23.73 23.34 9.07
C ASP D 121 -23.84 24.16 7.79
N ASP D 122 -24.93 23.93 7.07
CA ASP D 122 -25.29 24.72 5.89
C ASP D 122 -25.22 26.23 6.12
N LYS D 123 -25.72 26.69 7.28
CA LYS D 123 -25.84 28.13 7.53
C LYS D 123 -24.67 28.70 8.34
N ASN D 124 -23.60 27.90 8.50
CA ASN D 124 -22.44 28.33 9.30
C ASN D 124 -21.23 27.39 9.13
N ALA D 125 -20.88 27.10 7.87
CA ALA D 125 -19.81 26.13 7.53
C ALA D 125 -18.39 26.67 7.74
N THR D 126 -17.42 25.76 7.86
CA THR D 126 -16.02 26.15 8.07
C THR D 126 -15.13 25.67 6.93
N ALA D 127 -14.29 26.57 6.40
CA ALA D 127 -13.26 26.21 5.46
C ALA D 127 -11.90 26.05 6.13
N SER D 128 -11.32 24.86 6.00
CA SER D 128 -10.00 24.55 6.58
C SER D 128 -8.93 24.60 5.51
N PHE D 129 -7.79 25.19 5.85
CA PHE D 129 -6.67 25.26 4.92
C PHE D 129 -5.51 24.45 5.41
N ILE D 130 -5.21 23.39 4.67
CA ILE D 130 -4.19 22.44 5.07
C ILE D 130 -3.02 22.53 4.11
N TYR D 131 -1.85 22.84 4.66
CA TYR D 131 -0.64 22.94 3.85
C TYR D 131 0.50 22.11 4.42
N ASN D 132 1.12 21.32 3.55
CA ASN D 132 2.23 20.44 3.95
C ASN D 132 1.86 19.59 5.15
N GLY D 133 0.67 19.01 5.09
CA GLY D 133 0.22 18.10 6.11
C GLY D 133 -0.16 18.71 7.44
N ARG D 134 -0.39 20.02 7.51
CA ARG D 134 -0.83 20.63 8.76
C ARG D 134 -1.88 21.73 8.56
N LEU D 135 -2.77 21.91 9.54
CA LEU D 135 -3.76 22.99 9.47
C LEU D 135 -3.08 24.34 9.71
N VAL D 136 -3.22 25.25 8.75
CA VAL D 136 -2.56 26.57 8.82
C VAL D 136 -3.55 27.73 8.94
N ASP D 137 -4.81 27.51 8.57
CA ASP D 137 -5.81 28.57 8.63
C ASP D 137 -7.25 28.04 8.48
N SER D 138 -8.22 28.91 8.78
CA SER D 138 -9.63 28.64 8.52
C SER D 138 -10.42 29.94 8.34
N VAL D 139 -11.57 29.83 7.68
CA VAL D 139 -12.48 30.97 7.58
C VAL D 139 -13.93 30.50 7.66
N VAL D 140 -14.76 31.23 8.42
CA VAL D 140 -16.22 31.03 8.40
C VAL D 140 -16.88 31.46 7.12
N SER D 141 -18.01 30.81 6.87
CA SER D 141 -19.05 31.26 5.99
C SER D 141 -19.33 32.74 6.24
N TRP D 142 -19.33 33.54 5.18
CA TRP D 142 -19.52 34.98 5.31
C TRP D 142 -20.96 35.44 5.05
N SER D 143 -21.76 34.58 4.42
CA SER D 143 -23.17 34.85 4.12
C SER D 143 -24.15 33.77 4.60
N LYS D 144 -23.62 32.76 5.29
CA LYS D 144 -24.46 31.77 6.01
C LYS D 144 -25.46 31.06 5.10
N GLU D 145 -25.06 30.80 3.86
CA GLU D 145 -25.85 30.01 2.93
C GLU D 145 -24.93 29.14 2.06
N ILE D 146 -24.43 28.06 2.65
CA ILE D 146 -23.68 27.01 1.94
C ILE D 146 -22.38 27.51 1.30
N LEU D 147 -21.41 27.84 2.12
CA LEU D 147 -20.08 28.17 1.61
C LEU D 147 -19.58 26.98 0.78
N ARG D 148 -19.06 27.26 -0.41
CA ARG D 148 -18.64 26.23 -1.34
C ARG D 148 -17.53 26.74 -2.25
N THR D 149 -16.78 25.79 -2.84
CA THR D 149 -15.60 26.10 -3.63
C THR D 149 -15.58 25.28 -4.95
N GLN D 150 -14.41 25.09 -5.54
CA GLN D 150 -14.28 24.68 -6.93
C GLN D 150 -14.68 23.24 -7.29
N GLU D 151 -14.43 22.27 -6.41
CA GLU D 151 -14.47 20.84 -6.76
C GLU D 151 -13.52 20.50 -7.92
N SER D 152 -12.43 21.25 -8.03
CA SER D 152 -11.31 20.91 -8.91
C SER D 152 -10.07 21.65 -8.40
N GLU D 153 -8.94 21.48 -9.09
CA GLU D 153 -7.69 22.01 -8.59
C GLU D 153 -7.60 23.54 -8.56
N CYS D 154 -6.98 24.05 -7.52
CA CYS D 154 -6.57 25.44 -7.44
C CYS D 154 -5.24 25.61 -8.18
N VAL D 155 -4.71 26.84 -8.21
CA VAL D 155 -3.55 27.16 -9.02
C VAL D 155 -2.54 28.02 -8.24
N CYS D 156 -1.26 27.64 -8.28
CA CYS D 156 -0.21 28.35 -7.54
C CYS D 156 0.88 28.89 -8.46
N ILE D 157 1.30 30.14 -8.21
CA ILE D 157 2.40 30.77 -8.94
C ILE D 157 3.31 31.49 -7.96
N ASN D 158 4.61 31.20 -8.01
CA ASN D 158 5.60 31.78 -7.08
C ASN D 158 5.28 31.56 -5.62
N GLY D 159 4.56 30.48 -5.30
CA GLY D 159 4.21 30.21 -3.92
C GLY D 159 2.91 30.87 -3.45
N THR D 160 2.18 31.48 -4.38
CA THR D 160 0.86 32.05 -4.07
C THR D 160 -0.25 31.24 -4.73
N CYS D 161 -1.05 30.56 -3.93
CA CYS D 161 -2.14 29.77 -4.47
C CYS D 161 -3.45 30.52 -4.43
N THR D 162 -4.30 30.23 -5.41
CA THR D 162 -5.50 30.99 -5.58
C THR D 162 -6.70 30.06 -5.61
N VAL D 163 -7.76 30.41 -4.88
CA VAL D 163 -8.98 29.61 -4.84
C VAL D 163 -10.24 30.48 -4.87
N VAL D 164 -11.27 30.02 -5.59
CA VAL D 164 -12.53 30.74 -5.68
C VAL D 164 -13.57 30.10 -4.77
N MET D 165 -14.14 30.90 -3.86
CA MET D 165 -15.18 30.41 -2.97
C MET D 165 -16.44 31.26 -3.10
N THR D 166 -17.59 30.61 -2.97
CA THR D 166 -18.86 31.28 -3.08
C THR D 166 -19.71 30.96 -1.86
N ASP D 167 -20.40 31.98 -1.36
CA ASP D 167 -21.36 31.81 -0.28
C ASP D 167 -22.62 32.58 -0.66
N GLY D 168 -23.78 31.96 -0.44
CA GLY D 168 -25.05 32.61 -0.76
C GLY D 168 -25.95 31.81 -1.68
N SER D 169 -26.90 32.52 -2.29
CA SER D 169 -27.96 31.91 -3.09
C SER D 169 -27.48 31.08 -4.27
N ALA D 170 -28.16 29.95 -4.50
CA ALA D 170 -27.96 29.14 -5.70
C ALA D 170 -28.68 29.76 -6.90
N SER D 171 -29.75 30.50 -6.61
CA SER D 171 -30.55 31.11 -7.67
C SER D 171 -30.76 32.62 -7.47
N GLY D 172 -29.69 33.33 -7.15
CA GLY D 172 -29.73 34.80 -6.98
C GLY D 172 -28.33 35.34 -6.81
N LYS D 173 -28.20 36.65 -6.66
CA LYS D 173 -26.89 37.25 -6.36
C LYS D 173 -26.28 36.53 -5.17
N ALA D 174 -24.96 36.35 -5.22
CA ALA D 174 -24.25 35.62 -4.19
C ALA D 174 -22.91 36.29 -3.96
N ASP D 175 -22.28 35.96 -2.85
CA ASP D 175 -21.00 36.55 -2.49
C ASP D 175 -19.83 35.61 -2.79
N THR D 176 -19.10 35.95 -3.85
CA THR D 176 -17.96 35.20 -4.34
C THR D 176 -16.66 35.91 -4.00
N LYS D 177 -15.73 35.16 -3.44
CA LYS D 177 -14.45 35.71 -3.03
C LYS D 177 -13.31 34.89 -3.62
N ILE D 178 -12.18 35.55 -3.84
CA ILE D 178 -10.98 34.92 -4.36
C ILE D 178 -9.91 35.10 -3.29
N LEU D 179 -9.44 33.98 -2.79
CA LEU D 179 -8.47 33.96 -1.72
C LEU D 179 -7.07 33.72 -2.27
N PHE D 180 -6.10 34.35 -1.65
CA PHE D 180 -4.69 34.20 -2.01
C PHE D 180 -3.94 33.63 -0.82
N ILE D 181 -3.36 32.45 -1.03
CA ILE D 181 -2.85 31.60 0.04
C ILE D 181 -1.34 31.32 -0.11
N GLU D 182 -0.57 31.71 0.89
CA GLU D 182 0.88 31.44 0.90
C GLU D 182 1.22 30.49 2.02
N GLU D 183 1.61 29.27 1.64
CA GLU D 183 1.91 28.22 2.62
C GLU D 183 0.76 27.94 3.60
N GLY D 184 -0.46 27.88 3.08
CA GLY D 184 -1.65 27.58 3.87
C GLY D 184 -2.33 28.79 4.51
N LYS D 185 -1.65 29.94 4.41
CA LYS D 185 -2.07 31.18 5.07
C LYS D 185 -2.75 32.14 4.10
N ILE D 186 -4.00 32.51 4.43
CA ILE D 186 -4.74 33.53 3.69
C ILE D 186 -4.06 34.88 3.86
N VAL D 187 -3.37 35.33 2.81
CA VAL D 187 -2.66 36.61 2.87
C VAL D 187 -3.49 37.77 2.31
N HIS D 188 -4.53 37.43 1.54
CA HIS D 188 -5.44 38.42 0.97
C HIS D 188 -6.75 37.79 0.51
N THR D 189 -7.79 38.59 0.54
CA THR D 189 -9.09 38.22 0.05
C THR D 189 -9.60 39.36 -0.81
N SER D 190 -9.80 39.07 -2.10
CA SER D 190 -10.46 39.99 -2.99
C SER D 190 -11.89 39.49 -3.22
N THR D 191 -12.78 40.42 -3.53
CA THR D 191 -14.15 40.04 -3.81
C THR D 191 -14.37 40.04 -5.32
N LEU D 192 -15.34 39.26 -5.78
CA LEU D 192 -15.63 39.18 -7.20
C LEU D 192 -15.97 40.57 -7.76
N SER D 193 -15.47 40.86 -8.94
CA SER D 193 -15.73 42.11 -9.63
C SER D 193 -16.02 41.79 -11.10
N GLY D 194 -16.41 42.80 -11.87
CA GLY D 194 -16.68 42.61 -13.29
C GLY D 194 -18.11 42.18 -13.55
N SER D 195 -18.38 41.70 -14.76
CA SER D 195 -19.75 41.52 -15.20
C SER D 195 -20.35 40.12 -14.97
N ALA D 196 -19.55 39.17 -14.48
CA ALA D 196 -20.07 37.82 -14.17
C ALA D 196 -21.04 37.89 -12.98
N GLN D 197 -22.23 37.36 -13.17
CA GLN D 197 -23.32 37.62 -12.23
C GLN D 197 -23.54 36.53 -11.20
N HIS D 198 -23.16 35.30 -11.56
CA HIS D 198 -23.24 34.17 -10.65
C HIS D 198 -22.09 33.21 -11.00
N VAL D 199 -21.31 32.88 -9.98
CA VAL D 199 -20.08 32.13 -10.13
C VAL D 199 -20.07 30.99 -9.13
N GLU D 200 -19.86 29.78 -9.63
CA GLU D 200 -19.76 28.57 -8.83
C GLU D 200 -18.81 27.59 -9.52
N GLU D 201 -18.21 26.72 -8.72
CA GLU D 201 -17.45 25.56 -9.22
C GLU D 201 -16.47 25.93 -10.35
N CYS D 202 -15.51 26.79 -10.06
CA CYS D 202 -14.60 27.21 -11.10
C CYS D 202 -13.54 26.16 -11.46
N SER D 203 -13.42 25.88 -12.76
CA SER D 203 -12.28 25.16 -13.31
C SER D 203 -11.22 26.18 -13.71
N CYS D 204 -10.18 26.30 -12.89
CA CYS D 204 -9.13 27.29 -13.10
C CYS D 204 -7.88 26.67 -13.70
N TYR D 205 -7.07 27.49 -14.37
CA TYR D 205 -5.79 27.05 -14.88
C TYR D 205 -4.78 28.19 -14.96
N PRO D 206 -3.49 27.87 -14.82
CA PRO D 206 -2.47 28.90 -14.92
C PRO D 206 -2.33 29.45 -16.34
N ARG D 207 -2.25 30.77 -16.45
CA ARG D 207 -2.00 31.42 -17.72
C ARG D 207 -1.09 32.58 -17.44
N TYR D 208 0.20 32.28 -17.34
CA TYR D 208 1.20 33.24 -16.92
C TYR D 208 1.00 34.61 -17.54
N PRO D 209 1.15 35.69 -16.75
CA PRO D 209 1.49 35.70 -15.33
C PRO D 209 0.29 35.57 -14.37
N GLY D 210 -0.90 35.28 -14.88
CA GLY D 210 -2.11 35.21 -14.06
C GLY D 210 -2.75 33.85 -13.99
N VAL D 211 -3.94 33.81 -13.40
CA VAL D 211 -4.77 32.60 -13.35
C VAL D 211 -6.07 32.91 -14.05
N ARG D 212 -6.69 31.92 -14.68
CA ARG D 212 -7.94 32.08 -15.39
C ARG D 212 -8.88 30.95 -14.99
N CYS D 213 -10.17 31.25 -14.85
CA CYS D 213 -11.16 30.27 -14.44
C CYS D 213 -12.39 30.34 -15.35
N VAL D 214 -13.02 29.19 -15.56
CA VAL D 214 -14.26 29.08 -16.32
C VAL D 214 -15.26 28.36 -15.43
N CYS D 215 -16.38 29.00 -15.14
CA CYS D 215 -17.20 28.54 -14.03
C CYS D 215 -18.60 28.10 -14.43
N ARG D 216 -19.46 28.04 -13.41
CA ARG D 216 -20.87 27.66 -13.56
C ARG D 216 -21.77 28.81 -13.04
N ASP D 217 -22.73 29.20 -13.87
CA ASP D 217 -23.74 30.17 -13.49
C ASP D 217 -25.05 29.42 -13.27
N ASN D 218 -25.47 29.33 -12.02
CA ASN D 218 -26.61 28.50 -11.66
C ASN D 218 -27.93 29.27 -11.76
N TRP D 219 -27.82 30.57 -12.03
CA TRP D 219 -28.92 31.51 -11.93
C TRP D 219 -29.59 31.82 -13.29
N LYS D 220 -28.98 32.68 -14.10
CA LYS D 220 -29.57 33.10 -15.38
C LYS D 220 -28.77 32.66 -16.61
N GLY D 221 -27.60 32.05 -16.42
CA GLY D 221 -26.68 31.79 -17.52
C GLY D 221 -26.52 30.35 -17.98
N SER D 222 -26.57 30.15 -19.29
CA SER D 222 -26.12 28.88 -19.88
C SER D 222 -24.79 29.04 -20.63
N ASN D 223 -24.40 30.27 -20.92
CA ASN D 223 -22.98 30.52 -21.20
C ASN D 223 -22.23 30.44 -19.87
N ARG D 224 -20.93 30.18 -19.95
CA ARG D 224 -20.14 29.98 -18.73
C ARG D 224 -19.37 31.25 -18.41
N PRO D 225 -19.37 31.66 -17.13
CA PRO D 225 -18.60 32.79 -16.67
C PRO D 225 -17.09 32.56 -16.70
N ILE D 226 -16.34 33.63 -16.92
CA ILE D 226 -14.89 33.63 -16.88
C ILE D 226 -14.43 34.58 -15.78
N VAL D 227 -13.52 34.13 -14.94
CA VAL D 227 -12.91 34.97 -13.93
C VAL D 227 -11.40 35.01 -14.19
N ASP D 228 -10.82 36.20 -14.22
CA ASP D 228 -9.37 36.38 -14.37
C ASP D 228 -8.75 36.94 -13.11
N ILE D 229 -7.69 36.30 -12.65
CA ILE D 229 -7.07 36.62 -11.38
C ILE D 229 -5.65 37.10 -11.58
N ASN D 230 -5.41 38.36 -11.26
CA ASN D 230 -4.05 38.90 -11.24
C ASN D 230 -3.42 38.50 -9.93
N ILE D 231 -2.35 37.73 -10.01
CA ILE D 231 -1.77 37.10 -8.83
C ILE D 231 -0.89 38.04 -8.02
N LYS D 232 -0.46 39.15 -8.64
CA LYS D 232 0.48 40.06 -7.98
C LYS D 232 -0.18 41.25 -7.26
N ASP D 233 -1.12 41.91 -7.93
CA ASP D 233 -1.84 43.02 -7.29
C ASP D 233 -3.27 42.66 -6.82
N HIS D 234 -3.59 41.37 -6.87
CA HIS D 234 -4.84 40.79 -6.36
C HIS D 234 -6.12 41.32 -7.03
N SER D 235 -5.99 41.92 -8.21
CA SER D 235 -7.16 42.44 -8.93
C SER D 235 -7.91 41.35 -9.68
N ILE D 236 -9.22 41.51 -9.75
CA ILE D 236 -10.10 40.55 -10.40
C ILE D 236 -10.85 41.25 -11.52
N VAL D 237 -11.10 40.53 -12.61
CA VAL D 237 -12.05 40.92 -13.64
C VAL D 237 -12.90 39.69 -13.97
N SER D 238 -14.10 39.89 -14.45
CA SER D 238 -14.93 38.75 -14.83
C SER D 238 -15.81 39.07 -16.04
N SER D 239 -16.24 38.01 -16.72
CA SER D 239 -17.11 38.09 -17.89
C SER D 239 -17.67 36.70 -18.22
N TYR D 240 -18.02 36.46 -19.48
CA TYR D 240 -18.54 35.17 -19.95
C TYR D 240 -17.82 34.70 -21.22
N VAL D 241 -17.83 33.38 -21.44
CA VAL D 241 -17.32 32.77 -22.65
C VAL D 241 -18.20 33.16 -23.84
N CYS D 242 -17.59 33.85 -24.81
CA CYS D 242 -18.31 34.40 -25.96
C CYS D 242 -19.06 33.34 -26.77
N SER D 243 -18.34 32.33 -27.24
CA SER D 243 -18.88 31.20 -28.02
C SER D 243 -20.41 31.01 -28.05
N GLY D 244 -20.97 30.90 -29.25
CA GLY D 244 -22.41 30.68 -29.44
C GLY D 244 -22.87 29.25 -29.20
N LEU D 245 -21.91 28.33 -29.25
CA LEU D 245 -22.13 26.99 -28.71
C LEU D 245 -21.76 27.04 -27.22
N VAL D 246 -22.74 26.76 -26.35
CA VAL D 246 -22.61 27.04 -24.92
C VAL D 246 -22.38 25.78 -24.08
N GLY D 247 -21.72 25.95 -22.93
CA GLY D 247 -21.20 24.83 -22.15
C GLY D 247 -22.02 24.28 -21.00
N ASP D 248 -22.99 25.06 -20.52
CA ASP D 248 -23.76 24.61 -19.37
C ASP D 248 -24.82 23.58 -19.73
N THR D 249 -25.33 22.90 -18.71
CA THR D 249 -26.47 22.00 -18.85
C THR D 249 -27.36 22.21 -17.62
N PRO D 250 -28.64 22.62 -17.83
CA PRO D 250 -29.31 22.65 -19.11
C PRO D 250 -28.92 23.86 -19.97
N ARG D 251 -29.39 23.83 -21.22
CA ARG D 251 -29.17 24.88 -22.20
C ARG D 251 -30.10 24.59 -23.37
N LYS D 252 -30.17 25.53 -24.32
CA LYS D 252 -30.92 25.32 -25.55
C LYS D 252 -30.07 24.55 -26.57
N ASN D 253 -30.73 23.95 -27.57
CA ASN D 253 -30.04 23.27 -28.66
C ASN D 253 -29.17 24.20 -29.52
N ASP D 254 -28.34 23.60 -30.38
CA ASP D 254 -27.39 24.32 -31.21
C ASP D 254 -28.02 25.40 -32.09
N SER D 255 -29.16 25.10 -32.70
CA SER D 255 -29.83 26.09 -33.57
C SER D 255 -30.42 27.24 -32.77
N SER D 256 -30.98 26.93 -31.60
CA SER D 256 -31.66 27.93 -30.76
C SER D 256 -30.76 28.73 -29.82
N SER D 257 -29.59 28.19 -29.45
CA SER D 257 -28.71 28.82 -28.44
C SER D 257 -28.11 30.16 -28.88
N SER D 258 -27.77 31.00 -27.91
CA SER D 258 -26.94 32.19 -28.14
C SER D 258 -26.19 32.56 -26.86
N SER D 259 -25.33 33.56 -26.96
CA SER D 259 -24.41 33.92 -25.87
C SER D 259 -24.12 35.42 -25.85
N HIS D 260 -23.22 35.82 -24.96
CA HIS D 260 -22.87 37.22 -24.73
C HIS D 260 -21.54 37.26 -23.96
N CYS D 261 -20.59 38.09 -24.39
CA CYS D 261 -19.28 38.15 -23.73
C CYS D 261 -19.32 38.77 -22.34
N LEU D 262 -20.35 39.57 -22.04
CA LEU D 262 -20.44 40.33 -20.78
C LEU D 262 -21.50 39.85 -19.77
N ASP D 263 -22.65 39.36 -20.24
CA ASP D 263 -23.79 39.05 -19.36
C ASP D 263 -24.32 37.63 -19.57
N PRO D 264 -25.07 37.10 -18.57
CA PRO D 264 -25.68 35.76 -18.75
C PRO D 264 -26.67 35.78 -19.90
N ASN D 265 -26.85 34.67 -20.58
CA ASN D 265 -27.67 34.68 -21.78
C ASN D 265 -29.19 34.59 -21.53
N ASN D 266 -29.59 34.25 -20.31
CA ASN D 266 -31.01 34.09 -19.96
C ASN D 266 -31.73 32.97 -20.66
N GLU D 267 -30.95 32.07 -21.27
CA GLU D 267 -31.48 30.93 -21.96
C GLU D 267 -31.30 29.67 -21.10
N GLU D 268 -32.41 29.16 -20.57
CA GLU D 268 -32.40 27.98 -19.70
C GLU D 268 -31.38 28.07 -18.54
N GLY D 269 -31.13 29.30 -18.08
CA GLY D 269 -30.05 29.59 -17.13
C GLY D 269 -30.09 28.84 -15.81
N GLY D 270 -31.30 28.65 -15.28
CA GLY D 270 -31.50 27.95 -14.01
C GLY D 270 -30.76 26.63 -14.02
N HIS D 271 -30.22 26.24 -12.86
CA HIS D 271 -29.42 25.02 -12.71
C HIS D 271 -28.11 25.08 -13.51
N GLY D 272 -27.42 23.96 -13.59
CA GLY D 272 -26.13 23.91 -14.26
C GLY D 272 -25.35 22.64 -13.99
N VAL D 273 -24.15 22.59 -14.56
CA VAL D 273 -23.18 21.55 -14.25
C VAL D 273 -21.77 22.15 -14.27
N LYS D 274 -20.88 21.62 -13.44
CA LYS D 274 -19.49 22.06 -13.43
C LYS D 274 -18.89 21.65 -14.76
N GLY D 275 -18.17 22.57 -15.40
CA GLY D 275 -17.54 22.32 -16.68
C GLY D 275 -16.29 23.17 -16.86
N TRP D 276 -15.70 23.08 -18.05
CA TRP D 276 -14.42 23.75 -18.29
C TRP D 276 -14.33 24.42 -19.67
N ALA D 277 -13.34 25.31 -19.84
CA ALA D 277 -12.95 25.80 -21.15
C ALA D 277 -11.60 26.52 -21.08
N PHE D 278 -10.95 26.65 -22.23
CA PHE D 278 -9.72 27.43 -22.27
C PHE D 278 -9.48 28.04 -23.64
N ASP D 279 -8.76 29.14 -23.67
CA ASP D 279 -8.53 29.88 -24.89
C ASP D 279 -7.36 29.30 -25.67
N ASP D 280 -7.42 29.49 -27.00
CA ASP D 280 -6.33 29.16 -27.92
C ASP D 280 -6.37 30.27 -28.97
N GLY D 281 -5.44 31.22 -28.83
CA GLY D 281 -5.56 32.49 -29.53
C GLY D 281 -6.92 33.10 -29.22
N ASN D 282 -7.74 33.20 -30.27
CA ASN D 282 -9.12 33.68 -30.17
C ASN D 282 -10.12 32.53 -30.28
N ASP D 283 -9.62 31.30 -30.45
CA ASP D 283 -10.51 30.14 -30.43
C ASP D 283 -10.70 29.65 -28.99
N VAL D 284 -11.71 28.81 -28.79
CA VAL D 284 -11.95 28.22 -27.48
C VAL D 284 -12.01 26.69 -27.61
N TRP D 285 -11.28 25.99 -26.74
CA TRP D 285 -11.54 24.54 -26.55
C TRP D 285 -12.47 24.37 -25.35
N MET D 286 -13.49 23.55 -25.51
CA MET D 286 -14.46 23.32 -24.45
C MET D 286 -15.04 21.91 -24.51
N GLY D 287 -15.59 21.46 -23.40
CA GLY D 287 -16.37 20.23 -23.34
C GLY D 287 -17.76 20.54 -22.81
N ARG D 288 -18.69 19.61 -23.01
CA ARG D 288 -20.07 19.70 -22.50
C ARG D 288 -20.77 18.37 -22.64
N THR D 289 -21.88 18.19 -21.93
CA THR D 289 -22.76 17.03 -22.12
C THR D 289 -23.36 17.04 -23.52
N ILE D 290 -23.64 15.86 -24.08
CA ILE D 290 -24.19 15.79 -25.44
C ILE D 290 -25.66 16.23 -25.41
N ASN D 291 -26.41 15.72 -24.43
CA ASN D 291 -27.79 16.17 -24.23
C ASN D 291 -27.87 17.60 -23.69
N GLU D 292 -28.88 18.34 -24.16
CA GLU D 292 -29.09 19.75 -23.75
C GLU D 292 -29.72 19.88 -22.38
N THR D 293 -30.65 18.99 -22.05
CA THR D 293 -31.45 19.12 -20.83
C THR D 293 -30.93 18.26 -19.70
N SER D 294 -30.23 17.19 -20.04
CA SER D 294 -29.89 16.14 -19.09
C SER D 294 -28.38 15.86 -19.04
N ARG D 295 -27.90 15.28 -17.94
CA ARG D 295 -26.48 14.91 -17.85
C ARG D 295 -26.23 13.56 -18.52
N LEU D 296 -26.33 13.57 -19.85
CA LEU D 296 -26.12 12.39 -20.67
C LEU D 296 -25.05 12.69 -21.70
N GLY D 297 -24.11 11.77 -21.87
CA GLY D 297 -23.04 11.92 -22.86
C GLY D 297 -22.07 13.05 -22.55
N TYR D 298 -20.95 13.07 -23.28
CA TYR D 298 -19.97 14.13 -23.17
C TYR D 298 -19.17 14.18 -24.47
N GLU D 299 -18.87 15.40 -24.90
CA GLU D 299 -18.19 15.69 -26.16
C GLU D 299 -17.23 16.85 -25.93
N THR D 300 -16.16 16.94 -26.72
CA THR D 300 -15.37 18.17 -26.79
C THR D 300 -15.19 18.61 -28.24
N PHE D 301 -14.87 19.89 -28.42
CA PHE D 301 -14.55 20.45 -29.73
C PHE D 301 -13.86 21.77 -29.54
N LYS D 302 -13.30 22.29 -30.63
CA LYS D 302 -12.78 23.67 -30.70
C LYS D 302 -13.78 24.54 -31.45
N VAL D 303 -14.16 25.67 -30.85
CA VAL D 303 -14.99 26.63 -31.56
C VAL D 303 -14.12 27.74 -32.12
N ILE D 304 -14.12 27.85 -33.45
CA ILE D 304 -13.37 28.87 -34.17
C ILE D 304 -13.84 30.29 -33.80
N GLU D 305 -12.92 31.11 -33.32
CA GLU D 305 -13.20 32.46 -32.86
C GLU D 305 -14.19 32.50 -31.70
N GLY D 306 -14.34 31.37 -31.02
CA GLY D 306 -15.29 31.25 -29.91
C GLY D 306 -14.88 32.00 -28.64
N TRP D 307 -13.63 32.42 -28.55
CA TRP D 307 -13.21 33.18 -27.38
C TRP D 307 -13.49 34.67 -27.51
N SER D 308 -13.50 35.19 -28.74
CA SER D 308 -13.75 36.63 -28.96
C SER D 308 -15.05 37.00 -29.68
N ASN D 309 -15.69 36.03 -30.34
CA ASN D 309 -16.89 36.30 -31.14
C ASN D 309 -18.13 35.55 -30.66
N PRO D 310 -19.04 36.25 -29.96
CA PRO D 310 -20.22 35.62 -29.36
C PRO D 310 -21.25 35.10 -30.37
N LYS D 311 -20.98 35.27 -31.67
CA LYS D 311 -21.88 34.81 -32.73
C LYS D 311 -21.38 33.56 -33.42
N SER D 312 -20.16 33.14 -33.12
CA SER D 312 -19.58 31.97 -33.78
C SER D 312 -20.23 30.67 -33.30
N LYS D 313 -20.52 29.79 -34.26
CA LYS D 313 -21.14 28.51 -33.96
C LYS D 313 -20.41 27.46 -34.77
N LEU D 314 -19.17 27.80 -35.12
CA LEU D 314 -18.37 26.97 -35.99
C LEU D 314 -17.42 26.10 -35.15
N GLN D 315 -17.80 24.84 -34.97
CA GLN D 315 -16.94 23.89 -34.30
C GLN D 315 -16.13 23.04 -35.28
N ILE D 316 -14.91 22.72 -34.92
CA ILE D 316 -14.11 21.75 -35.65
C ILE D 316 -13.51 20.81 -34.62
N ASN D 317 -13.10 19.63 -35.06
CA ASN D 317 -12.40 18.67 -34.21
C ASN D 317 -13.21 18.13 -33.04
N ARG D 318 -14.49 17.87 -33.27
CA ARG D 318 -15.32 17.23 -32.25
C ARG D 318 -14.77 15.83 -31.95
N GLN D 319 -14.74 15.48 -30.66
CA GLN D 319 -14.56 14.07 -30.23
C GLN D 319 -15.68 13.70 -29.26
N VAL D 320 -16.21 12.49 -29.41
CA VAL D 320 -17.11 11.92 -28.41
C VAL D 320 -16.27 11.23 -27.35
N ILE D 321 -16.45 11.65 -26.09
CA ILE D 321 -15.77 11.01 -24.98
C ILE D 321 -16.69 9.96 -24.38
N VAL D 322 -17.94 10.34 -24.16
CA VAL D 322 -18.95 9.43 -23.65
C VAL D 322 -20.18 9.53 -24.55
N ASP D 323 -20.71 8.40 -25.01
CA ASP D 323 -21.83 8.41 -25.96
C ASP D 323 -23.14 8.82 -25.28
N ARG D 324 -24.09 9.33 -26.06
CA ARG D 324 -25.27 10.01 -25.50
C ARG D 324 -26.29 9.09 -24.83
N GLY D 325 -26.14 7.79 -24.98
CA GLY D 325 -26.99 6.86 -24.25
C GLY D 325 -26.43 6.51 -22.89
N ASN D 326 -25.42 7.26 -22.47
CA ASN D 326 -24.63 6.95 -21.26
C ASN D 326 -24.45 8.15 -20.35
N ARG D 327 -24.49 7.93 -19.04
CA ARG D 327 -24.50 9.05 -18.09
C ARG D 327 -23.14 9.73 -17.91
N SER D 328 -23.14 11.06 -17.86
CA SER D 328 -21.94 11.82 -17.53
C SER D 328 -22.08 12.55 -16.18
N GLY D 329 -21.64 13.81 -16.14
CA GLY D 329 -21.67 14.58 -14.92
C GLY D 329 -20.70 15.73 -14.95
N TYR D 330 -20.17 16.08 -13.79
CA TYR D 330 -19.19 17.14 -13.66
C TYR D 330 -17.97 16.84 -14.53
N SER D 331 -17.29 17.89 -14.94
CA SER D 331 -15.99 17.74 -15.56
C SER D 331 -15.22 19.01 -15.21
N GLY D 332 -13.90 18.96 -15.34
CA GLY D 332 -13.06 20.10 -15.01
C GLY D 332 -11.70 19.94 -15.63
N ILE D 333 -10.87 20.97 -15.49
CA ILE D 333 -9.59 21.05 -16.16
C ILE D 333 -8.44 20.85 -15.17
N PHE D 334 -7.30 20.39 -15.66
CA PHE D 334 -6.04 20.44 -14.90
C PHE D 334 -4.85 20.62 -15.85
N SER D 335 -3.80 21.23 -15.34
CA SER D 335 -2.67 21.61 -16.19
C SER D 335 -1.41 20.85 -15.82
N VAL D 336 -0.73 20.32 -16.83
CA VAL D 336 0.45 19.51 -16.63
C VAL D 336 1.62 20.14 -17.39
N GLU D 337 2.70 20.43 -16.67
CA GLU D 337 3.89 21.07 -17.26
C GLU D 337 4.76 20.05 -17.98
N GLY D 338 4.98 20.28 -19.27
CA GLY D 338 5.93 19.48 -20.05
C GLY D 338 7.32 20.13 -20.13
N LYS D 339 8.15 19.61 -21.04
CA LYS D 339 9.53 20.07 -21.22
C LYS D 339 9.60 21.53 -21.64
N SER D 340 8.83 21.88 -22.67
CA SER D 340 8.85 23.22 -23.24
C SER D 340 7.57 23.99 -23.01
N CYS D 341 6.51 23.30 -22.60
CA CYS D 341 5.20 23.94 -22.57
C CYS D 341 4.25 23.38 -21.52
N ILE D 342 3.16 24.11 -21.26
CA ILE D 342 2.13 23.66 -20.32
C ILE D 342 0.99 23.00 -21.09
N ASN D 343 0.65 21.76 -20.72
CA ASN D 343 -0.47 21.05 -21.35
C ASN D 343 -1.80 21.24 -20.62
N ARG D 344 -2.92 20.93 -21.28
CA ARG D 344 -4.23 21.01 -20.66
C ARG D 344 -4.95 19.68 -20.75
N CYS D 345 -5.48 19.22 -19.62
CA CYS D 345 -6.24 17.97 -19.57
C CYS D 345 -7.56 18.19 -18.85
N PHE D 346 -8.46 17.21 -18.95
CA PHE D 346 -9.73 17.28 -18.23
C PHE D 346 -10.20 15.89 -17.78
N TYR D 347 -11.08 15.85 -16.78
CA TYR D 347 -11.70 14.59 -16.27
C TYR D 347 -13.21 14.71 -16.46
N VAL D 348 -13.90 13.58 -16.51
CA VAL D 348 -15.36 13.58 -16.61
C VAL D 348 -15.90 12.62 -15.56
N GLU D 349 -16.76 13.13 -14.69
CA GLU D 349 -17.45 12.34 -13.68
C GLU D 349 -18.58 11.58 -14.35
N LEU D 350 -18.65 10.28 -14.08
CA LEU D 350 -19.67 9.40 -14.63
C LEU D 350 -20.60 8.92 -13.52
N ILE D 351 -21.66 9.69 -13.28
CA ILE D 351 -22.60 9.45 -12.17
C ILE D 351 -23.51 8.29 -12.49
N ARG D 352 -23.67 7.40 -11.52
CA ARG D 352 -24.58 6.26 -11.65
C ARG D 352 -25.48 6.13 -10.42
N GLY D 353 -26.71 5.65 -10.65
CA GLY D 353 -27.65 5.38 -9.54
C GLY D 353 -28.68 6.49 -9.36
N ARG D 354 -29.24 6.60 -8.15
CA ARG D 354 -30.27 7.59 -7.79
C ARG D 354 -29.90 9.04 -8.12
N LYS D 355 -30.91 9.87 -8.40
CA LYS D 355 -32.31 9.45 -8.40
C LYS D 355 -32.79 9.02 -9.79
N GLU D 356 -31.99 9.37 -10.81
CA GLU D 356 -32.29 9.03 -12.21
C GLU D 356 -32.38 7.53 -12.50
N GLU D 357 -31.66 6.71 -11.74
CA GLU D 357 -31.68 5.27 -11.97
C GLU D 357 -32.12 4.58 -10.69
N THR D 358 -33.23 3.83 -10.78
CA THR D 358 -33.90 3.30 -9.58
C THR D 358 -33.65 1.82 -9.32
N GLU D 359 -32.81 1.18 -10.14
CA GLU D 359 -32.39 -0.20 -9.89
C GLU D 359 -31.63 -0.35 -8.55
N VAL D 360 -31.06 0.75 -8.05
CA VAL D 360 -30.25 0.75 -6.82
C VAL D 360 -30.63 1.92 -5.89
N LEU D 361 -30.18 1.86 -4.63
CA LEU D 361 -30.49 2.90 -3.64
C LEU D 361 -29.38 3.97 -3.46
N TRP D 362 -28.22 3.69 -4.05
CA TRP D 362 -27.06 4.57 -3.87
C TRP D 362 -26.84 5.52 -5.06
N THR D 363 -25.89 6.43 -4.90
CA THR D 363 -25.42 7.33 -5.93
C THR D 363 -23.91 7.45 -5.82
N SER D 364 -23.22 7.05 -6.87
CA SER D 364 -21.77 7.14 -6.89
C SER D 364 -21.30 7.47 -8.30
N ASN D 365 -19.99 7.41 -8.54
CA ASN D 365 -19.46 7.71 -9.86
C ASN D 365 -18.18 6.93 -10.12
N SER D 366 -17.78 6.91 -11.40
CA SER D 366 -16.40 6.65 -11.77
C SER D 366 -15.94 7.80 -12.65
N ILE D 367 -14.75 7.68 -13.21
CA ILE D 367 -14.10 8.79 -13.91
C ILE D 367 -13.38 8.33 -15.15
N VAL D 368 -13.30 9.21 -16.13
CA VAL D 368 -12.47 9.00 -17.29
C VAL D 368 -11.69 10.30 -17.45
N VAL D 369 -10.46 10.21 -17.95
CA VAL D 369 -9.56 11.35 -18.00
C VAL D 369 -8.91 11.37 -19.36
N PHE D 370 -8.81 12.57 -19.96
CA PHE D 370 -8.16 12.77 -21.26
C PHE D 370 -7.16 13.89 -21.15
N CYS D 371 -6.19 13.92 -22.04
CA CYS D 371 -5.17 14.99 -22.04
C CYS D 371 -4.94 15.56 -23.44
N GLY D 372 -4.62 16.86 -23.47
CA GLY D 372 -4.26 17.55 -24.70
C GLY D 372 -3.16 16.81 -25.43
N THR D 373 -3.25 16.83 -26.76
CA THR D 373 -2.22 16.29 -27.61
C THR D 373 -1.97 17.21 -28.80
N SER D 374 -0.73 17.26 -29.27
CA SER D 374 -0.44 17.94 -30.52
C SER D 374 -0.31 16.91 -31.65
N GLY D 375 -0.50 15.64 -31.31
CA GLY D 375 -0.45 14.54 -32.29
C GLY D 375 -1.81 14.26 -32.91
N THR D 376 -2.07 12.99 -33.18
CA THR D 376 -3.32 12.58 -33.80
C THR D 376 -4.05 11.53 -32.96
N TYR D 377 -5.30 11.26 -33.33
CA TYR D 377 -6.19 10.42 -32.53
C TYR D 377 -7.40 9.96 -33.36
N GLY D 378 -8.15 9.02 -32.81
CA GLY D 378 -9.29 8.43 -33.51
C GLY D 378 -10.57 8.70 -32.76
N THR D 379 -11.35 7.65 -32.55
CA THR D 379 -12.65 7.78 -31.92
C THR D 379 -12.90 6.57 -31.01
N GLY D 380 -13.85 6.75 -30.10
CA GLY D 380 -14.37 5.69 -29.24
C GLY D 380 -15.35 6.30 -28.26
N SER D 381 -15.75 5.51 -27.27
CA SER D 381 -16.64 5.97 -26.21
C SER D 381 -16.19 5.20 -24.99
N TRP D 382 -16.02 5.88 -23.87
CA TRP D 382 -15.50 5.24 -22.66
C TRP D 382 -16.42 5.53 -21.48
N PRO D 383 -17.59 4.86 -21.43
CA PRO D 383 -18.54 5.12 -20.37
C PRO D 383 -18.17 4.37 -19.10
N ASP D 384 -19.04 4.47 -18.10
CA ASP D 384 -18.88 3.80 -16.81
C ASP D 384 -18.89 2.28 -16.97
N GLY D 385 -19.84 1.79 -17.78
CA GLY D 385 -19.96 0.38 -18.10
C GLY D 385 -20.44 -0.58 -17.03
N ALA D 386 -20.92 -0.09 -15.89
CA ALA D 386 -21.54 -1.00 -14.92
C ALA D 386 -22.98 -1.34 -15.32
N ASP D 387 -23.45 -2.52 -14.91
CA ASP D 387 -24.83 -2.96 -15.14
C ASP D 387 -25.63 -2.92 -13.84
N LEU D 388 -26.42 -1.86 -13.64
CA LEU D 388 -27.15 -1.66 -12.37
C LEU D 388 -28.25 -2.69 -12.10
N ASN D 389 -28.77 -3.31 -13.16
CA ASN D 389 -29.71 -4.43 -13.05
C ASN D 389 -29.15 -5.57 -12.20
N LEU D 390 -27.82 -5.62 -12.08
CA LEU D 390 -27.14 -6.77 -11.49
C LEU D 390 -26.35 -6.46 -10.21
N MET D 391 -26.19 -5.17 -9.92
CA MET D 391 -25.37 -4.71 -8.79
C MET D 391 -25.89 -5.20 -7.43
N PRO D 392 -24.98 -5.31 -6.43
CA PRO D 392 -25.24 -5.79 -5.05
C PRO D 392 -26.70 -5.69 -4.64
N ILE D 393 -27.33 -6.87 -4.47
CA ILE D 393 -28.79 -7.00 -4.30
C ILE D 393 -29.49 -6.47 -5.56
C1 NAG E . -16.02 -4.59 35.66
C2 NAG E . -16.41 -4.81 34.19
C3 NAG E . -15.46 -4.00 33.31
C4 NAG E . -15.28 -2.54 33.77
C5 NAG E . -15.28 -2.35 35.30
C6 NAG E . -15.71 -0.93 35.68
C7 NAG E . -17.43 -6.96 33.45
C8 NAG E . -17.19 -8.43 33.23
N2 NAG E . -16.38 -6.24 33.90
O1 NAG E . -16.85 -5.35 36.51
O3 NAG E . -15.91 -4.02 31.97
O4 NAG E . -14.06 -2.04 33.22
O5 NAG E . -16.17 -3.22 35.97
O6 NAG E . -14.56 -0.10 35.76
O7 NAG E . -18.54 -6.49 33.22
C1 GAL E . -14.25 -0.91 32.34
C2 GAL E . -12.87 -0.39 31.91
C3 GAL E . -12.92 0.70 30.84
C4 GAL E . -13.97 0.40 29.76
C5 GAL E . -15.30 -0.04 30.38
C6 GAL E . -16.35 -0.33 29.32
O2 GAL E . -12.19 0.10 33.06
O3 GAL E . -11.66 0.83 30.19
O4 GAL E . -13.47 -0.63 28.93
O5 GAL E . -15.07 -1.17 31.21
O6 GAL E . -17.56 0.35 29.61
C1 SIA E . -11.91 3.35 30.24
C2 SIA E . -11.03 2.11 30.36
C3 SIA E . -10.20 1.93 29.07
C4 SIA E . -8.70 1.68 29.21
C5 SIA E . -8.29 1.29 30.63
C6 SIA E . -8.87 2.27 31.62
C7 SIA E . -8.38 2.00 33.05
C8 SIA E . -8.66 3.17 34.00
C9 SIA E . -8.43 2.80 35.47
C10 SIA E . -6.26 0.03 30.90
C11 SIA E . -4.76 0.04 30.92
N5 SIA E . -6.84 1.20 30.66
O1A SIA E . -12.48 3.59 29.14
O1B SIA E . -12.06 4.09 31.24
O4 SIA E . -8.34 0.62 28.33
O6 SIA E . -10.29 2.16 31.60
O7 SIA E . -8.99 0.80 33.55
O8 SIA E . -7.83 4.27 33.65
O9 SIA E . -7.10 2.31 35.66
O10 SIA E . -6.89 -0.99 31.11
C1 NAG F . 7.21 -11.35 37.25
C2 NAG F . 6.96 -12.63 38.05
C3 NAG F . 8.28 -13.27 38.47
C4 NAG F . 9.22 -13.43 37.27
C5 NAG F . 9.36 -12.10 36.51
C6 NAG F . 10.14 -12.26 35.21
C7 NAG F . 4.95 -12.90 39.45
C8 NAG F . 4.22 -12.42 40.68
N2 NAG F . 6.12 -12.31 39.20
O3 NAG F . 8.03 -14.56 38.95
O4 NAG F . 10.46 -13.87 37.79
O5 NAG F . 8.10 -11.54 36.19
O6 NAG F . 9.47 -13.15 34.33
O7 NAG F . 4.46 -13.80 38.75
C1 NAG F . 10.99 -15.02 37.10
C2 NAG F . 12.50 -14.97 37.28
C3 NAG F . 13.15 -16.22 36.72
C4 NAG F . 12.58 -17.48 37.34
C5 NAG F . 11.07 -17.43 37.06
C6 NAG F . 10.30 -18.63 37.57
C7 NAG F . 13.66 -12.82 37.20
C8 NAG F . 14.24 -11.75 36.33
N2 NAG F . 13.09 -13.84 36.56
O3 NAG F . 14.54 -16.15 36.91
O4 NAG F . 13.23 -18.55 36.68
O5 NAG F . 10.48 -16.24 37.59
O6 NAG F . 10.01 -18.41 38.94
O7 NAG F . 13.73 -12.74 38.42
C1 BMA F . 13.43 -19.71 37.52
C2 BMA F . 13.16 -21.01 36.77
C3 BMA F . 13.48 -22.27 37.60
C4 BMA F . 14.80 -22.14 38.34
C5 BMA F . 14.89 -20.75 39.01
C6 BMA F . 16.20 -20.54 39.76
O2 BMA F . 13.94 -21.04 35.60
O3 BMA F . 13.46 -23.45 36.81
O4 BMA F . 14.85 -23.14 39.32
O5 BMA F . 14.74 -19.73 38.06
O6 BMA F . 16.19 -19.26 40.35
C1 MAN F . 12.61 -24.44 37.43
C2 MAN F . 12.63 -25.83 36.75
C3 MAN F . 11.73 -25.84 35.50
C4 MAN F . 10.33 -25.34 35.86
C5 MAN F . 10.46 -23.93 36.45
C6 MAN F . 9.13 -23.29 36.85
O2 MAN F . 12.20 -26.80 37.71
O3 MAN F . 11.65 -27.13 34.95
O4 MAN F . 9.48 -25.37 34.73
O5 MAN F . 11.28 -23.98 37.61
O6 MAN F . 9.38 -21.93 37.12
C1 MAN F . 16.20 -19.30 41.79
C2 MAN F . 16.18 -17.86 42.31
C3 MAN F . 17.57 -17.20 42.20
C4 MAN F . 18.69 -18.09 42.74
C5 MAN F . 18.59 -19.48 42.09
C6 MAN F . 19.70 -20.45 42.53
O2 MAN F . 15.73 -17.80 43.65
O3 MAN F . 17.58 -15.95 42.86
O4 MAN F . 19.93 -17.49 42.45
O5 MAN F . 17.30 -20.02 42.35
O6 MAN F . 19.20 -21.49 43.35
C1 NAG G . 4.27 -38.74 6.00
C2 NAG G . 3.65 -37.35 6.20
C3 NAG G . 4.74 -36.26 6.05
C4 NAG G . 6.12 -36.65 6.62
C5 NAG G . 6.42 -38.16 6.72
C6 NAG G . 7.43 -38.44 7.84
C7 NAG G . 1.29 -37.52 5.40
C8 NAG G . 0.33 -37.16 4.30
N2 NAG G . 2.57 -37.11 5.24
O1 NAG G . 3.30 -39.76 6.13
O3 NAG G . 4.25 -34.95 6.52
O4 NAG G . 7.09 -36.08 5.78
O5 NAG G . 5.26 -38.93 6.99
O6 NAG G . 8.70 -37.90 7.51
O7 NAG G . 0.88 -38.15 6.39
C1 GAL G . 4.98 -34.24 7.60
C2 GAL G . 5.80 -33.05 7.03
C3 GAL G . 6.42 -32.15 8.13
C4 GAL G . 5.33 -31.81 9.15
C5 GAL G . 4.65 -33.07 9.69
C6 GAL G . 3.56 -32.68 10.72
O2 GAL G . 6.82 -33.47 6.17
O3 GAL G . 6.96 -30.96 7.58
O4 GAL G . 4.38 -30.97 8.54
O5 GAL G . 4.08 -33.80 8.61
O6 GAL G . 2.91 -33.82 11.23
C1 SIA G . 7.97 -30.12 9.77
C2 SIA G . 8.11 -30.35 8.27
C3 SIA G . 7.68 -29.09 7.50
C4 SIA G . 8.77 -28.42 6.66
C5 SIA G . 9.63 -29.47 5.99
C6 SIA G . 10.35 -30.26 7.08
C7 SIA G . 11.07 -31.44 6.45
C8 SIA G . 12.03 -32.13 7.39
C9 SIA G . 13.07 -32.82 6.54
C10 SIA G . 10.58 -29.25 3.77
C11 SIA G . 11.57 -28.55 2.91
N5 SIA G . 10.54 -28.86 5.05
O1A SIA G . 7.24 -29.19 10.19
O1B SIA G . 8.60 -30.87 10.56
O4 SIA G . 8.20 -27.64 5.62
O6 SIA G . 9.48 -30.78 8.09
O7 SIA G . 10.10 -32.38 5.97
O8 SIA G . 12.71 -31.22 8.28
O9 SIA G . 13.66 -33.84 7.32
O10 SIA G . 9.85 -30.12 3.32
C1 NAG H . 17.24 -33.00 -13.47
C2 NAG H . 17.03 -34.19 -14.41
C3 NAG H . 17.95 -34.12 -15.62
C4 NAG H . 17.86 -32.76 -16.30
C5 NAG H . 18.13 -31.70 -15.22
C6 NAG H . 18.11 -30.28 -15.76
C7 NAG H . 16.18 -36.22 -13.46
C8 NAG H . 16.46 -37.51 -12.77
N2 NAG H . 17.23 -35.45 -13.72
O3 NAG H . 17.62 -35.12 -16.54
O4 NAG H . 18.80 -32.74 -17.34
O5 NAG H . 17.15 -31.81 -14.21
O6 NAG H . 16.79 -29.97 -16.13
O7 NAG H . 15.02 -35.90 -13.74
C1 NAG H . 18.21 -32.40 -18.62
C2 NAG H . 19.35 -31.99 -19.53
C3 NAG H . 18.89 -31.74 -20.96
C4 NAG H . 18.06 -32.87 -21.51
C5 NAG H . 16.93 -33.17 -20.52
C6 NAG H . 16.06 -34.36 -20.94
C7 NAG H . 21.15 -30.65 -18.61
C8 NAG H . 21.61 -29.27 -18.23
N2 NAG H . 19.93 -30.74 -19.09
O3 NAG H . 20.00 -31.43 -21.76
O4 NAG H . 17.56 -32.37 -22.73
O5 NAG H . 17.42 -33.42 -19.21
O6 NAG H . 16.88 -35.45 -21.27
O7 NAG H . 21.88 -31.62 -18.45
C1 BMA H . 17.66 -33.29 -23.84
C2 BMA H . 16.43 -33.11 -24.76
C3 BMA H . 16.49 -34.06 -25.96
C4 BMA H . 17.86 -33.97 -26.65
C5 BMA H . 19.00 -34.09 -25.63
C6 BMA H . 20.38 -33.91 -26.25
O2 BMA H . 16.40 -31.77 -25.18
O3 BMA H . 15.45 -33.75 -26.87
O4 BMA H . 17.94 -34.98 -27.64
O5 BMA H . 18.85 -33.14 -24.59
O6 BMA H . 21.36 -34.44 -25.39
C1 MAN H . 14.69 -34.92 -27.26
C2 MAN H . 13.76 -34.59 -28.45
C3 MAN H . 12.57 -33.76 -27.96
C4 MAN H . 11.89 -34.44 -26.78
C5 MAN H . 12.93 -34.64 -25.66
C6 MAN H . 12.34 -35.32 -24.43
O2 MAN H . 13.30 -35.76 -29.12
O3 MAN H . 11.63 -33.53 -28.98
O4 MAN H . 10.83 -33.62 -26.35
O5 MAN H . 13.98 -35.45 -26.15
O6 MAN H . 13.15 -35.04 -23.32
C1 GAL I . -9.82 -14.06 -31.43
C2 GAL I . -8.88 -13.11 -30.68
C3 GAL I . -7.90 -13.88 -29.78
C4 GAL I . -8.69 -14.84 -28.87
C5 GAL I . -9.79 -15.64 -29.62
C6 GAL I . -10.79 -16.34 -28.69
O1 GAL I . -10.70 -13.31 -32.30
O2 GAL I . -8.17 -12.34 -31.62
O3 GAL I . -7.09 -12.98 -29.01
O4 GAL I . -9.28 -14.15 -27.78
O5 GAL I . -10.55 -14.81 -30.50
O6 GAL I . -10.19 -17.25 -27.78
C1 SIA I . -5.01 -14.34 -29.01
C2 SIA I . -5.64 -12.98 -29.28
C3 SIA I . -5.53 -12.12 -28.00
C4 SIA I . -5.16 -10.63 -28.17
C5 SIA I . -5.42 -10.14 -29.58
C6 SIA I . -4.66 -11.02 -30.57
C7 SIA I . -5.00 -10.57 -31.98
C8 SIA I . -4.11 -11.13 -33.09
C9 SIA I . -4.38 -10.24 -34.31
C10 SIA I . -5.86 -7.75 -29.99
C11 SIA I . -5.27 -6.37 -30.05
N5 SIA I . -5.02 -8.74 -29.68
O1A SIA I . -4.53 -14.99 -29.97
O1B SIA I . -4.98 -14.78 -27.84
O4 SIA I . -5.93 -9.82 -27.31
O6 SIA I . -4.91 -12.42 -30.41
O7 SIA I . -6.37 -10.89 -32.30
O8 SIA I . -2.72 -11.04 -32.74
O9 SIA I . -4.06 -10.98 -35.47
O10 SIA I . -7.05 -7.94 -30.20
C1 NAG J . -11.17 8.86 -36.89
C2 NAG J . -12.45 9.25 -37.62
C3 NAG J . -12.33 10.67 -38.18
C4 NAG J . -11.98 11.65 -37.07
C5 NAG J . -10.74 11.15 -36.31
C6 NAG J . -10.43 11.99 -35.06
C7 NAG J . -13.77 7.41 -38.56
C8 NAG J . -14.05 6.57 -39.77
N2 NAG J . -12.83 8.36 -38.71
O3 NAG J . -13.58 11.04 -38.68
O4 NAG J . -11.77 12.93 -37.64
O5 NAG J . -10.92 9.80 -35.88
O6 NAG J . -11.50 11.95 -34.15
O7 NAG J . -14.38 7.21 -37.50
C1 NAG J . -12.65 13.90 -37.03
C2 NAG J . -12.12 15.28 -37.35
C3 NAG J . -13.04 16.34 -36.76
C4 NAG J . -14.49 16.17 -37.19
C5 NAG J . -14.91 14.73 -36.81
C6 NAG J . -16.36 14.40 -37.18
C7 NAG J . -9.64 15.49 -37.33
C8 NAG J . -8.45 15.74 -36.45
N2 NAG J . -10.83 15.49 -36.71
O3 NAG J . -12.57 17.62 -37.07
O4 NAG J . -15.27 17.14 -36.50
O5 NAG J . -14.03 13.76 -37.39
O6 NAG J . -16.56 14.63 -38.56
O7 NAG J . -9.47 15.28 -38.53
C1 BMA J . -16.21 17.84 -37.34
C2 BMA J . -17.41 18.31 -36.51
C3 BMA J . -18.41 19.09 -37.37
C4 BMA J . -17.69 20.17 -38.20
C5 BMA J . -16.43 19.61 -38.91
C6 BMA J . -15.54 20.65 -39.61
O2 BMA J . -16.96 19.14 -35.45
O3 BMA J . -19.41 19.67 -36.54
O4 BMA J . -18.62 20.66 -39.14
O5 BMA J . -15.62 18.94 -37.97
O6 BMA J . -16.01 20.91 -40.93
C1 MAN J . -20.76 19.24 -36.87
C2 MAN J . -21.84 20.02 -36.05
C3 MAN J . -22.08 19.34 -34.70
C4 MAN J . -22.40 17.87 -34.88
C5 MAN J . -21.21 17.21 -35.59
C6 MAN J . -21.47 15.73 -35.85
O2 MAN J . -23.08 20.10 -36.75
O3 MAN J . -23.14 19.96 -34.01
O4 MAN J . -22.67 17.28 -33.63
O5 MAN J . -20.96 17.84 -36.83
O6 MAN J . -20.28 15.13 -36.31
C1 MAN J . -15.12 20.58 -42.05
C2 MAN J . -14.66 19.13 -42.00
C3 MAN J . -13.60 18.79 -43.06
C4 MAN J . -12.49 19.84 -43.16
C5 MAN J . -12.74 21.01 -42.19
C6 MAN J . -11.76 22.14 -42.44
O2 MAN J . -15.78 18.30 -42.18
O3 MAN J . -14.21 18.63 -44.31
O4 MAN J . -11.24 19.22 -42.91
O5 MAN J . -14.08 21.51 -42.31
O6 MAN J . -12.27 22.95 -43.48
C1 NAG K . -23.53 -14.28 -19.47
C2 NAG K . -24.94 -14.36 -18.89
C3 NAG K . -26.03 -14.84 -19.86
C4 NAG K . -25.81 -14.40 -21.33
C5 NAG K . -24.32 -14.41 -21.72
C6 NAG K . -24.05 -13.74 -23.05
C7 NAG K . -25.19 -14.73 -16.50
C8 NAG K . -25.21 -15.70 -15.35
N2 NAG K . -24.96 -15.22 -17.72
O3 NAG K . -27.24 -14.34 -19.32
O4 NAG K . -26.57 -15.23 -22.18
O5 NAG K . -23.58 -13.68 -20.75
O6 NAG K . -24.64 -12.46 -22.93
O7 NAG K . -25.40 -13.54 -16.30
C1 NAG K . -27.35 -14.52 -23.19
C2 NAG K . -27.77 -15.52 -24.27
C3 NAG K . -29.22 -15.46 -24.82
C4 NAG K . -30.13 -14.42 -24.15
C5 NAG K . -29.29 -13.25 -23.66
C6 NAG K . -30.09 -12.04 -23.18
C7 NAG K . -26.08 -16.39 -25.82
C8 NAG K . -25.18 -16.05 -26.98
N2 NAG K . -26.85 -15.39 -25.38
O3 NAG K . -29.83 -16.74 -24.72
O4 NAG K . -31.12 -14.01 -25.08
O5 NAG K . -28.43 -13.76 -22.65
O6 NAG K . -30.53 -12.22 -21.84
O7 NAG K . -26.08 -17.52 -25.36
C1 NAG L . -21.44 30.37 13.71
C2 NAG L . -22.55 30.44 14.76
C3 NAG L . -22.11 31.28 15.96
C4 NAG L . -20.73 30.84 16.48
C5 NAG L . -19.71 30.63 15.34
C6 NAG L . -18.41 29.94 15.82
C7 NAG L . -24.88 30.25 13.98
C8 NAG L . -26.05 30.97 13.37
N2 NAG L . -23.77 30.98 14.18
O3 NAG L . -23.06 31.16 17.00
O4 NAG L . -20.29 31.83 17.38
O5 NAG L . -20.26 29.86 14.28
O6 NAG L . -18.69 28.70 16.42
O7 NAG L . -24.96 29.05 14.23
C1 NAG L . -20.06 31.30 18.71
C2 NAG L . -19.05 32.16 19.47
C3 NAG L . -18.84 31.56 20.86
C4 NAG L . -20.15 31.37 21.63
C5 NAG L . -21.02 30.47 20.71
C6 NAG L . -22.35 30.01 21.32
C7 NAG L . -17.22 33.20 18.15
C8 NAG L . -15.86 32.99 17.57
N2 NAG L . -17.76 32.17 18.82
O3 NAG L . -17.94 32.35 21.59
O4 NAG L . -19.83 30.76 22.88
O5 NAG L . -21.25 31.11 19.46
O6 NAG L . -23.17 31.13 21.53
O7 NAG L . -17.77 34.29 18.00
C1 BMA L . -20.50 31.33 24.02
C2 BMA L . -20.64 30.27 25.12
C3 BMA L . -21.41 30.83 26.33
C4 BMA L . -20.70 32.11 26.79
C5 BMA L . -20.65 33.08 25.59
C6 BMA L . -20.15 34.51 25.89
O2 BMA L . -19.36 29.84 25.53
O3 BMA L . -21.49 29.85 27.36
O4 BMA L . -21.37 32.63 27.90
O5 BMA L . -19.87 32.47 24.57
O6 BMA L . -21.21 35.45 25.69
C1 MAN L . -22.86 29.52 27.75
C2 MAN L . -22.88 28.53 28.93
C3 MAN L . -22.74 27.09 28.43
C4 MAN L . -23.85 26.80 27.42
C5 MAN L . -23.64 27.75 26.23
C6 MAN L . -24.67 27.50 25.14
O2 MAN L . -24.06 28.67 29.72
O3 MAN L . -22.84 26.17 29.51
O4 MAN L . -23.89 25.43 27.05
O5 MAN L . -23.71 29.11 26.67
O6 MAN L . -24.30 28.18 23.95
C1 MAN L . -20.78 36.80 25.35
C2 MAN L . -20.91 37.04 23.83
C3 MAN L . -19.63 37.61 23.20
C4 MAN L . -19.01 38.73 24.02
C5 MAN L . -18.90 38.40 25.51
C6 MAN L . -19.43 39.54 26.37
O2 MAN L . -22.00 37.90 23.60
O3 MAN L . -19.87 38.10 21.89
O4 MAN L . -17.73 38.99 23.50
O5 MAN L . -19.50 37.14 25.86
O6 MAN L . -19.66 39.09 27.69
C1 NAG M . -33.23 4.04 2.58
C2 NAG M . -33.99 2.90 3.25
C3 NAG M . -35.44 3.24 3.61
C4 NAG M . -35.68 4.71 4.04
C5 NAG M . -34.91 5.65 3.10
C6 NAG M . -35.05 7.12 3.50
C7 NAG M . -33.58 0.54 2.93
C8 NAG M . -33.64 -0.66 2.04
N2 NAG M . -34.01 1.70 2.42
O3 NAG M . -35.76 2.27 4.59
O4 NAG M . -37.06 5.07 4.01
O5 NAG M . -33.54 5.28 3.16
O6 NAG M . -34.66 7.22 4.85
O7 NAG M . -33.14 0.45 4.07
C1 NAG M . -37.51 5.73 5.22
C2 NAG M . -38.91 6.30 4.96
C3 NAG M . -39.77 6.60 6.21
C4 NAG M . -39.47 5.68 7.40
C5 NAG M . -37.96 5.47 7.57
C6 NAG M . -37.63 4.52 8.71
C7 NAG M . -39.03 7.51 2.83
C8 NAG M . -38.83 8.84 2.13
N2 NAG M . -38.77 7.51 4.15
O3 NAG M . -41.12 6.41 5.85
O4 NAG M . -40.07 6.21 8.57
O5 NAG M . -37.46 4.91 6.37
O6 NAG M . -37.86 3.17 8.31
O7 NAG M . -39.40 6.52 2.19
C1 FUC M . -34.29 8.54 5.26
C2 FUC M . -34.06 8.49 6.76
C3 FUC M . -32.95 7.48 7.05
C4 FUC M . -31.65 7.77 6.26
C5 FUC M . -31.85 8.45 4.89
C6 FUC M . -30.75 9.49 4.65
O2 FUC M . -35.26 8.06 7.38
O3 FUC M . -32.69 7.41 8.43
O4 FUC M . -30.76 8.51 7.06
O5 FUC M . -33.12 9.07 4.64
C1 NAG N . -27.44 19.92 39.24
C2 NAG N . -28.62 20.83 39.53
C3 NAG N . -28.76 21.01 41.04
C4 NAG N . -28.54 19.73 41.88
C5 NAG N . -27.82 18.56 41.17
C6 NAG N . -28.48 17.22 41.56
C7 NAG N . -29.22 22.49 37.81
C8 NAG N . -28.92 23.84 37.21
N2 NAG N . -28.46 22.12 38.84
O3 NAG N . -30.06 21.50 41.31
O4 NAG N . -27.79 20.05 43.02
O5 NAG N . -27.77 18.66 39.76
O6 NAG N . -27.79 16.58 42.61
O7 NAG N . -30.13 21.80 37.35
C1 NAG O . -20.39 -14.34 22.80
C2 NAG O . -21.16 -15.59 22.41
C3 NAG O . -21.86 -16.31 23.58
C4 NAG O . -21.13 -16.25 24.93
C5 NAG O . -20.55 -14.85 25.12
C6 NAG O . -19.79 -14.67 26.44
C7 NAG O . -22.17 -15.79 20.18
C8 NAG O . -23.29 -15.38 19.27
N2 NAG O . -22.18 -15.28 21.42
O3 NAG O . -22.10 -17.66 23.18
O4 NAG O . -22.04 -16.52 25.99
O5 NAG O . -19.71 -14.56 24.02
O6 NAG O . -18.39 -14.73 26.24
O7 NAG O . -21.30 -16.57 19.75
C1 NAG P . 21.13 20.04 22.97
C2 NAG P . 21.49 21.52 23.16
C3 NAG P . 22.97 21.80 22.85
C4 NAG P . 23.88 20.83 23.60
C5 NAG P . 23.45 19.40 23.28
C6 NAG P . 24.28 18.37 24.05
C7 NAG P . 19.66 23.10 22.75
C8 NAG P . 18.95 23.91 21.71
N2 NAG P . 20.68 22.36 22.30
O3 NAG P . 23.29 23.13 23.21
O4 NAG P . 25.24 21.06 23.28
O5 NAG P . 22.08 19.19 23.60
O6 NAG P . 24.10 18.58 25.44
O7 NAG P . 19.33 23.14 23.95
C1 NAG Q . -26.98 12.02 29.99
C2 NAG Q . -28.38 12.68 30.08
C3 NAG Q . -29.41 11.73 30.67
C4 NAG Q . -29.45 10.47 29.82
C5 NAG Q . -28.08 9.82 29.97
C6 NAG Q . -27.96 8.41 29.33
C7 NAG Q . -28.29 15.11 30.30
C8 NAG Q . -28.29 16.28 31.25
N2 NAG Q . -28.34 13.90 30.86
O3 NAG Q . -30.69 12.32 30.75
O4 NAG Q . -30.50 9.60 30.19
O5 NAG Q . -27.07 10.69 29.47
O6 NAG Q . -29.02 8.11 28.44
O7 NAG Q . -28.26 15.30 29.10
CA CA R . -12.52 11.26 38.28
C1 NAG S . 10.14 -39.43 32.33
C2 NAG S . 9.31 -39.70 33.58
C3 NAG S . 9.62 -41.09 34.12
C4 NAG S . 9.46 -42.17 33.04
C5 NAG S . 10.12 -41.79 31.70
C6 NAG S . 9.55 -42.62 30.54
C7 NAG S . 8.79 -37.67 34.88
C8 NAG S . 9.23 -36.78 36.00
N2 NAG S . 9.58 -38.72 34.62
O3 NAG S . 8.78 -41.39 35.20
O4 NAG S . 9.98 -43.38 33.56
O5 NAG S . 9.90 -40.43 31.34
O6 NAG S . 9.94 -43.98 30.62
O7 NAG S . 7.75 -37.42 34.25
C1 NAG T . -10.40 -32.06 0.65
C2 NAG T . -11.80 -32.24 0.06
C3 NAG T . -12.26 -33.69 -0.05
C4 NAG T . -11.16 -34.69 -0.45
C5 NAG T . -9.83 -34.33 0.21
C6 NAG T . -8.65 -35.23 -0.23
C7 NAG T . -13.63 -30.68 0.26
C8 NAG T . -14.65 -30.01 1.13
N2 NAG T . -12.80 -31.54 0.85
O3 NAG T . -13.34 -33.66 -0.97
O4 NAG T . -11.57 -35.97 -0.01
O5 NAG T . -9.53 -32.96 -0.01
O6 NAG T . -7.93 -34.56 -1.23
O7 NAG T . -13.58 -30.42 -0.94
C1 NAG U . 36.21 -5.85 3.59
C2 NAG U . 37.41 -5.43 4.47
C3 NAG U . 38.37 -4.49 3.72
C4 NAG U . 38.73 -5.07 2.35
C5 NAG U . 37.41 -5.28 1.58
C6 NAG U . 37.65 -5.78 0.17
C7 NAG U . 36.70 -5.52 6.80
C8 NAG U . 36.25 -4.74 8.01
N2 NAG U . 36.97 -4.82 5.70
O3 NAG U . 39.53 -4.23 4.48
O4 NAG U . 39.64 -4.24 1.67
O5 NAG U . 36.61 -6.22 2.27
O6 NAG U . 38.11 -7.13 0.24
O7 NAG U . 36.80 -6.74 6.86
C1 NAG V . 1.92 -33.41 25.40
C2 NAG V . 1.52 -33.58 26.87
C3 NAG V . 0.59 -34.78 27.06
C4 NAG V . -0.61 -34.62 26.11
C5 NAG V . -0.15 -34.47 24.66
C6 NAG V . -1.32 -34.18 23.71
C7 NAG V . 2.75 -33.16 28.94
C8 NAG V . 4.04 -33.33 29.69
N2 NAG V . 2.71 -33.67 27.71
O3 NAG V . 0.16 -34.87 28.41
O4 NAG V . -1.50 -35.72 26.24
O5 NAG V . 0.80 -33.42 24.52
O6 NAG V . -2.27 -35.21 23.76
O7 NAG V . 1.80 -32.59 29.46
CA CA W . 15.75 -34.75 16.52
C1 NAG X . 24.30 9.30 -26.45
C2 NAG X . 25.79 9.07 -26.81
C3 NAG X . 26.62 10.35 -26.70
C4 NAG X . 25.95 11.50 -27.45
C5 NAG X . 24.51 11.63 -26.95
C6 NAG X . 23.76 12.78 -27.61
C7 NAG X . 26.42 6.73 -26.42
C8 NAG X . 27.08 5.76 -25.49
N2 NAG X . 26.38 8.01 -26.03
O3 NAG X . 27.92 10.15 -27.20
O4 NAG X . 26.70 12.69 -27.25
O5 NAG X . 23.79 10.43 -27.14
O6 NAG X . 23.37 13.68 -26.59
O7 NAG X . 25.94 6.35 -27.49
C1 NAG Y . -3.71 -30.93 -28.13
C2 NAG Y . -3.58 -32.44 -27.88
C3 NAG Y . -4.82 -33.22 -28.32
C4 NAG Y . -6.11 -32.57 -27.81
C5 NAG Y . -6.10 -31.10 -28.25
C6 NAG Y . -7.40 -30.34 -27.97
C7 NAG Y . -1.40 -33.56 -28.01
C8 NAG Y . -0.27 -33.99 -28.91
N2 NAG Y . -2.42 -32.93 -28.60
O3 NAG Y . -4.74 -34.55 -27.86
O4 NAG Y . -7.24 -33.27 -28.28
O5 NAG Y . -4.97 -30.43 -27.69
O6 NAG Y . -7.87 -30.52 -26.65
O7 NAG Y . -1.34 -33.78 -26.81
CA CA Z . 1.36 -18.67 -37.44
CA CA AA . -15.77 -9.81 1.11
C1 SIA BA . -24.89 19.11 -8.61
C2 SIA BA . -24.84 19.40 -7.11
C3 SIA BA . -23.67 18.63 -6.47
C4 SIA BA . -22.84 19.35 -5.39
C5 SIA BA . -23.45 20.66 -4.95
C6 SIA BA . -23.82 21.51 -6.14
C7 SIA BA . -24.48 22.83 -5.72
C8 SIA BA . -24.69 23.71 -6.94
C9 SIA BA . -25.69 24.84 -6.69
C10 SIA BA . -22.82 21.42 -2.75
C11 SIA BA . -21.81 22.14 -1.91
N5 SIA BA . -22.54 21.33 -4.05
O1A SIA BA . -25.20 20.02 -9.41
O1B SIA BA . -24.64 17.95 -9.01
O2 SIA BA . -25.74 18.50 -6.39
O4 SIA BA . -22.75 18.53 -4.21
O6 SIA BA . -24.74 20.84 -7.00
O7 SIA BA . -25.73 22.59 -5.09
O8 SIA BA . -23.44 24.24 -7.39
O9 SIA BA . -25.40 25.55 -5.47
O10 SIA BA . -23.84 20.96 -2.26
C1 NAG CA . -34.48 23.35 -30.82
C2 NAG CA . -35.02 22.48 -31.97
C3 NAG CA . -36.20 23.16 -32.66
C4 NAG CA . -37.26 23.62 -31.66
C5 NAG CA . -36.70 24.25 -30.37
C6 NAG CA . -37.76 24.19 -29.27
C7 NAG CA . -33.49 20.97 -33.11
C8 NAG CA . -32.37 20.83 -34.10
N2 NAG CA . -33.94 22.20 -32.91
O3 NAG CA . -36.79 22.29 -33.59
O4 NAG CA . -38.13 24.51 -32.31
O5 NAG CA . -35.54 23.59 -29.89
O6 NAG CA . -37.64 25.29 -28.38
O7 NAG CA . -33.96 19.97 -32.54
C1 NAG DA . -32.15 14.82 -24.62
C2 NAG DA . -31.97 14.69 -26.14
C3 NAG DA . -33.34 14.89 -26.78
C4 NAG DA . -34.23 13.74 -26.31
C5 NAG DA . -34.28 13.72 -24.78
C6 NAG DA . -35.07 12.50 -24.27
C7 NAG DA . -30.10 15.09 -27.65
C8 NAG DA . -29.11 16.05 -28.25
N2 NAG DA . -30.98 15.56 -26.75
O3 NAG DA . -33.25 14.94 -28.21
O4 NAG DA . -35.52 13.85 -26.90
O5 NAG DA . -32.97 13.75 -24.18
O6 NAG DA . -35.87 12.88 -23.17
O7 NAG DA . -30.07 13.90 -28.02
CA CA EA . -26.76 27.64 -15.72
#